data_7NKR
#
_entry.id   7NKR
#
_cell.length_a   1.00
_cell.length_b   1.00
_cell.length_c   1.00
_cell.angle_alpha   90.00
_cell.angle_beta   90.00
_cell.angle_gamma   90.00
#
_symmetry.space_group_name_H-M   'P 1'
#
loop_
_entity.id
_entity.type
_entity.pdbx_description
1 polymer 'Polymerase acidic protein'
2 polymer 'RNA-directed RNA polymerase catalytic subunit'
3 polymer 'Polymerase basic protein 2,Polymerase basic protein 2'
4 polymer "RNA (5'-R(P*GP*GP*CP*CP*UP*GP*CP*U)-3')"
5 polymer "RNA (5'-R(P*AP*GP*UP*AP*GP*AP*AP*AP*CP*AP*AP*GP*GP*CP*C)-3')"
6 polymer Nb8210
#
loop_
_entity_poly.entity_id
_entity_poly.type
_entity_poly.pdbx_seq_one_letter_code
_entity_poly.pdbx_strand_id
1 'polypeptide(L)'
;MEDFVRQCFNPMIVELAEKAMKEYGEDLKIETNKFAAICTHLEVCFMYSDFHFINERGESIIVESGDPNALLKHRFEIIE
GRDRTMAWTVVNSICNTTGAEKPKFLPDLYDYKENRFIEIGVTRREVHIYYLEKANKIKSEKTHIHIFSFTGEEMATKAD
YTLDEESRARIKTRLFTIRQEMASRGLWDSFRQSERGEETIEERFEITGTMRRLADQSLPPNFSSLENFRAYVDGFEPNG
YIEGKLSQMSKEVNARIEPFLKTTPRPLRLPDGPPCSQRSKFLLMDALKLSIEDPSHEGEGIPLYDAIKCMRTFFGWKEP
NVVKPHEKGINPNYLLAWKQVLAELQDIENEEKIPKTKNMKKTSQLKWALGENMAPEKVDFDDCKDVSDLKQYDSDEPEL
RSLASWIQSEFNKACELTDSSWIELDEIGEDVAPIEHIASMRRNYFTAEVSHCRATEYIMKGVYINTALLNASCAAMDDF
QLIPMISKCRTKEGRRKTNLYGFIIKGRSHLRNDTDVVNFVSMEFSLTDPRLEPHKWEKYCVLEIGDMLLRSAIGQVSRP
MFLYVRTNGTSKIKMKWGMEMRRCLLQSLQQIESMIEAESSVKEKDMTKEFFENKSETWPIGESPKGVEEGSIGKVCRTL
LAKSVFNSLYASPQLEGFSAESRKLLLIVQALRDNLEPGTFDLGGLYEAIEECLINDPWVLLNASWFNSFLTHALR
;
A
2 'polypeptide(L)'
;MDVNPTLLFLKVPAQNAISTTFPYTGDPPYSHGTGTGYTMDTVNRTHQYSEKGRWTTNTETGAPQLNPIDGPLPEDNEPS
GYAQTDCVLEAMAFLEESHPGIFENSCLETMEVVQQTRVDKLTQGRQTYDWTLNRNQPAATALANTIEVFRSNGLTANES
GRLIDFLKDVMESMDKEEMEITTHFQRKRRVRDNMTKKMVTQRTIGKKKQRLNKRSYLIRALTLNTMTKDAERGKLKRRA
IATPGMQIRGFVYFVETLARSICEKLEQSGLPVGGNEKKAKLANVVRKMMTNSQDTELSFTITGDNTKWNENQNPRMFLA
MITYITRNQPEWFRNVLSIAPIMFSNKMARLGKGYMFESKSMKLRTQIPAEMLASIDLKYFNDSTRKKIEKIRPLLIDGT
ASLSPGMMMGMFNMLSTVLGVSILNLGQKRYTKTTYWWDGLQSSDDFALIVNAPNHEGIQAGVDRFYRTCKLLGINMSKK
KSYINRTGTFEFTSFFYRYGFVANFSMELPSFGVSGINESADMSIGVTVIKNNMINNDLGPATAQMALQLFIKDYRYTYR
CHRGDTQIQTRRSFEIKKLWEQTRSKAGLLVSDGGPNLYNIRNLHIPEVCLKWELMDEDYQGRLCNPLNPFVSHKEIESV
NNAVMMPAHGPAKNMEYDAVATTHSWIPKRNRSILNTSQRGILEDEQMYQKCCNLFEKFFPSSSYRRPVGISSMVEAMVS
RARIDARIDFESGRIKKEEFAEIMKICSTIEELRRQK
;
B
3 'polypeptide(L)'
;MERIKELRDLMSQSRTREILTKTTVDHMAIIKKYTSGRQEKNPALRMKWMMAMKYPITADKRIMEMIPERNEQGQTLWSK
TNDAGSDRVMVSPLAVTWWNRNGPTTSAVHYPKIYKTYFEKVERLKHGTFGPVHFRNQVKIRRRVDINPGHADLSAKEAQ
DVIMEVVFPNEVGARILTSESQLTITKEKKEELQDCKISPLMVAYMLERELVRKTRFLPVAGGTSSVYIEVLHLTQGTCW
EQMYTPGGEVRNDDVDQSLIIAARNIVRRATVSADPLASLLEMCHSTQIGGIRMVDILRQNPTEEQAVDICKAAMGLRIS
SSFSFGGFTFKRTSGSSVKREEEVLTGNLQTLKIRVHEGYEEFTMVGRRATAILRKATRRLIQLIVSGRDEQSIAEAIIV
AMVFSQEDCMIKAVRGDLNFVNRANQRLNPMHQLLRHFQKDAKVLFQNWGIEPIDNVMGMIGILPDMTPSTEMSMRGVRV
SKMGVDEYSSTERVVVSIDRFLRVRDQRGNVLLSPEEVSETQGTEKLTITYSSSMMWEVNGPESVLVNTYQWIIRNWETV
KIQWSQNPTMLYNKMEFEPFQSLVPKAARGQYSGFVRTLFQQMRDVLGTFDTVQIIKLLPFAAAPPKQSRMQFSSLTVNV
RGSGMRILVRGNSPVFNYNKATKRLTVLGKDAGALTEDPDEGTAGVESAVLRGFLILGKEDRRYGPALSINELSNLAKGE
KANVLIGQGDVVLVMKRKRDSSILTDSQTATKRIRMAINENLYFQGELKTAALAQHDEAVDNKFNKEQQNAFYEILHLPN
LNEEQRNAFIQSLKDDPSQSANLLAEAKKLNDAQAPKVDNKFNKEQQNAFYEILHLPNLNEEQRNAFIQSLKADPSQSAN
LLAEAKKLNGAQAPKVDANSAGKST
;
C
4 'polyribonucleotide' GGCCUGCUUUUGCUAUU E
5 'polyribonucleotide' AGUAGAAACAAGGCC D
6 'polypeptide(L)'
;QVQLQESGGGLVQAGESLRLSCAASGGTLIYYGMGWFRQAPGKEREFVASISQAGGDIYAMDFVKGRFTISRDNSKNTLY
LQLNTLKPEDTAVYYCAAATSPYASRKLYDYKYWGQGTQVTVSSHHHHHHEPEA
;
F
#
# COMPACT_ATOMS: atom_id res chain seq x y z
N MET A 1 -2.75 -48.34 32.18
CA MET A 1 -1.89 -49.01 31.17
C MET A 1 -0.60 -48.21 30.95
N GLU A 2 -0.71 -46.89 31.08
CA GLU A 2 0.45 -46.02 30.92
C GLU A 2 1.55 -46.31 31.93
N ASP A 3 1.21 -46.96 33.05
CA ASP A 3 2.25 -47.31 34.02
C ASP A 3 3.30 -48.21 33.38
N PHE A 4 2.89 -49.04 32.43
CA PHE A 4 3.86 -49.90 31.74
C PHE A 4 4.93 -49.10 31.00
N VAL A 5 4.51 -48.04 30.29
CA VAL A 5 5.49 -47.21 29.59
C VAL A 5 6.23 -46.28 30.54
N ARG A 6 5.66 -45.99 31.72
CA ARG A 6 6.44 -45.38 32.79
C ARG A 6 7.58 -46.29 33.21
N GLN A 7 7.29 -47.58 33.38
CA GLN A 7 8.24 -48.51 33.98
C GLN A 7 9.33 -48.93 33.00
N CYS A 8 8.94 -49.61 31.92
CA CYS A 8 9.91 -50.39 31.16
C CYS A 8 10.78 -49.53 30.23
N PHE A 9 10.16 -48.86 29.28
CA PHE A 9 10.90 -48.29 28.17
C PHE A 9 11.75 -47.10 28.61
N ASN A 10 12.84 -46.88 27.88
CA ASN A 10 13.79 -45.82 28.19
C ASN A 10 13.19 -44.46 27.89
N PRO A 11 13.75 -43.39 28.46
CA PRO A 11 13.22 -42.05 28.17
C PRO A 11 13.19 -41.73 26.68
N MET A 12 14.33 -41.84 26.00
CA MET A 12 14.43 -41.50 24.59
C MET A 12 13.18 -41.92 23.82
N ILE A 13 12.80 -43.21 23.93
CA ILE A 13 11.67 -43.69 23.16
C ILE A 13 10.37 -43.08 23.64
N VAL A 14 10.20 -42.87 24.95
CA VAL A 14 8.91 -42.38 25.43
C VAL A 14 8.68 -40.95 24.97
N GLU A 15 9.71 -40.10 25.00
CA GLU A 15 9.48 -38.76 24.47
C GLU A 15 9.40 -38.73 22.95
N LEU A 16 10.10 -39.64 22.25
CA LEU A 16 9.89 -39.73 20.82
C LEU A 16 8.43 -40.07 20.51
N ALA A 17 7.88 -41.04 21.24
CA ALA A 17 6.49 -41.42 21.04
C ALA A 17 5.53 -40.31 21.48
N GLU A 18 5.91 -39.53 22.50
CA GLU A 18 5.06 -38.41 22.90
C GLU A 18 5.03 -37.32 21.84
N LYS A 19 6.16 -37.03 21.20
CA LYS A 19 6.12 -36.08 20.10
C LYS A 19 5.38 -36.63 18.88
N ALA A 20 5.50 -37.93 18.60
CA ALA A 20 4.68 -38.52 17.56
C ALA A 20 3.20 -38.45 17.93
N MET A 21 2.91 -38.50 19.23
CA MET A 21 1.53 -38.35 19.71
C MET A 21 1.02 -36.95 19.40
N LYS A 22 1.83 -35.94 19.73
CA LYS A 22 1.47 -34.55 19.42
C LYS A 22 1.38 -34.31 17.91
N GLU A 23 2.09 -35.10 17.11
CA GLU A 23 2.13 -34.90 15.67
C GLU A 23 0.73 -34.76 15.06
N TYR A 24 -0.10 -35.79 15.21
CA TYR A 24 -1.41 -35.81 14.57
C TYR A 24 -2.51 -35.23 15.46
N GLY A 25 -2.17 -34.72 16.64
CA GLY A 25 -3.08 -33.85 17.38
C GLY A 25 -4.13 -34.53 18.21
N GLU A 26 -4.01 -35.83 18.49
CA GLU A 26 -4.96 -36.49 19.38
C GLU A 26 -4.36 -36.62 20.77
N ASP A 27 -5.23 -36.69 21.77
CA ASP A 27 -4.82 -36.65 23.16
C ASP A 27 -4.58 -38.06 23.70
N LEU A 28 -3.57 -38.17 24.58
CA LEU A 28 -3.13 -39.46 25.08
C LEU A 28 -4.01 -40.02 26.18
N LYS A 29 -4.82 -39.18 26.84
CA LYS A 29 -5.60 -39.66 27.97
C LYS A 29 -6.80 -40.50 27.53
N ILE A 30 -7.29 -40.28 26.30
CA ILE A 30 -8.47 -41.01 25.84
C ILE A 30 -8.13 -42.42 25.38
N GLU A 31 -7.05 -42.60 24.64
CA GLU A 31 -6.67 -43.93 24.14
C GLU A 31 -5.15 -44.02 24.17
N THR A 32 -4.63 -44.86 25.07
CA THR A 32 -3.19 -45.01 25.26
C THR A 32 -2.62 -46.27 24.64
N ASN A 33 -3.45 -47.27 24.34
CA ASN A 33 -2.92 -48.50 23.76
C ASN A 33 -2.20 -48.23 22.45
N LYS A 34 -2.64 -47.22 21.69
CA LYS A 34 -1.92 -46.84 20.48
C LYS A 34 -0.51 -46.38 20.83
N PHE A 35 -0.38 -45.61 21.91
CA PHE A 35 0.93 -45.14 22.34
C PHE A 35 1.86 -46.32 22.59
N ALA A 36 1.39 -47.31 23.36
CA ALA A 36 2.21 -48.47 23.65
C ALA A 36 2.55 -49.26 22.39
N ALA A 37 1.56 -49.49 21.53
CA ALA A 37 1.79 -50.29 20.33
C ALA A 37 2.83 -49.63 19.42
N ILE A 38 2.66 -48.33 19.14
CA ILE A 38 3.60 -47.67 18.25
C ILE A 38 4.94 -47.43 18.91
N CYS A 39 5.01 -47.31 20.25
CA CYS A 39 6.31 -47.20 20.89
C CYS A 39 7.05 -48.52 20.84
N THR A 40 6.32 -49.65 20.94
CA THR A 40 6.97 -50.94 20.72
C THR A 40 7.42 -51.10 19.28
N HIS A 41 6.63 -50.62 18.33
CA HIS A 41 7.07 -50.60 16.93
C HIS A 41 8.37 -49.81 16.80
N LEU A 42 8.42 -48.63 17.41
CA LEU A 42 9.62 -47.80 17.36
C LEU A 42 10.80 -48.47 18.05
N GLU A 43 10.54 -49.17 19.15
CA GLU A 43 11.60 -49.89 19.86
C GLU A 43 12.18 -51.00 19.00
N VAL A 44 11.31 -51.78 18.34
CA VAL A 44 11.84 -52.82 17.47
C VAL A 44 12.61 -52.20 16.32
N CYS A 45 12.15 -51.04 15.84
CA CYS A 45 12.90 -50.33 14.81
C CYS A 45 14.32 -50.02 15.28
N PHE A 46 14.45 -49.40 16.45
CA PHE A 46 15.79 -49.14 16.98
C PHE A 46 16.59 -50.44 17.11
N MET A 47 16.06 -51.37 17.92
CA MET A 47 16.83 -52.54 18.29
C MET A 47 17.22 -53.37 17.08
N TYR A 48 16.46 -53.22 15.98
CA TYR A 48 16.75 -53.87 14.71
C TYR A 48 17.80 -53.10 13.92
N SER A 49 17.81 -51.77 14.07
CA SER A 49 18.75 -50.94 13.32
C SER A 49 20.10 -50.83 14.03
N ASP A 50 20.09 -50.52 15.32
CA ASP A 50 21.33 -50.33 16.05
C ASP A 50 22.08 -51.66 16.16
N PHE A 51 23.31 -51.57 16.68
CA PHE A 51 24.16 -52.75 16.87
C PHE A 51 24.50 -53.39 15.54
N HIS A 52 24.23 -52.71 14.43
CA HIS A 52 24.45 -53.24 13.09
C HIS A 52 25.19 -52.21 12.27
N PHE A 53 26.45 -52.47 11.99
CA PHE A 53 27.33 -51.55 11.27
C PHE A 53 27.86 -52.22 10.01
N ILE A 54 28.39 -51.41 9.10
CA ILE A 54 28.99 -51.89 7.87
C ILE A 54 30.33 -51.18 7.66
N ASN A 55 31.23 -51.87 6.99
CA ASN A 55 32.49 -51.31 6.51
C ASN A 55 32.48 -51.30 4.99
N GLU A 56 33.62 -50.93 4.39
CA GLU A 56 33.69 -50.77 2.94
C GLU A 56 33.18 -51.99 2.18
N ARG A 57 33.15 -53.17 2.81
CA ARG A 57 32.57 -54.35 2.19
C ARG A 57 31.04 -54.30 2.35
N GLY A 58 30.39 -55.43 2.05
CA GLY A 58 29.03 -55.65 2.44
C GLY A 58 29.02 -56.24 3.84
N GLU A 59 28.40 -57.42 4.00
CA GLU A 59 28.66 -58.30 5.13
C GLU A 59 28.81 -57.51 6.44
N SER A 60 27.73 -56.85 6.82
CA SER A 60 27.73 -55.91 7.94
C SER A 60 28.58 -56.40 9.11
N ILE A 61 29.36 -55.48 9.66
CA ILE A 61 30.09 -55.75 10.91
C ILE A 61 29.15 -55.49 12.08
N ILE A 62 28.99 -56.48 12.93
CA ILE A 62 28.09 -56.40 14.08
C ILE A 62 28.93 -56.33 15.34
N VAL A 63 28.80 -55.23 16.07
CA VAL A 63 29.53 -55.00 17.31
C VAL A 63 28.54 -54.60 18.39
N GLU A 64 28.67 -55.21 19.57
CA GLU A 64 27.79 -54.88 20.69
C GLU A 64 27.96 -53.44 21.14
N SER A 65 29.11 -52.83 20.89
CA SER A 65 29.35 -51.44 21.26
C SER A 65 30.29 -50.82 20.24
N GLY A 66 29.87 -49.70 19.65
CA GLY A 66 30.69 -49.03 18.67
C GLY A 66 31.99 -48.51 19.24
N ASP A 67 33.11 -49.03 18.75
CA ASP A 67 34.41 -48.60 19.23
C ASP A 67 34.80 -47.25 18.62
N PRO A 68 35.68 -46.50 19.28
CA PRO A 68 36.10 -45.21 18.73
C PRO A 68 36.84 -45.38 17.42
N ASN A 69 36.23 -44.87 16.34
CA ASN A 69 36.82 -45.00 15.02
C ASN A 69 35.96 -44.26 13.99
N ALA A 70 36.48 -44.15 12.76
CA ALA A 70 35.66 -43.69 11.65
C ALA A 70 34.69 -44.76 11.17
N LEU A 71 34.82 -45.99 11.68
CA LEU A 71 34.01 -47.12 11.24
C LEU A 71 32.78 -47.28 12.14
N LEU A 72 31.91 -46.26 12.08
CA LEU A 72 30.67 -46.25 12.84
C LEU A 72 29.44 -46.23 11.93
N LYS A 73 29.60 -46.60 10.67
CA LYS A 73 28.47 -46.68 9.74
C LYS A 73 27.41 -47.61 10.29
N HIS A 74 26.14 -47.23 10.11
CA HIS A 74 25.00 -48.01 10.57
C HIS A 74 24.44 -48.82 9.41
N ARG A 75 24.20 -50.11 9.66
CA ARG A 75 23.67 -50.97 8.60
C ARG A 75 22.31 -50.48 8.13
N PHE A 76 21.37 -50.29 9.05
CA PHE A 76 20.03 -49.83 8.73
C PHE A 76 19.86 -48.43 9.32
N GLU A 77 19.41 -47.50 8.48
CA GLU A 77 19.23 -46.11 8.90
C GLU A 77 17.74 -45.82 8.97
N ILE A 78 17.31 -45.22 10.09
CA ILE A 78 15.91 -45.22 10.47
C ILE A 78 15.15 -44.13 9.73
N ILE A 79 13.90 -44.42 9.38
CA ILE A 79 13.01 -43.47 8.74
C ILE A 79 12.11 -42.84 9.79
N GLU A 80 11.37 -43.67 10.51
CA GLU A 80 10.43 -43.19 11.51
C GLU A 80 11.22 -42.65 12.70
N GLY A 81 10.52 -42.16 13.72
CA GLY A 81 11.16 -41.40 14.76
C GLY A 81 11.43 -39.96 14.36
N ARG A 82 10.79 -39.51 13.29
CA ARG A 82 10.98 -38.17 12.75
C ARG A 82 9.63 -37.61 12.37
N ASP A 83 9.59 -36.31 12.10
CA ASP A 83 8.35 -35.69 11.67
C ASP A 83 8.03 -36.08 10.23
N ARG A 84 6.77 -35.91 9.84
CA ARG A 84 6.36 -36.28 8.50
C ARG A 84 7.16 -35.51 7.46
N THR A 85 7.40 -34.22 7.69
CA THR A 85 8.19 -33.43 6.75
C THR A 85 9.58 -34.02 6.58
N MET A 86 10.24 -34.37 7.68
CA MET A 86 11.58 -34.95 7.55
C MET A 86 11.53 -36.38 7.05
N ALA A 87 10.50 -37.16 7.40
CA ALA A 87 10.40 -38.51 6.87
C ALA A 87 10.32 -38.48 5.35
N TRP A 88 9.54 -37.55 4.81
CA TRP A 88 9.44 -37.41 3.37
C TRP A 88 10.70 -36.77 2.79
N THR A 89 11.39 -35.93 3.57
CA THR A 89 12.68 -35.43 3.14
C THR A 89 13.67 -36.57 2.93
N VAL A 90 13.77 -37.47 3.90
CA VAL A 90 14.67 -38.62 3.77
C VAL A 90 14.22 -39.52 2.63
N VAL A 91 12.91 -39.73 2.48
CA VAL A 91 12.42 -40.55 1.39
C VAL A 91 12.89 -39.98 0.05
N ASN A 92 12.65 -38.69 -0.17
CA ASN A 92 13.00 -38.08 -1.44
C ASN A 92 14.51 -38.07 -1.64
N SER A 93 15.28 -37.79 -0.60
CA SER A 93 16.73 -37.76 -0.73
C SER A 93 17.27 -39.14 -1.11
N ILE A 94 16.76 -40.19 -0.46
CA ILE A 94 17.20 -41.54 -0.78
C ILE A 94 16.84 -41.90 -2.22
N CYS A 95 15.62 -41.54 -2.64
CA CYS A 95 15.20 -41.84 -4.00
C CYS A 95 16.10 -41.13 -5.02
N ASN A 96 16.43 -39.86 -4.75
CA ASN A 96 17.23 -39.09 -5.69
C ASN A 96 18.71 -39.50 -5.68
N THR A 97 19.21 -40.04 -4.58
CA THR A 97 20.60 -40.47 -4.53
C THR A 97 20.77 -41.95 -4.87
N THR A 98 19.82 -42.79 -4.44
CA THR A 98 19.90 -44.21 -4.72
C THR A 98 19.29 -44.59 -6.06
N GLY A 99 18.58 -43.68 -6.72
CA GLY A 99 17.97 -43.98 -7.99
C GLY A 99 16.86 -45.01 -7.87
N ALA A 100 16.34 -45.19 -6.65
CA ALA A 100 15.29 -46.16 -6.40
C ALA A 100 13.92 -45.53 -6.64
N GLU A 101 12.87 -46.30 -6.39
CA GLU A 101 11.51 -45.84 -6.58
C GLU A 101 10.97 -45.25 -5.29
N LYS A 102 10.13 -44.22 -5.42
CA LYS A 102 9.60 -43.52 -4.26
C LYS A 102 8.34 -44.21 -3.75
N PRO A 103 8.31 -44.73 -2.53
CA PRO A 103 7.06 -45.28 -1.99
C PRO A 103 6.07 -44.18 -1.65
N LYS A 104 4.80 -44.57 -1.60
CA LYS A 104 3.72 -43.63 -1.33
C LYS A 104 3.41 -43.50 0.16
N PHE A 105 3.86 -44.45 0.98
CA PHE A 105 3.66 -44.44 2.42
C PHE A 105 5.01 -44.41 3.13
N LEU A 106 4.97 -44.37 4.45
CA LEU A 106 6.17 -44.18 5.26
C LEU A 106 6.90 -45.51 5.44
N PRO A 107 8.16 -45.63 4.99
CA PRO A 107 8.95 -46.79 5.37
C PRO A 107 9.55 -46.64 6.76
N ASP A 108 10.37 -47.59 7.20
CA ASP A 108 10.94 -47.56 8.53
C ASP A 108 12.46 -47.55 8.55
N LEU A 109 13.12 -48.06 7.51
CA LEU A 109 14.56 -48.24 7.53
C LEU A 109 15.06 -48.28 6.09
N TYR A 110 16.35 -47.99 5.92
CA TYR A 110 17.01 -48.18 4.63
C TYR A 110 18.30 -48.97 4.82
N ASP A 111 18.61 -49.81 3.83
CA ASP A 111 19.79 -50.66 3.84
C ASP A 111 20.55 -50.54 2.52
N TYR A 112 21.88 -50.71 2.62
CA TYR A 112 22.78 -50.54 1.48
C TYR A 112 22.92 -51.81 0.66
N LYS A 113 23.27 -52.93 1.29
CA LYS A 113 23.50 -54.19 0.59
C LYS A 113 22.48 -54.38 -0.52
N GLU A 114 21.21 -54.35 -0.12
CA GLU A 114 20.08 -54.51 -1.02
C GLU A 114 19.50 -53.18 -1.47
N ASN A 115 20.08 -52.07 -1.02
CA ASN A 115 19.75 -50.72 -1.50
C ASN A 115 18.24 -50.51 -1.54
N ARG A 116 17.60 -50.64 -0.37
CA ARG A 116 16.15 -50.49 -0.36
C ARG A 116 15.62 -50.35 1.06
N PHE A 117 14.31 -50.17 1.13
CA PHE A 117 13.59 -49.82 2.35
C PHE A 117 13.09 -51.06 3.09
N ILE A 118 12.81 -50.87 4.38
CA ILE A 118 12.20 -51.87 5.24
C ILE A 118 11.07 -51.19 5.99
N GLU A 119 9.87 -51.78 5.94
CA GLU A 119 8.71 -51.27 6.67
C GLU A 119 8.37 -52.29 7.75
N ILE A 120 8.94 -52.09 8.94
CA ILE A 120 8.76 -53.03 10.03
C ILE A 120 7.44 -52.74 10.73
N GLY A 121 6.62 -53.77 10.89
CA GLY A 121 5.42 -53.66 11.69
C GLY A 121 5.14 -54.94 12.44
N VAL A 122 5.05 -54.85 13.77
CA VAL A 122 4.76 -56.00 14.62
C VAL A 122 3.37 -55.77 15.18
N THR A 123 2.40 -56.54 14.69
CA THR A 123 1.01 -56.41 15.10
C THR A 123 0.62 -57.55 16.03
N ARG A 124 -0.47 -57.34 16.75
CA ARG A 124 -0.98 -58.36 17.66
C ARG A 124 -1.40 -59.60 16.90
N ARG A 125 -2.08 -59.42 15.77
CA ARG A 125 -2.54 -60.54 14.97
C ARG A 125 -1.36 -61.27 14.35
N GLU A 126 -1.60 -62.49 13.88
CA GLU A 126 -0.54 -63.29 13.29
C GLU A 126 -0.05 -62.65 11.98
N VAL A 127 1.18 -62.99 11.63
CA VAL A 127 1.88 -62.29 10.54
C VAL A 127 1.21 -62.56 9.19
N HIS A 128 0.87 -63.82 8.93
CA HIS A 128 0.52 -64.24 7.57
C HIS A 128 -0.74 -63.58 7.02
N ILE A 129 -1.37 -62.69 7.78
CA ILE A 129 -2.46 -61.86 7.28
C ILE A 129 -2.07 -60.39 7.22
N TYR A 130 -1.47 -59.89 8.30
CA TYR A 130 -1.02 -58.50 8.35
C TYR A 130 -0.03 -58.19 7.24
N TYR A 131 0.82 -59.16 6.90
CA TYR A 131 1.83 -58.96 5.86
C TYR A 131 1.16 -58.58 4.55
N LEU A 132 0.33 -59.47 4.01
CA LEU A 132 -0.35 -59.17 2.75
C LEU A 132 -1.34 -58.02 2.89
N GLU A 133 -1.86 -57.76 4.09
CA GLU A 133 -2.70 -56.57 4.27
C GLU A 133 -1.90 -55.31 3.94
N LYS A 134 -0.81 -55.06 4.68
CA LYS A 134 0.00 -53.90 4.37
C LYS A 134 0.58 -53.96 2.97
N ALA A 135 0.76 -55.17 2.42
CA ALA A 135 1.25 -55.28 1.05
C ALA A 135 0.24 -54.74 0.05
N ASN A 136 -1.05 -55.05 0.24
CA ASN A 136 -2.05 -54.52 -0.68
C ASN A 136 -2.37 -53.07 -0.37
N LYS A 137 -2.01 -52.59 0.82
CA LYS A 137 -2.04 -51.14 1.06
C LYS A 137 -1.00 -50.41 0.23
N ILE A 138 0.16 -51.03 -0.02
CA ILE A 138 1.26 -50.41 -0.73
C ILE A 138 1.26 -50.95 -2.16
N LYS A 139 1.32 -50.04 -3.14
CA LYS A 139 1.11 -50.40 -4.53
C LYS A 139 2.42 -50.79 -5.20
N SER A 140 2.46 -52.00 -5.77
CA SER A 140 3.58 -52.44 -6.60
C SER A 140 4.91 -52.09 -5.95
N GLU A 141 5.18 -52.67 -4.78
CA GLU A 141 6.30 -52.25 -3.95
C GLU A 141 7.47 -53.21 -4.13
N LYS A 142 8.65 -52.64 -4.34
CA LYS A 142 9.90 -53.39 -4.31
C LYS A 142 10.59 -53.35 -2.96
N THR A 143 10.28 -52.35 -2.14
CA THR A 143 10.72 -52.37 -0.75
C THR A 143 10.28 -53.66 -0.08
N HIS A 144 11.25 -54.40 0.45
CA HIS A 144 10.96 -55.63 1.15
C HIS A 144 10.27 -55.34 2.47
N ILE A 145 9.30 -56.19 2.82
CA ILE A 145 8.50 -56.02 4.03
C ILE A 145 8.79 -57.21 4.94
N HIS A 146 8.91 -56.95 6.24
CA HIS A 146 9.16 -57.99 7.22
C HIS A 146 8.42 -57.64 8.50
N ILE A 147 7.65 -58.60 9.03
CA ILE A 147 6.82 -58.38 10.21
C ILE A 147 6.97 -59.56 11.17
N PHE A 148 6.93 -59.26 12.47
CA PHE A 148 6.81 -60.27 13.52
C PHE A 148 5.42 -60.20 14.14
N SER A 149 5.12 -61.20 14.97
CA SER A 149 3.90 -61.22 15.75
C SER A 149 4.18 -61.97 17.05
N PHE A 150 3.33 -61.72 18.05
CA PHE A 150 3.67 -62.10 19.43
C PHE A 150 3.93 -63.59 19.58
N THR A 151 3.29 -64.43 18.76
CA THR A 151 3.47 -65.87 18.93
C THR A 151 4.92 -66.28 18.71
N GLY A 152 5.70 -65.44 18.02
CA GLY A 152 7.12 -65.70 17.84
C GLY A 152 7.51 -66.01 16.41
N GLU A 153 6.54 -65.98 15.50
CA GLU A 153 6.77 -66.36 14.13
C GLU A 153 7.28 -65.17 13.30
N GLU A 154 8.07 -65.48 12.28
CA GLU A 154 8.57 -64.50 11.33
C GLU A 154 8.19 -64.95 9.91
N MET A 155 8.13 -63.97 9.01
CA MET A 155 7.85 -64.28 7.61
C MET A 155 8.37 -63.14 6.74
N ALA A 156 8.48 -63.43 5.45
CA ALA A 156 8.84 -62.40 4.48
C ALA A 156 8.75 -62.95 3.07
N THR A 157 8.51 -62.08 2.08
CA THR A 157 8.54 -62.49 0.69
C THR A 157 9.98 -62.75 0.28
N LYS A 158 10.15 -63.46 -0.84
CA LYS A 158 11.45 -63.93 -1.31
C LYS A 158 12.11 -64.88 -0.31
N ALA A 159 11.40 -65.28 0.74
CA ALA A 159 12.01 -66.00 1.86
C ALA A 159 13.23 -65.26 2.39
N ASP A 160 13.22 -63.93 2.25
CA ASP A 160 14.40 -63.12 2.53
C ASP A 160 14.37 -62.62 3.97
N TYR A 161 15.48 -62.83 4.68
CA TYR A 161 15.69 -62.27 6.00
C TYR A 161 17.06 -61.63 5.99
N THR A 162 17.12 -60.32 6.22
CA THR A 162 18.22 -59.51 5.71
C THR A 162 19.46 -59.50 6.61
N LEU A 163 19.41 -60.04 7.82
CA LEU A 163 20.60 -60.00 8.67
C LEU A 163 20.59 -61.21 9.61
N ASP A 164 21.48 -61.18 10.60
CA ASP A 164 21.73 -62.30 11.50
C ASP A 164 20.46 -62.82 12.15
N GLU A 165 20.42 -64.13 12.45
CA GLU A 165 19.28 -64.73 13.12
C GLU A 165 19.31 -64.55 14.63
N GLU A 166 20.49 -64.36 15.23
CA GLU A 166 20.53 -64.08 16.65
C GLU A 166 19.85 -62.75 16.97
N SER A 167 19.93 -61.79 16.04
CA SER A 167 19.18 -60.55 16.21
C SER A 167 17.68 -60.82 16.24
N ARG A 168 17.20 -61.73 15.37
CA ARG A 168 15.78 -62.04 15.36
C ARG A 168 15.36 -62.81 16.61
N ALA A 169 16.24 -63.66 17.13
CA ALA A 169 15.99 -64.27 18.44
C ALA A 169 15.86 -63.20 19.50
N ARG A 170 16.72 -62.19 19.43
CA ARG A 170 16.60 -61.01 20.27
C ARG A 170 15.21 -60.38 20.14
N ILE A 171 14.77 -60.19 18.90
CA ILE A 171 13.48 -59.54 18.65
C ILE A 171 12.36 -60.32 19.32
N LYS A 172 12.32 -61.64 19.09
CA LYS A 172 11.22 -62.42 19.63
C LYS A 172 11.33 -62.63 21.14
N THR A 173 12.53 -62.62 21.70
CA THR A 173 12.68 -62.62 23.15
C THR A 173 12.10 -61.33 23.74
N ARG A 174 12.39 -60.20 23.10
CA ARG A 174 11.82 -58.91 23.49
C ARG A 174 10.30 -59.01 23.40
N LEU A 175 9.84 -59.66 22.33
CA LEU A 175 8.41 -59.78 22.05
C LEU A 175 7.69 -60.54 23.15
N PHE A 176 8.17 -61.73 23.49
CA PHE A 176 7.56 -62.50 24.55
C PHE A 176 7.80 -61.89 25.93
N THR A 177 8.88 -61.13 26.13
CA THR A 177 9.00 -60.35 27.35
C THR A 177 7.81 -59.39 27.46
N ILE A 178 7.51 -58.68 26.38
CA ILE A 178 6.35 -57.81 26.36
C ILE A 178 5.09 -58.61 26.71
N ARG A 179 4.92 -59.75 26.04
CA ARG A 179 3.71 -60.54 26.18
C ARG A 179 3.51 -61.01 27.62
N GLN A 180 4.42 -61.85 28.12
CA GLN A 180 4.26 -62.33 29.48
C GLN A 180 4.68 -61.31 30.53
N GLU A 181 4.84 -60.04 30.16
CA GLU A 181 4.80 -59.00 31.19
C GLU A 181 3.40 -58.39 31.27
N MET A 182 2.75 -58.15 30.13
CA MET A 182 1.32 -57.82 30.23
C MET A 182 0.59 -58.94 30.94
N ALA A 183 1.11 -60.17 30.84
CA ALA A 183 0.52 -61.28 31.59
C ALA A 183 0.41 -60.92 33.07
N SER A 184 1.48 -60.37 33.64
CA SER A 184 1.40 -59.80 34.97
C SER A 184 0.48 -58.59 35.02
N ARG A 185 0.37 -57.82 33.93
CA ARG A 185 -0.50 -56.65 33.94
C ARG A 185 -1.94 -57.03 33.62
N GLY A 186 -2.19 -57.67 32.47
CA GLY A 186 -3.51 -58.16 32.13
C GLY A 186 -4.32 -57.30 31.19
N LEU A 187 -3.77 -56.97 30.01
CA LEU A 187 -4.37 -55.98 29.12
C LEU A 187 -5.09 -56.54 27.90
N TRP A 188 -5.05 -57.85 27.65
CA TRP A 188 -5.56 -58.36 26.38
C TRP A 188 -7.08 -58.26 26.23
N ASP A 189 -7.80 -57.80 27.25
CA ASP A 189 -9.22 -57.53 27.06
C ASP A 189 -9.43 -56.49 25.96
N SER A 190 -8.40 -55.69 25.67
CA SER A 190 -8.45 -54.72 24.59
C SER A 190 -7.17 -54.65 23.76
N PHE A 191 -6.09 -55.32 24.19
CA PHE A 191 -4.79 -55.13 23.55
C PHE A 191 -4.82 -55.56 22.09
N ARG A 192 -5.45 -56.70 21.80
CA ARG A 192 -5.53 -57.17 20.42
C ARG A 192 -6.27 -56.18 19.54
N GLN A 193 -7.38 -55.65 20.03
CA GLN A 193 -8.23 -54.72 19.27
C GLN A 193 -8.53 -53.52 20.17
N SER A 194 -7.72 -52.46 20.03
CA SER A 194 -7.92 -51.22 20.77
C SER A 194 -7.98 -49.99 19.88
N GLU A 195 -7.46 -50.06 18.65
CA GLU A 195 -7.51 -48.94 17.71
C GLU A 195 -8.30 -49.38 16.48
N ARG A 196 -9.22 -48.51 16.04
CA ARG A 196 -10.06 -48.79 14.89
C ARG A 196 -9.99 -47.71 13.83
N GLY A 197 -9.10 -46.73 13.99
CA GLY A 197 -8.96 -45.69 13.00
C GLY A 197 -9.98 -44.59 13.13
N GLU A 198 -10.02 -43.94 14.29
CA GLU A 198 -10.94 -42.82 14.51
C GLU A 198 -10.23 -41.51 14.19
N GLU A 199 -10.85 -40.71 13.30
CA GLU A 199 -10.36 -39.38 12.98
C GLU A 199 -11.56 -38.45 12.86
N THR A 200 -11.76 -37.62 13.88
CA THR A 200 -12.85 -36.67 13.90
C THR A 200 -12.57 -35.63 14.96
N ILE A 201 -13.00 -34.39 14.69
CA ILE A 201 -12.80 -33.29 15.62
C ILE A 201 -13.78 -32.18 15.24
N GLU A 202 -14.23 -31.44 16.24
CA GLU A 202 -15.12 -30.30 16.05
C GLU A 202 -14.42 -29.04 16.51
N GLU A 203 -14.41 -28.02 15.65
CA GLU A 203 -13.75 -26.77 15.99
C GLU A 203 -14.61 -25.98 16.97
N ARG A 204 -13.98 -25.49 18.04
CA ARG A 204 -14.69 -24.83 19.12
C ARG A 204 -14.11 -23.44 19.31
N PHE A 205 -14.93 -22.41 19.08
CA PHE A 205 -14.55 -21.01 19.26
C PHE A 205 -15.60 -20.39 20.16
N GLU A 206 -15.37 -20.48 21.47
CA GLU A 206 -16.36 -20.12 22.47
C GLU A 206 -16.07 -18.74 23.03
N ILE A 207 -17.10 -17.88 23.02
CA ILE A 207 -17.00 -16.57 23.66
C ILE A 207 -17.39 -16.74 25.13
N THR A 208 -16.46 -16.38 26.02
CA THR A 208 -16.70 -16.54 27.45
C THR A 208 -15.81 -15.56 28.20
N GLY A 209 -16.12 -15.38 29.48
CA GLY A 209 -15.34 -14.47 30.30
C GLY A 209 -15.58 -13.02 29.91
N THR A 210 -14.54 -12.20 30.09
CA THR A 210 -14.66 -10.78 29.84
C THR A 210 -15.17 -10.51 28.42
N MET A 211 -14.63 -11.23 27.44
CA MET A 211 -15.02 -10.99 26.06
C MET A 211 -16.50 -11.21 25.83
N ARG A 212 -17.14 -12.05 26.65
CA ARG A 212 -18.59 -12.20 26.53
C ARG A 212 -19.31 -10.95 27.03
N ARG A 213 -18.87 -10.38 28.15
CA ARG A 213 -19.51 -9.17 28.66
C ARG A 213 -19.40 -8.03 27.66
N LEU A 214 -18.24 -7.88 27.02
CA LEU A 214 -18.11 -6.89 25.96
C LEU A 214 -19.15 -7.12 24.87
N ALA A 215 -19.42 -8.37 24.54
CA ALA A 215 -20.44 -8.66 23.54
C ALA A 215 -21.82 -8.23 24.02
N ASP A 216 -22.06 -8.28 25.34
CA ASP A 216 -23.33 -7.83 25.88
C ASP A 216 -23.48 -6.31 25.91
N GLN A 217 -22.39 -5.57 25.67
CA GLN A 217 -22.41 -4.13 25.67
C GLN A 217 -22.20 -3.54 24.27
N SER A 218 -22.37 -4.36 23.23
CA SER A 218 -22.20 -3.94 21.85
C SER A 218 -23.46 -4.28 21.04
N LEU A 219 -24.61 -4.13 21.66
CA LEU A 219 -25.91 -4.42 21.06
C LEU A 219 -26.73 -3.15 20.94
N PRO A 220 -27.84 -3.21 20.20
CA PRO A 220 -28.75 -2.06 20.15
C PRO A 220 -29.21 -1.67 21.55
N PRO A 221 -29.82 -0.48 21.70
CA PRO A 221 -30.07 0.02 23.06
C PRO A 221 -30.95 -0.88 23.90
N ASN A 222 -31.93 -1.55 23.30
CA ASN A 222 -32.94 -2.31 24.05
C ASN A 222 -32.68 -3.82 23.98
N PHE A 223 -31.42 -4.24 24.01
CA PHE A 223 -31.07 -5.65 24.07
C PHE A 223 -30.15 -5.89 25.26
N SER A 224 -30.25 -7.08 25.85
CA SER A 224 -29.55 -7.39 27.08
C SER A 224 -28.42 -8.41 26.92
N SER A 225 -28.45 -9.25 25.90
CA SER A 225 -27.44 -10.28 25.75
C SER A 225 -27.28 -10.61 24.27
N LEU A 226 -26.08 -11.07 23.90
CA LEU A 226 -25.84 -11.48 22.52
C LEU A 226 -26.72 -12.65 22.13
N GLU A 227 -27.01 -13.55 23.08
CA GLU A 227 -27.92 -14.65 22.79
C GLU A 227 -29.29 -14.13 22.34
N ASN A 228 -29.85 -13.19 23.10
CA ASN A 228 -31.17 -12.67 22.77
C ASN A 228 -31.15 -11.93 21.43
N PHE A 229 -30.11 -11.14 21.18
CA PHE A 229 -30.05 -10.40 19.93
C PHE A 229 -29.92 -11.35 18.74
N ARG A 230 -29.10 -12.39 18.86
CA ARG A 230 -28.98 -13.35 17.77
C ARG A 230 -30.29 -14.10 17.56
N ALA A 231 -30.99 -14.45 18.64
CA ALA A 231 -32.29 -15.09 18.49
C ALA A 231 -33.26 -14.17 17.76
N TYR A 232 -33.28 -12.89 18.13
CA TYR A 232 -34.14 -11.93 17.45
C TYR A 232 -33.79 -11.81 15.97
N VAL A 233 -32.49 -11.76 15.65
CA VAL A 233 -32.08 -11.65 14.26
C VAL A 233 -32.53 -12.88 13.48
N ASP A 234 -32.31 -14.07 14.05
CA ASP A 234 -32.73 -15.30 13.38
C ASP A 234 -34.24 -15.33 13.17
N GLY A 235 -35.00 -14.83 14.13
CA GLY A 235 -36.45 -14.76 14.01
C GLY A 235 -36.95 -13.56 13.24
N PHE A 236 -36.08 -12.65 12.83
CA PHE A 236 -36.50 -11.46 12.12
C PHE A 236 -36.80 -11.78 10.66
N GLU A 237 -37.89 -11.19 10.15
CA GLU A 237 -38.25 -11.29 8.75
C GLU A 237 -38.78 -9.93 8.29
N PRO A 238 -38.59 -9.59 7.02
CA PRO A 238 -39.03 -8.27 6.56
C PRO A 238 -40.55 -8.15 6.59
N ASN A 239 -41.03 -7.10 7.25
CA ASN A 239 -42.46 -6.83 7.36
C ASN A 239 -42.74 -5.35 7.15
N GLY A 240 -42.10 -4.76 6.15
CA GLY A 240 -42.32 -3.37 5.82
C GLY A 240 -42.02 -2.43 6.96
N TYR A 241 -40.77 -2.43 7.42
CA TYR A 241 -40.33 -1.53 8.48
C TYR A 241 -39.68 -0.26 7.95
N ILE A 242 -39.03 -0.32 6.79
CA ILE A 242 -38.47 0.90 6.20
C ILE A 242 -39.59 1.85 5.82
N GLU A 243 -40.71 1.34 5.30
CA GLU A 243 -41.81 2.20 4.91
C GLU A 243 -42.40 2.93 6.10
N GLY A 244 -42.55 2.24 7.23
CA GLY A 244 -43.13 2.87 8.40
C GLY A 244 -42.30 4.05 8.88
N LYS A 245 -40.98 3.85 9.00
CA LYS A 245 -40.12 4.93 9.45
C LYS A 245 -40.00 6.04 8.41
N LEU A 246 -40.03 5.68 7.12
CA LEU A 246 -40.02 6.70 6.08
C LEU A 246 -41.27 7.58 6.19
N SER A 247 -42.43 6.97 6.44
CA SER A 247 -43.65 7.76 6.64
C SER A 247 -43.57 8.59 7.91
N GLN A 248 -43.03 8.02 8.99
CA GLN A 248 -42.96 8.74 10.26
C GLN A 248 -41.87 9.80 10.27
N MET A 249 -40.80 9.60 9.49
CA MET A 249 -39.70 10.55 9.49
C MET A 249 -40.17 11.91 8.99
N SER A 250 -39.61 12.97 9.58
CA SER A 250 -40.01 14.31 9.22
C SER A 250 -39.72 14.58 7.74
N LYS A 251 -40.62 15.32 7.11
CA LYS A 251 -40.50 15.61 5.68
C LYS A 251 -39.44 16.66 5.39
N GLU A 252 -38.95 17.38 6.40
CA GLU A 252 -37.86 18.32 6.19
C GLU A 252 -36.56 17.63 5.79
N VAL A 253 -36.47 16.32 5.98
CA VAL A 253 -35.32 15.54 5.52
C VAL A 253 -35.54 15.24 4.05
N ASN A 254 -35.00 16.09 3.17
CA ASN A 254 -35.22 15.96 1.75
C ASN A 254 -33.94 16.32 1.01
N ALA A 255 -33.92 15.99 -0.27
CA ALA A 255 -32.80 16.27 -1.16
C ALA A 255 -33.29 17.04 -2.38
N ARG A 256 -34.07 18.09 -2.14
CA ARG A 256 -34.68 18.85 -3.23
C ARG A 256 -33.62 19.37 -4.18
N ILE A 257 -33.92 19.28 -5.47
CA ILE A 257 -32.99 19.67 -6.52
C ILE A 257 -33.24 21.13 -6.88
N GLU A 258 -32.21 21.96 -6.76
CA GLU A 258 -32.31 23.36 -7.15
C GLU A 258 -31.85 23.49 -8.61
N PRO A 259 -32.71 23.95 -9.52
CA PRO A 259 -32.28 24.08 -10.92
C PRO A 259 -31.08 25.01 -11.04
N PHE A 260 -30.19 24.65 -11.96
CA PHE A 260 -28.98 25.43 -12.25
C PHE A 260 -29.14 26.07 -13.62
N LEU A 261 -29.32 27.39 -13.63
CA LEU A 261 -29.56 28.15 -14.85
C LEU A 261 -28.40 29.10 -15.12
N LYS A 262 -28.51 29.84 -16.22
CA LYS A 262 -27.45 30.79 -16.58
C LYS A 262 -27.31 31.88 -15.51
N THR A 263 -28.40 32.31 -14.90
CA THR A 263 -28.39 33.38 -13.93
C THR A 263 -28.08 32.90 -12.51
N THR A 264 -27.91 31.60 -12.31
CA THR A 264 -27.69 31.06 -10.98
C THR A 264 -26.27 31.30 -10.49
N PRO A 265 -25.24 30.88 -11.23
CA PRO A 265 -23.88 31.00 -10.71
C PRO A 265 -23.44 32.45 -10.57
N ARG A 266 -22.85 32.77 -9.43
CA ARG A 266 -22.32 34.09 -9.13
C ARG A 266 -20.80 34.06 -9.15
N PRO A 267 -20.15 35.20 -9.46
CA PRO A 267 -18.69 35.21 -9.50
C PRO A 267 -18.09 34.89 -8.13
N LEU A 268 -16.98 34.16 -8.14
CA LEU A 268 -16.29 33.84 -6.91
C LEU A 268 -15.68 35.08 -6.29
N ARG A 269 -15.91 35.27 -4.99
CA ARG A 269 -15.36 36.43 -4.30
C ARG A 269 -13.90 36.20 -3.96
N LEU A 270 -13.09 37.23 -4.20
CA LEU A 270 -11.67 37.13 -3.88
C LEU A 270 -11.38 37.84 -2.56
N PRO A 271 -10.42 37.35 -1.78
CA PRO A 271 -10.10 38.01 -0.51
C PRO A 271 -9.52 39.40 -0.73
N ASP A 272 -9.73 40.27 0.26
CA ASP A 272 -9.25 41.63 0.23
C ASP A 272 -8.21 41.83 1.31
N GLY A 273 -7.19 42.63 0.99
CA GLY A 273 -6.11 42.89 1.91
C GLY A 273 -4.91 43.48 1.19
N PRO A 274 -3.74 43.45 1.83
CA PRO A 274 -2.55 43.96 1.19
C PRO A 274 -2.23 43.16 -0.07
N PRO A 275 -1.63 43.80 -1.07
CA PRO A 275 -1.38 43.08 -2.33
C PRO A 275 -0.54 41.82 -2.11
N CYS A 276 -0.63 40.92 -3.07
CA CYS A 276 0.09 39.66 -2.99
C CYS A 276 1.55 39.85 -3.38
N SER A 277 2.44 39.13 -2.70
CA SER A 277 3.88 39.25 -2.88
C SER A 277 4.41 38.10 -3.71
N GLN A 278 5.71 38.17 -4.00
CA GLN A 278 6.37 37.14 -4.79
C GLN A 278 6.84 36.01 -3.89
N ARG A 279 6.62 34.77 -4.33
CA ARG A 279 6.98 33.59 -3.56
C ARG A 279 8.00 32.69 -4.23
N SER A 280 8.32 32.93 -5.51
CA SER A 280 9.22 32.04 -6.24
C SER A 280 10.59 32.01 -5.59
N LYS A 281 11.35 30.93 -5.85
CA LYS A 281 12.71 30.79 -5.34
C LYS A 281 13.73 31.48 -6.23
N PHE A 282 13.31 32.06 -7.35
CA PHE A 282 14.22 32.78 -8.23
C PHE A 282 13.39 33.73 -9.08
N LEU A 283 14.06 34.74 -9.64
CA LEU A 283 13.40 35.67 -10.53
C LEU A 283 12.99 34.97 -11.82
N LEU A 284 11.77 35.24 -12.27
CA LEU A 284 11.23 34.63 -13.49
C LEU A 284 11.15 35.64 -14.63
N MET A 285 10.49 36.76 -14.41
CA MET A 285 10.31 37.77 -15.46
C MET A 285 11.41 38.81 -15.49
N ASP A 286 12.15 38.98 -14.40
CA ASP A 286 13.13 40.05 -14.27
C ASP A 286 14.57 39.51 -14.22
N ALA A 287 14.78 38.32 -14.77
CA ALA A 287 16.12 37.73 -14.75
C ALA A 287 17.01 38.38 -15.80
N LEU A 288 18.32 38.36 -15.53
CA LEU A 288 19.32 38.84 -16.46
C LEU A 288 20.40 37.78 -16.62
N LYS A 289 21.00 37.72 -17.79
CA LYS A 289 21.90 36.65 -18.17
C LYS A 289 23.25 37.22 -18.58
N LEU A 290 24.32 36.76 -17.93
CA LEU A 290 25.69 37.02 -18.34
C LEU A 290 26.24 35.77 -19.00
N SER A 291 26.82 35.92 -20.19
CA SER A 291 27.11 34.79 -21.05
C SER A 291 28.56 34.79 -21.51
N ILE A 292 29.00 33.62 -21.99
CA ILE A 292 30.36 33.43 -22.47
C ILE A 292 30.43 32.89 -23.88
N GLU A 293 29.38 32.21 -24.37
CA GLU A 293 29.37 31.63 -25.72
C GLU A 293 30.34 30.46 -25.82
N ASP A 294 30.37 29.61 -24.80
CA ASP A 294 31.22 28.44 -24.78
C ASP A 294 30.55 27.28 -25.47
N PRO A 295 31.31 26.26 -25.87
CA PRO A 295 30.73 25.08 -26.53
C PRO A 295 30.30 23.95 -25.61
N SER A 296 30.34 24.15 -24.29
CA SER A 296 30.02 23.08 -23.36
C SER A 296 28.52 22.83 -23.31
N HIS A 297 28.16 21.60 -22.91
CA HIS A 297 26.77 21.20 -22.78
C HIS A 297 26.26 21.48 -21.38
N GLU A 298 24.97 21.20 -21.15
CA GLU A 298 24.32 21.57 -19.91
C GLU A 298 25.10 21.12 -18.69
N GLY A 299 25.27 19.81 -18.51
CA GLY A 299 26.00 19.30 -17.37
C GLY A 299 27.49 19.42 -17.50
N GLU A 300 27.99 19.54 -18.73
CA GLU A 300 29.43 19.61 -18.97
C GLU A 300 29.98 20.92 -18.43
N GLY A 301 31.10 20.84 -17.74
CA GLY A 301 31.81 22.01 -17.24
C GLY A 301 31.90 22.00 -15.73
N ILE A 302 32.54 23.03 -15.21
CA ILE A 302 32.72 23.25 -13.77
C ILE A 302 31.99 24.54 -13.40
N PRO A 303 31.18 24.54 -12.35
CA PRO A 303 30.32 25.72 -12.11
C PRO A 303 31.09 27.01 -11.82
N LEU A 304 32.02 26.98 -10.87
CA LEU A 304 32.62 28.22 -10.39
C LEU A 304 33.39 28.93 -11.50
N TYR A 305 34.17 28.18 -12.28
CA TYR A 305 34.95 28.81 -13.35
C TYR A 305 34.03 29.43 -14.39
N ASP A 306 32.96 28.73 -14.76
CA ASP A 306 32.01 29.27 -15.71
C ASP A 306 31.37 30.54 -15.18
N ALA A 307 30.99 30.55 -13.91
CA ALA A 307 30.37 31.74 -13.32
C ALA A 307 31.34 32.91 -13.33
N ILE A 308 32.59 32.67 -12.93
CA ILE A 308 33.57 33.76 -12.90
C ILE A 308 33.84 34.28 -14.32
N LYS A 309 33.95 33.38 -15.29
CA LYS A 309 34.19 33.80 -16.67
C LYS A 309 33.02 34.61 -17.20
N CYS A 310 31.79 34.19 -16.89
CA CYS A 310 30.63 34.95 -17.31
C CYS A 310 30.61 36.33 -16.67
N MET A 311 30.95 36.41 -15.38
CA MET A 311 30.89 37.70 -14.69
C MET A 311 31.98 38.64 -15.17
N ARG A 312 33.16 38.11 -15.53
CA ARG A 312 34.20 38.96 -16.09
C ARG A 312 33.83 39.52 -17.46
N THR A 313 32.83 38.94 -18.12
CA THR A 313 32.39 39.45 -19.42
C THR A 313 31.66 40.79 -19.31
N PHE A 314 31.28 41.20 -18.11
CA PHE A 314 30.54 42.43 -17.89
C PHE A 314 31.47 43.46 -17.25
N PHE A 315 31.44 44.69 -17.77
CA PHE A 315 32.23 45.79 -17.24
C PHE A 315 31.30 46.94 -16.87
N GLY A 316 31.62 47.62 -15.77
CA GLY A 316 30.80 48.71 -15.28
C GLY A 316 30.41 48.53 -13.82
N TRP A 317 31.13 47.67 -13.11
CA TRP A 317 30.85 47.44 -11.70
C TRP A 317 30.98 48.72 -10.91
N LYS A 318 30.04 48.93 -9.98
CA LYS A 318 30.06 50.05 -9.07
C LYS A 318 29.99 49.54 -7.64
N GLU A 319 30.42 50.37 -6.71
CA GLU A 319 30.31 50.01 -5.31
C GLU A 319 28.83 49.85 -4.95
N PRO A 320 28.42 48.71 -4.43
CA PRO A 320 26.98 48.49 -4.21
C PRO A 320 26.43 49.38 -3.10
N ASN A 321 25.17 49.77 -3.27
CA ASN A 321 24.48 50.58 -2.28
C ASN A 321 23.01 50.17 -2.23
N VAL A 322 22.37 50.50 -1.11
CA VAL A 322 20.98 50.11 -0.90
C VAL A 322 20.06 50.93 -1.79
N VAL A 323 19.13 50.26 -2.45
CA VAL A 323 18.12 50.93 -3.27
C VAL A 323 16.76 50.71 -2.62
N LYS A 324 16.37 49.46 -2.43
CA LYS A 324 15.10 49.13 -1.78
C LYS A 324 15.38 48.19 -0.61
N PRO A 325 15.10 48.58 0.63
CA PRO A 325 15.42 47.72 1.77
C PRO A 325 14.45 46.55 1.89
N HIS A 326 14.88 45.56 2.68
CA HIS A 326 14.02 44.40 2.94
C HIS A 326 12.76 44.79 3.70
N GLU A 327 12.81 45.87 4.47
CA GLU A 327 11.74 46.42 5.29
C GLU A 327 11.53 45.60 6.57
N LYS A 328 12.20 44.45 6.71
CA LYS A 328 12.12 43.67 7.94
C LYS A 328 13.45 43.12 8.41
N GLY A 329 14.49 43.11 7.57
CA GLY A 329 15.78 42.58 7.93
C GLY A 329 16.83 43.67 8.07
N ILE A 330 18.09 43.26 7.96
CA ILE A 330 19.23 44.15 8.10
C ILE A 330 19.91 44.19 6.73
N ASN A 331 19.56 45.18 5.93
CA ASN A 331 20.11 45.28 4.58
C ASN A 331 21.63 45.36 4.55
N PRO A 332 22.29 46.06 5.47
CA PRO A 332 23.76 46.05 5.45
C PRO A 332 24.34 44.65 5.46
N ASN A 333 23.67 43.69 6.11
CA ASN A 333 24.13 42.31 6.04
C ASN A 333 24.10 41.78 4.61
N TYR A 334 23.04 42.09 3.86
CA TYR A 334 22.97 41.68 2.46
C TYR A 334 24.08 42.33 1.65
N LEU A 335 24.32 43.62 1.87
CA LEU A 335 25.40 44.32 1.17
C LEU A 335 26.74 43.66 1.44
N LEU A 336 27.03 43.40 2.71
CA LEU A 336 28.30 42.79 3.07
C LEU A 336 28.41 41.38 2.52
N ALA A 337 27.29 40.65 2.47
CA ALA A 337 27.31 39.31 1.89
C ALA A 337 27.64 39.37 0.41
N TRP A 338 27.07 40.32 -0.31
CA TRP A 338 27.38 40.46 -1.74
C TRP A 338 28.87 40.77 -1.94
N LYS A 339 29.40 41.71 -1.17
CA LYS A 339 30.82 42.04 -1.31
C LYS A 339 31.70 40.85 -0.92
N GLN A 340 31.29 40.08 0.10
CA GLN A 340 32.02 38.89 0.48
C GLN A 340 32.03 37.87 -0.65
N VAL A 341 30.89 37.67 -1.30
CA VAL A 341 30.81 36.74 -2.41
C VAL A 341 31.77 37.16 -3.51
N LEU A 342 31.77 38.46 -3.85
CA LEU A 342 32.69 38.95 -4.88
C LEU A 342 34.14 38.71 -4.48
N ALA A 343 34.49 39.02 -3.24
CA ALA A 343 35.86 38.87 -2.78
C ALA A 343 36.31 37.41 -2.85
N GLU A 344 35.46 36.50 -2.41
CA GLU A 344 35.86 35.09 -2.43
C GLU A 344 35.87 34.53 -3.84
N LEU A 345 35.02 35.06 -4.73
CA LEU A 345 35.11 34.69 -6.13
C LEU A 345 36.47 35.07 -6.71
N GLN A 346 36.93 36.28 -6.40
CA GLN A 346 38.28 36.67 -6.82
C GLN A 346 39.33 35.75 -6.19
N ASP A 347 39.15 35.43 -4.91
CA ASP A 347 40.10 34.54 -4.23
C ASP A 347 40.23 33.20 -4.96
N ILE A 348 39.11 32.67 -5.44
CA ILE A 348 39.18 31.45 -6.26
C ILE A 348 39.87 31.73 -7.58
N GLU A 349 39.56 32.88 -8.19
CA GLU A 349 40.18 33.18 -9.48
C GLU A 349 41.70 33.19 -9.37
N ASN A 350 42.24 33.60 -8.23
CA ASN A 350 43.70 33.73 -8.12
C ASN A 350 44.39 32.36 -8.12
N GLU A 351 43.85 31.40 -7.36
CA GLU A 351 44.57 30.17 -7.08
C GLU A 351 44.65 29.27 -8.32
N GLU A 352 45.28 28.10 -8.13
CA GLU A 352 45.71 27.26 -9.23
C GLU A 352 44.56 26.73 -10.09
N LYS A 353 43.70 25.90 -9.52
CA LYS A 353 42.58 25.31 -10.25
C LYS A 353 41.28 25.57 -9.49
N ILE A 354 40.28 26.03 -10.22
CA ILE A 354 39.00 26.41 -9.64
C ILE A 354 38.41 25.18 -8.95
N PRO A 355 38.09 25.23 -7.66
CA PRO A 355 37.49 24.06 -7.02
C PRO A 355 36.12 23.76 -7.61
N LYS A 356 35.76 22.47 -7.63
CA LYS A 356 34.47 22.07 -8.15
C LYS A 356 33.34 22.64 -7.30
N THR A 357 33.52 22.65 -5.97
CA THR A 357 32.55 23.22 -5.05
C THR A 357 33.29 24.00 -3.97
N LYS A 358 32.81 25.19 -3.67
CA LYS A 358 33.46 26.06 -2.69
C LYS A 358 32.61 26.20 -1.44
N ASN A 359 33.28 26.24 -0.29
CA ASN A 359 32.67 26.57 0.98
C ASN A 359 33.04 28.00 1.38
N MET A 360 32.06 28.71 1.94
CA MET A 360 32.26 30.09 2.37
C MET A 360 32.45 30.17 3.87
N LYS A 361 33.00 31.29 4.31
CA LYS A 361 33.19 31.55 5.73
C LYS A 361 31.87 31.84 6.42
N LYS A 362 31.76 31.43 7.68
CA LYS A 362 30.54 31.61 8.45
C LYS A 362 30.64 32.89 9.28
N THR A 363 30.50 34.01 8.58
CA THR A 363 30.50 35.31 9.24
C THR A 363 29.12 35.61 9.84
N SER A 364 29.09 36.58 10.76
CA SER A 364 27.82 36.97 11.37
C SER A 364 26.82 37.38 10.31
N GLN A 365 27.29 37.95 9.20
CA GLN A 365 26.39 38.40 8.14
C GLN A 365 25.50 37.26 7.66
N LEU A 366 26.12 36.18 7.18
CA LEU A 366 25.36 35.04 6.70
C LEU A 366 24.81 34.19 7.84
N LYS A 367 25.36 34.33 9.04
CA LYS A 367 24.74 33.69 10.20
C LYS A 367 23.34 34.24 10.42
N TRP A 368 23.18 35.57 10.30
CA TRP A 368 21.85 36.16 10.38
C TRP A 368 21.04 35.88 9.12
N ALA A 369 21.66 36.03 7.94
CA ALA A 369 20.92 35.85 6.70
C ALA A 369 20.42 34.42 6.52
N LEU A 370 21.15 33.44 7.03
CA LEU A 370 20.78 32.04 6.91
C LEU A 370 20.03 31.50 8.13
N GLY A 371 19.75 32.36 9.11
CA GLY A 371 19.03 31.92 10.29
C GLY A 371 19.73 30.81 11.02
N GLU A 372 20.87 31.11 11.63
CA GLU A 372 21.67 30.13 12.34
C GLU A 372 21.56 30.36 13.85
N ASN A 373 21.43 29.28 14.59
CA ASN A 373 21.32 29.33 16.06
C ASN A 373 20.08 30.13 16.48
N MET A 374 19.00 30.05 15.70
CA MET A 374 17.77 30.73 16.04
C MET A 374 16.66 29.77 16.47
N ALA A 375 16.80 28.48 16.19
CA ALA A 375 15.81 27.52 16.66
C ALA A 375 15.85 27.48 18.19
N PRO A 376 14.71 27.61 18.87
CA PRO A 376 14.74 27.53 20.33
C PRO A 376 15.27 26.19 20.80
N GLU A 377 16.07 26.23 21.86
CA GLU A 377 16.64 25.00 22.41
C GLU A 377 15.54 24.13 22.99
N LYS A 378 15.62 22.83 22.73
CA LYS A 378 14.61 21.89 23.19
C LYS A 378 14.87 21.51 24.64
N VAL A 379 13.84 21.63 25.48
CA VAL A 379 13.94 21.32 26.90
C VAL A 379 12.74 20.46 27.30
N ASP A 380 12.66 20.16 28.58
CA ASP A 380 11.61 19.32 29.13
C ASP A 380 10.52 20.19 29.76
N PHE A 381 9.28 19.68 29.71
CA PHE A 381 8.15 20.45 30.23
C PHE A 381 8.26 20.66 31.73
N ASP A 382 8.76 19.65 32.46
CA ASP A 382 8.85 19.75 33.90
C ASP A 382 9.76 20.88 34.35
N ASP A 383 10.62 21.38 33.47
CA ASP A 383 11.54 22.47 33.80
C ASP A 383 11.04 23.83 33.33
N CYS A 384 10.03 23.88 32.45
CA CYS A 384 9.48 25.13 31.95
C CYS A 384 7.96 25.04 31.98
N LYS A 385 7.38 25.41 33.12
CA LYS A 385 5.93 25.39 33.28
C LYS A 385 5.43 26.73 33.80
N ASP A 386 6.27 27.44 34.55
CA ASP A 386 5.89 28.71 35.14
C ASP A 386 6.13 29.89 34.21
N VAL A 387 6.63 29.66 33.00
CA VAL A 387 6.90 30.74 32.06
C VAL A 387 5.56 31.16 31.44
N SER A 388 5.16 32.40 31.69
CA SER A 388 3.86 32.88 31.22
C SER A 388 3.79 32.86 29.69
N ASP A 389 4.88 33.25 29.03
CA ASP A 389 4.90 33.31 27.57
C ASP A 389 4.82 31.93 26.91
N LEU A 390 4.95 30.86 27.67
CA LEU A 390 4.95 29.52 27.09
C LEU A 390 3.56 29.16 26.60
N LYS A 391 3.43 28.88 25.32
CA LYS A 391 2.15 28.58 24.70
C LYS A 391 2.39 27.74 23.44
N GLN A 392 1.30 27.43 22.74
CA GLN A 392 1.41 26.65 21.52
C GLN A 392 2.08 27.45 20.41
N TYR A 393 2.50 26.73 19.37
CA TYR A 393 2.93 27.37 18.14
C TYR A 393 1.75 28.09 17.49
N ASP A 394 2.05 29.22 16.85
CA ASP A 394 1.02 30.01 16.19
C ASP A 394 0.35 29.18 15.11
N SER A 395 -0.93 28.85 15.31
CA SER A 395 -1.69 28.00 14.38
C SER A 395 -3.00 28.73 14.08
N ASP A 396 -3.02 29.47 12.98
CA ASP A 396 -4.20 30.21 12.56
C ASP A 396 -4.21 30.30 11.04
N GLU A 397 -5.34 30.78 10.51
CA GLU A 397 -5.45 30.93 9.07
C GLU A 397 -4.41 31.94 8.57
N PRO A 398 -3.76 31.69 7.44
CA PRO A 398 -2.74 32.63 6.95
C PRO A 398 -3.33 34.02 6.75
N GLU A 399 -2.42 34.99 6.63
CA GLU A 399 -2.83 36.37 6.38
C GLU A 399 -3.56 36.46 5.04
N LEU A 400 -4.59 37.31 5.00
CA LEU A 400 -5.32 37.52 3.76
C LEU A 400 -4.64 38.57 2.90
N ARG A 401 -4.56 38.30 1.60
CA ARG A 401 -3.93 39.21 0.66
C ARG A 401 -4.73 39.22 -0.64
N SER A 402 -4.89 40.40 -1.21
CA SER A 402 -5.63 40.57 -2.45
C SER A 402 -4.72 40.38 -3.66
N LEU A 403 -5.31 39.98 -4.78
CA LEU A 403 -4.54 39.75 -5.99
C LEU A 403 -3.99 41.07 -6.54
N ALA A 404 -2.83 40.98 -7.18
CA ALA A 404 -2.21 42.11 -7.85
C ALA A 404 -2.03 41.78 -9.33
N SER A 405 -1.76 42.81 -10.12
CA SER A 405 -1.69 42.65 -11.57
C SER A 405 -0.34 42.14 -12.04
N TRP A 406 0.64 41.99 -11.15
CA TRP A 406 1.97 41.57 -11.59
C TRP A 406 2.01 40.09 -11.98
N ILE A 407 1.24 39.24 -11.28
CA ILE A 407 1.25 37.82 -11.60
C ILE A 407 0.68 37.59 -13.00
N GLN A 408 -0.33 38.38 -13.38
CA GLN A 408 -0.92 38.24 -14.71
C GLN A 408 0.12 38.54 -15.78
N SER A 409 0.86 39.65 -15.63
CA SER A 409 1.89 39.98 -16.61
C SER A 409 3.02 38.97 -16.59
N GLU A 410 3.36 38.44 -15.42
CA GLU A 410 4.41 37.44 -15.33
C GLU A 410 4.02 36.19 -16.10
N PHE A 411 2.77 35.73 -15.95
CA PHE A 411 2.30 34.60 -16.74
C PHE A 411 2.24 34.94 -18.22
N ASN A 412 1.84 36.17 -18.55
CA ASN A 412 1.78 36.58 -19.95
C ASN A 412 3.15 36.45 -20.61
N LYS A 413 4.19 36.96 -19.95
CA LYS A 413 5.53 36.88 -20.51
C LYS A 413 6.20 35.54 -20.28
N ALA A 414 5.60 34.67 -19.47
CA ALA A 414 6.10 33.30 -19.34
C ALA A 414 5.67 32.42 -20.49
N CYS A 415 4.74 32.86 -21.32
CA CYS A 415 4.28 32.12 -22.50
C CYS A 415 4.83 32.68 -23.80
N GLU A 416 5.77 33.62 -23.73
CA GLU A 416 6.30 34.28 -24.91
C GLU A 416 7.53 33.55 -25.43
N LEU A 417 7.76 33.67 -26.73
CA LEU A 417 8.90 33.03 -27.36
C LEU A 417 10.19 33.72 -26.94
N THR A 418 11.32 33.10 -27.27
CA THR A 418 12.64 33.60 -26.91
C THR A 418 13.58 33.42 -28.09
N ASP A 419 14.80 33.94 -27.94
CA ASP A 419 15.83 33.84 -28.96
C ASP A 419 16.83 32.72 -28.67
N SER A 420 16.37 31.65 -28.03
CA SER A 420 17.26 30.55 -27.65
C SER A 420 16.44 29.28 -27.52
N SER A 421 17.15 28.14 -27.54
CA SER A 421 16.55 26.83 -27.33
C SER A 421 16.99 26.34 -25.96
N TRP A 422 16.04 26.18 -25.05
CA TRP A 422 16.32 25.88 -23.65
C TRP A 422 16.13 24.40 -23.31
N ILE A 423 15.94 23.54 -24.32
CA ILE A 423 15.82 22.11 -24.10
C ILE A 423 16.75 21.40 -25.07
N GLU A 424 17.64 20.57 -24.55
CA GLU A 424 18.50 19.70 -25.36
C GLU A 424 18.17 18.27 -24.96
N LEU A 425 17.29 17.64 -25.73
CA LEU A 425 16.75 16.34 -25.35
C LEU A 425 17.79 15.24 -25.54
N ASP A 426 17.55 14.11 -24.89
CA ASP A 426 18.46 12.98 -24.91
C ASP A 426 18.24 12.16 -26.18
N GLU A 427 18.83 10.97 -26.22
CA GLU A 427 18.75 10.09 -27.39
C GLU A 427 17.70 9.00 -27.15
N ILE A 428 17.15 8.50 -28.24
CA ILE A 428 16.19 7.41 -28.21
C ILE A 428 16.59 6.40 -29.28
N GLY A 429 16.09 5.17 -29.14
CA GLY A 429 16.33 4.15 -30.13
C GLY A 429 15.85 4.58 -31.49
N GLU A 430 16.62 4.31 -32.54
CA GLU A 430 16.26 4.74 -33.87
C GLU A 430 14.88 4.20 -34.24
N ASP A 431 14.03 5.08 -34.76
CA ASP A 431 12.65 4.70 -35.06
C ASP A 431 12.62 3.63 -36.15
N VAL A 432 11.87 2.57 -35.91
CA VAL A 432 11.75 1.47 -36.86
C VAL A 432 10.35 1.32 -37.42
N ALA A 433 9.31 1.70 -36.67
CA ALA A 433 7.95 1.54 -37.14
C ALA A 433 7.40 2.86 -37.66
N PRO A 434 6.49 2.83 -38.63
CA PRO A 434 5.91 4.09 -39.12
C PRO A 434 5.25 4.90 -38.02
N ILE A 435 4.60 4.24 -37.06
CA ILE A 435 4.01 4.96 -35.93
C ILE A 435 5.10 5.67 -35.14
N GLU A 436 6.27 5.04 -35.02
CA GLU A 436 7.39 5.71 -34.35
C GLU A 436 7.83 6.94 -35.12
N HIS A 437 7.82 6.87 -36.46
CA HIS A 437 8.14 8.06 -37.26
C HIS A 437 7.13 9.18 -37.03
N ILE A 438 5.84 8.82 -36.99
CA ILE A 438 4.81 9.84 -36.73
C ILE A 438 5.04 10.46 -35.36
N ALA A 439 5.32 9.62 -34.36
CA ALA A 439 5.57 10.13 -33.01
C ALA A 439 6.77 11.06 -33.00
N SER A 440 7.85 10.68 -33.69
CA SER A 440 9.04 11.51 -33.72
C SER A 440 8.78 12.84 -34.40
N MET A 441 8.02 12.83 -35.50
CA MET A 441 7.69 14.08 -36.17
C MET A 441 6.86 14.99 -35.27
N ARG A 442 5.85 14.42 -34.61
CA ARG A 442 5.05 15.20 -33.66
C ARG A 442 5.94 15.78 -32.58
N ARG A 443 6.83 14.95 -32.01
CA ARG A 443 7.69 15.40 -30.93
C ARG A 443 8.62 16.51 -31.39
N ASN A 444 9.15 16.40 -32.61
CA ASN A 444 9.99 17.45 -33.16
C ASN A 444 9.20 18.75 -33.31
N TYR A 445 7.96 18.66 -33.77
CA TYR A 445 7.13 19.86 -33.88
C TYR A 445 6.94 20.51 -32.52
N PHE A 446 6.57 19.72 -31.50
CA PHE A 446 6.36 20.32 -30.19
C PHE A 446 7.65 20.88 -29.62
N THR A 447 8.77 20.20 -29.83
CA THR A 447 10.03 20.73 -29.31
C THR A 447 10.37 22.05 -29.99
N ALA A 448 10.16 22.15 -31.31
CA ALA A 448 10.37 23.42 -31.98
C ALA A 448 9.45 24.50 -31.43
N GLU A 449 8.24 24.13 -31.03
CA GLU A 449 7.31 25.14 -30.51
C GLU A 449 7.65 25.58 -29.10
N VAL A 450 8.07 24.66 -28.23
CA VAL A 450 8.18 24.97 -26.81
C VAL A 450 9.61 25.27 -26.37
N SER A 451 10.61 24.83 -27.13
CA SER A 451 12.00 25.07 -26.71
C SER A 451 12.27 26.56 -26.57
N HIS A 452 11.81 27.36 -27.52
CA HIS A 452 11.95 28.81 -27.44
C HIS A 452 10.76 29.37 -26.66
N CYS A 453 10.77 29.10 -25.35
CA CYS A 453 9.71 29.55 -24.46
C CYS A 453 10.30 29.81 -23.09
N ARG A 454 9.85 30.89 -22.45
CA ARG A 454 10.35 31.22 -21.12
C ARG A 454 9.98 30.14 -20.11
N ALA A 455 8.92 29.38 -20.37
CA ALA A 455 8.55 28.30 -19.46
C ALA A 455 9.65 27.23 -19.41
N THR A 456 10.21 26.89 -20.57
CA THR A 456 11.30 25.92 -20.59
C THR A 456 12.54 26.45 -19.86
N GLU A 457 12.83 27.74 -20.03
CA GLU A 457 13.95 28.33 -19.30
C GLU A 457 13.73 28.26 -17.80
N TYR A 458 12.50 28.55 -17.35
CA TYR A 458 12.19 28.44 -15.93
C TYR A 458 12.32 27.00 -15.47
N ILE A 459 11.88 26.04 -16.30
CA ILE A 459 11.99 24.63 -15.95
C ILE A 459 13.45 24.27 -15.71
N MET A 460 14.32 24.63 -16.66
CA MET A 460 15.74 24.32 -16.51
C MET A 460 16.35 25.02 -15.32
N LYS A 461 16.01 26.29 -15.11
CA LYS A 461 16.53 27.02 -13.96
C LYS A 461 16.16 26.30 -12.66
N GLY A 462 14.87 25.99 -12.50
CA GLY A 462 14.44 25.34 -11.28
C GLY A 462 15.07 23.98 -11.09
N VAL A 463 15.12 23.18 -12.15
CA VAL A 463 15.71 21.84 -12.06
C VAL A 463 17.16 21.94 -11.61
N TYR A 464 17.95 22.77 -12.28
CA TYR A 464 19.36 22.88 -11.94
C TYR A 464 19.54 23.40 -10.53
N ILE A 465 18.81 24.45 -10.16
CA ILE A 465 19.00 25.07 -8.85
C ILE A 465 18.65 24.08 -7.75
N ASN A 466 17.49 23.40 -7.89
CA ASN A 466 17.08 22.45 -6.86
C ASN A 466 18.01 21.24 -6.81
N THR A 467 18.49 20.75 -7.95
CA THR A 467 19.42 19.65 -7.93
C THR A 467 20.70 20.02 -7.20
N ALA A 468 21.27 21.18 -7.54
CA ALA A 468 22.49 21.60 -6.88
C ALA A 468 22.27 21.81 -5.39
N LEU A 469 21.13 22.41 -5.02
CA LEU A 469 20.86 22.68 -3.62
C LEU A 469 20.70 21.39 -2.83
N LEU A 470 19.96 20.41 -3.39
CA LEU A 470 19.79 19.14 -2.70
C LEU A 470 21.12 18.40 -2.57
N ASN A 471 21.92 18.36 -3.63
CA ASN A 471 23.20 17.66 -3.56
C ASN A 471 24.12 18.33 -2.53
N ALA A 472 24.18 19.66 -2.53
CA ALA A 472 25.01 20.35 -1.55
C ALA A 472 24.52 20.12 -0.13
N SER A 473 23.20 20.13 0.08
CA SER A 473 22.65 19.89 1.40
C SER A 473 23.00 18.49 1.88
N CYS A 474 22.91 17.50 0.99
CA CYS A 474 23.21 16.13 1.40
C CYS A 474 24.70 15.91 1.60
N ALA A 475 25.54 16.65 0.88
CA ALA A 475 26.99 16.48 1.00
C ALA A 475 27.59 17.37 2.07
N ALA A 476 27.44 18.69 1.92
CA ALA A 476 27.99 19.65 2.87
C ALA A 476 26.87 20.10 3.80
N MET A 477 26.55 19.23 4.76
CA MET A 477 25.44 19.52 5.68
C MET A 477 25.76 20.68 6.59
N ASP A 478 27.01 20.79 7.04
CA ASP A 478 27.38 21.75 8.07
C ASP A 478 27.74 23.13 7.53
N ASP A 479 28.47 23.18 6.42
CA ASP A 479 29.19 24.39 6.06
C ASP A 479 28.50 25.08 4.89
N PHE A 480 28.45 26.41 4.94
CA PHE A 480 27.76 27.20 3.93
C PHE A 480 28.45 27.04 2.59
N GLN A 481 27.66 26.89 1.53
CA GLN A 481 28.22 26.57 0.21
C GLN A 481 27.72 27.56 -0.84
N LEU A 482 28.61 27.90 -1.78
CA LEU A 482 28.33 28.80 -2.88
C LEU A 482 27.98 28.00 -4.13
N ILE A 483 26.89 28.39 -4.80
CA ILE A 483 26.46 27.71 -6.02
C ILE A 483 26.01 28.76 -7.03
N PRO A 484 26.70 28.94 -8.15
CA PRO A 484 26.24 29.93 -9.14
C PRO A 484 25.09 29.38 -9.97
N MET A 485 24.06 30.21 -10.15
CA MET A 485 22.93 29.84 -10.99
C MET A 485 23.37 29.79 -12.45
N ILE A 486 23.40 28.60 -13.04
CA ILE A 486 23.90 28.41 -14.39
C ILE A 486 22.81 27.75 -15.23
N SER A 487 22.68 28.23 -16.46
CA SER A 487 21.78 27.60 -17.42
C SER A 487 22.39 27.76 -18.81
N LYS A 488 22.46 26.66 -19.56
CA LYS A 488 23.10 26.66 -20.87
C LYS A 488 22.06 26.51 -21.97
N CYS A 489 22.12 27.40 -22.96
CA CYS A 489 21.19 27.45 -24.07
C CYS A 489 21.96 27.39 -25.38
N ARG A 490 21.23 27.47 -26.49
CA ARG A 490 21.80 27.47 -27.83
C ARG A 490 21.15 28.58 -28.64
N THR A 491 21.98 29.40 -29.26
CA THR A 491 21.48 30.56 -30.00
C THR A 491 20.86 30.13 -31.32
N LYS A 492 20.22 31.09 -31.99
CA LYS A 492 19.68 30.84 -33.32
C LYS A 492 20.78 30.45 -34.30
N GLU A 493 21.94 31.12 -34.20
CA GLU A 493 23.06 30.78 -35.06
C GLU A 493 23.57 29.37 -34.81
N GLY A 494 23.21 28.75 -33.69
CA GLY A 494 23.64 27.42 -33.35
C GLY A 494 24.75 27.35 -32.33
N ARG A 495 25.39 28.47 -32.02
CA ARG A 495 26.47 28.48 -31.04
C ARG A 495 25.92 28.26 -29.64
N ARG A 496 26.54 27.34 -28.90
CA ARG A 496 26.13 27.09 -27.53
C ARG A 496 26.57 28.25 -26.64
N LYS A 497 25.85 28.43 -25.53
CA LYS A 497 26.07 29.58 -24.66
C LYS A 497 25.71 29.20 -23.24
N THR A 498 26.42 29.82 -22.29
CA THR A 498 26.12 29.69 -20.87
C THR A 498 25.55 31.00 -20.36
N ASN A 499 24.78 30.91 -19.27
CA ASN A 499 24.13 32.07 -18.68
C ASN A 499 24.20 31.96 -17.18
N LEU A 500 24.58 33.06 -16.53
CA LEU A 500 24.75 33.15 -15.08
C LEU A 500 23.76 34.17 -14.55
N TYR A 501 22.69 33.69 -13.92
CA TYR A 501 21.71 34.60 -13.33
C TYR A 501 22.21 35.20 -12.02
N GLY A 502 22.92 34.44 -11.21
CA GLY A 502 23.41 34.93 -9.94
C GLY A 502 24.04 33.86 -9.08
N PHE A 503 23.78 33.90 -7.78
CA PHE A 503 24.40 32.96 -6.84
C PHE A 503 23.40 32.57 -5.77
N ILE A 504 23.64 31.41 -5.19
CA ILE A 504 22.87 30.89 -4.06
C ILE A 504 23.85 30.44 -2.99
N ILE A 505 23.63 30.90 -1.77
CA ILE A 505 24.42 30.44 -0.62
C ILE A 505 23.52 29.54 0.20
N LYS A 506 23.87 28.25 0.24
CA LYS A 506 23.14 27.29 1.05
C LYS A 506 23.73 27.24 2.45
N GLY A 507 22.85 27.17 3.44
CA GLY A 507 23.25 27.12 4.84
C GLY A 507 23.13 25.72 5.41
N ARG A 508 23.17 25.66 6.74
CA ARG A 508 23.06 24.38 7.43
C ARG A 508 21.80 23.65 7.00
N SER A 509 21.95 22.39 6.61
CA SER A 509 20.89 21.61 5.99
C SER A 509 20.80 20.23 6.62
N HIS A 510 20.81 20.17 7.96
CA HIS A 510 20.62 18.91 8.68
C HIS A 510 19.14 18.56 8.66
N LEU A 511 18.69 18.09 7.50
CA LEU A 511 17.28 17.84 7.23
C LEU A 511 16.96 16.39 7.57
N ARG A 512 16.15 16.20 8.61
CA ARG A 512 15.71 14.86 9.01
C ARG A 512 14.35 14.51 8.40
N ASN A 513 13.33 15.32 8.72
CA ASN A 513 12.01 15.09 8.16
C ASN A 513 11.89 15.70 6.77
N ASP A 514 10.91 15.20 6.01
CA ASP A 514 10.67 15.74 4.68
C ASP A 514 10.19 17.19 4.72
N THR A 515 9.76 17.68 5.88
CA THR A 515 9.29 19.05 6.01
C THR A 515 10.34 19.98 6.62
N ASP A 516 11.45 19.44 7.12
CA ASP A 516 12.50 20.30 7.68
C ASP A 516 13.00 21.25 6.60
N VAL A 517 13.34 22.46 7.03
CA VAL A 517 13.63 23.57 6.11
C VAL A 517 15.12 23.84 6.09
N VAL A 518 15.67 23.92 4.88
CA VAL A 518 17.02 24.40 4.64
C VAL A 518 16.91 25.83 4.14
N ASN A 519 17.60 26.76 4.81
CA ASN A 519 17.58 28.16 4.45
C ASN A 519 18.79 28.49 3.58
N PHE A 520 18.57 29.32 2.57
CA PHE A 520 19.64 29.83 1.73
C PHE A 520 19.36 31.29 1.43
N VAL A 521 20.35 31.96 0.87
CA VAL A 521 20.21 33.35 0.43
C VAL A 521 20.52 33.40 -1.06
N SER A 522 19.61 34.00 -1.83
CA SER A 522 19.71 34.06 -3.27
C SER A 522 19.96 35.48 -3.73
N MET A 523 20.91 35.63 -4.67
CA MET A 523 21.27 36.90 -5.26
C MET A 523 21.13 36.76 -6.77
N GLU A 524 20.43 37.70 -7.40
CA GLU A 524 20.21 37.62 -8.85
C GLU A 524 20.31 38.99 -9.48
N PHE A 525 21.03 39.08 -10.60
CA PHE A 525 21.12 40.32 -11.34
C PHE A 525 19.81 40.60 -12.06
N SER A 526 19.52 41.88 -12.28
CA SER A 526 18.33 42.26 -13.02
C SER A 526 18.48 43.71 -13.46
N LEU A 527 17.58 44.12 -14.35
CA LEU A 527 17.49 45.52 -14.77
C LEU A 527 16.17 46.16 -14.38
N THR A 528 15.20 45.38 -13.90
CA THR A 528 13.89 45.93 -13.56
C THR A 528 13.99 46.74 -12.28
N ASP A 529 13.66 48.03 -12.36
CA ASP A 529 13.70 48.88 -11.18
C ASP A 529 12.62 48.46 -10.20
N PRO A 530 12.96 48.21 -8.93
CA PRO A 530 11.95 47.81 -7.94
C PRO A 530 11.13 48.96 -7.37
N ARG A 531 11.30 50.18 -7.88
CA ARG A 531 10.55 51.32 -7.39
C ARG A 531 9.20 51.49 -8.06
N LEU A 532 8.84 50.60 -9.00
CA LEU A 532 7.58 50.69 -9.70
C LEU A 532 6.52 49.73 -9.19
N GLU A 533 6.92 48.55 -8.70
CA GLU A 533 5.99 47.58 -8.14
C GLU A 533 6.54 47.09 -6.80
N PRO A 534 6.67 47.99 -5.82
CA PRO A 534 7.31 47.60 -4.55
C PRO A 534 6.58 46.48 -3.82
N HIS A 535 5.25 46.43 -3.91
CA HIS A 535 4.50 45.43 -3.17
C HIS A 535 4.82 44.01 -3.63
N LYS A 536 5.37 43.85 -4.83
CA LYS A 536 5.73 42.52 -5.31
C LYS A 536 7.05 42.03 -4.71
N TRP A 537 7.83 42.91 -4.10
CA TRP A 537 9.14 42.58 -3.56
C TRP A 537 9.19 42.81 -2.05
N GLU A 538 8.16 42.36 -1.33
CA GLU A 538 8.09 42.62 0.10
C GLU A 538 9.25 41.98 0.84
N LYS A 539 9.67 40.79 0.41
CA LYS A 539 10.67 40.00 1.13
C LYS A 539 12.06 40.11 0.50
N TYR A 540 12.25 40.99 -0.46
CA TYR A 540 13.53 41.13 -1.15
C TYR A 540 14.26 42.38 -0.66
N CYS A 541 15.58 42.32 -0.71
CA CYS A 541 16.43 43.50 -0.56
C CYS A 541 17.16 43.71 -1.88
N VAL A 542 17.01 44.91 -2.46
CA VAL A 542 17.52 45.20 -3.81
C VAL A 542 18.56 46.30 -3.71
N LEU A 543 19.76 46.01 -4.22
CA LEU A 543 20.87 46.94 -4.26
C LEU A 543 21.09 47.43 -5.70
N GLU A 544 21.94 48.44 -5.83
CA GLU A 544 22.43 48.90 -7.13
C GLU A 544 23.89 48.48 -7.25
N ILE A 545 24.19 47.65 -8.25
CA ILE A 545 25.52 47.07 -8.37
C ILE A 545 26.25 47.49 -9.64
N GLY A 546 25.56 47.95 -10.68
CA GLY A 546 26.29 48.38 -11.85
C GLY A 546 25.43 49.06 -12.88
N ASP A 547 26.00 49.20 -14.08
CA ASP A 547 25.30 49.77 -15.23
C ASP A 547 25.58 48.89 -16.45
N MET A 548 24.56 48.70 -17.28
CA MET A 548 24.66 47.85 -18.45
C MET A 548 24.37 48.68 -19.71
N LEU A 549 25.05 48.33 -20.80
CA LEU A 549 24.90 49.02 -22.09
C LEU A 549 24.51 47.99 -23.13
N LEU A 550 23.23 47.97 -23.50
CA LEU A 550 22.73 47.10 -24.56
C LEU A 550 22.47 47.92 -25.81
N ARG A 551 22.92 47.41 -26.96
CA ARG A 551 22.87 48.16 -28.21
C ARG A 551 21.42 48.45 -28.57
N SER A 552 21.08 49.74 -28.67
CA SER A 552 19.76 50.19 -29.08
C SER A 552 19.92 51.40 -29.99
N ALA A 553 18.90 51.62 -30.84
CA ALA A 553 18.94 52.73 -31.77
C ALA A 553 18.91 54.08 -31.07
N ILE A 554 18.47 54.13 -29.81
CA ILE A 554 18.44 55.39 -29.05
C ILE A 554 19.80 55.52 -28.38
N GLY A 555 20.77 56.03 -29.14
CA GLY A 555 22.14 56.08 -28.67
C GLY A 555 22.52 54.74 -28.07
N GLN A 556 22.76 54.71 -26.76
CA GLN A 556 22.82 53.45 -26.03
C GLN A 556 22.28 53.71 -24.63
N VAL A 557 21.44 52.78 -24.16
CA VAL A 557 20.58 53.06 -23.01
C VAL A 557 21.41 53.37 -21.77
N SER A 558 22.41 52.56 -21.49
CA SER A 558 23.19 52.67 -20.25
C SER A 558 22.25 52.58 -19.04
N ARG A 559 21.49 51.49 -19.00
CA ARG A 559 20.51 51.26 -17.94
C ARG A 559 21.22 50.93 -16.62
N PRO A 560 20.55 51.17 -15.49
CA PRO A 560 21.06 50.64 -14.22
C PRO A 560 20.93 49.13 -14.18
N MET A 561 21.66 48.52 -13.26
CA MET A 561 21.69 47.05 -13.15
C MET A 561 21.76 46.71 -11.67
N PHE A 562 20.64 46.18 -11.16
CA PHE A 562 20.42 45.98 -9.73
C PHE A 562 20.61 44.52 -9.36
N LEU A 563 20.70 44.28 -8.06
CA LEU A 563 20.87 42.95 -7.49
C LEU A 563 19.72 42.69 -6.52
N TYR A 564 18.86 41.72 -6.86
CA TYR A 564 17.81 41.28 -5.96
C TYR A 564 18.38 40.22 -5.03
N VAL A 565 18.41 40.53 -3.73
CA VAL A 565 18.96 39.67 -2.70
C VAL A 565 17.87 39.34 -1.71
N ARG A 566 17.72 38.06 -1.38
CA ARG A 566 16.69 37.68 -0.41
C ARG A 566 17.10 36.41 0.31
N THR A 567 16.46 36.19 1.46
CA THR A 567 16.59 34.95 2.22
C THR A 567 15.37 34.09 1.92
N ASN A 568 15.61 32.89 1.40
CA ASN A 568 14.55 31.96 1.05
C ASN A 568 14.86 30.61 1.72
N GLY A 569 13.92 29.69 1.59
CA GLY A 569 14.09 28.37 2.17
C GLY A 569 13.31 27.34 1.38
N THR A 570 13.74 26.08 1.53
CA THR A 570 13.07 24.97 0.87
C THR A 570 13.13 23.76 1.80
N SER A 571 12.67 22.62 1.29
CA SER A 571 12.69 21.38 2.05
C SER A 571 12.97 20.23 1.09
N LYS A 572 13.27 19.06 1.67
CA LYS A 572 13.60 17.90 0.85
C LYS A 572 12.49 17.61 -0.15
N ILE A 573 11.24 17.63 0.30
CA ILE A 573 10.13 17.38 -0.62
C ILE A 573 10.06 18.47 -1.69
N LYS A 574 10.21 19.73 -1.30
CA LYS A 574 10.15 20.81 -2.28
C LYS A 574 11.29 20.70 -3.28
N MET A 575 12.50 20.39 -2.80
CA MET A 575 13.63 20.23 -3.72
C MET A 575 13.38 19.08 -4.69
N LYS A 576 12.91 17.95 -4.17
CA LYS A 576 12.67 16.79 -5.04
C LYS A 576 11.61 17.11 -6.08
N TRP A 577 10.53 17.80 -5.69
CA TRP A 577 9.47 18.08 -6.65
C TRP A 577 9.85 19.18 -7.63
N GLY A 578 10.69 20.13 -7.21
CA GLY A 578 11.18 21.14 -8.13
C GLY A 578 12.23 20.63 -9.09
N MET A 579 12.91 19.54 -8.73
CA MET A 579 13.85 18.93 -9.66
C MET A 579 13.17 17.98 -10.63
N GLU A 580 11.85 17.79 -10.53
CA GLU A 580 11.08 17.05 -11.50
C GLU A 580 10.11 17.97 -12.23
N MET A 581 10.56 19.19 -12.54
CA MET A 581 9.72 20.14 -13.26
C MET A 581 9.58 19.80 -14.74
N ARG A 582 10.37 18.87 -15.25
CA ARG A 582 10.29 18.54 -16.68
C ARG A 582 9.01 17.83 -17.05
N ARG A 583 8.27 17.29 -16.07
CA ARG A 583 6.99 16.65 -16.37
C ARG A 583 5.90 17.66 -16.68
N CYS A 584 6.15 18.95 -16.49
CA CYS A 584 5.24 19.97 -17.00
C CYS A 584 5.18 19.91 -18.52
N LEU A 585 6.34 19.72 -19.16
CA LEU A 585 6.37 19.48 -20.60
C LEU A 585 5.46 18.32 -20.96
N LEU A 586 5.55 17.22 -20.22
CA LEU A 586 4.68 16.08 -20.46
C LEU A 586 3.24 16.55 -20.38
N GLN A 587 2.78 16.93 -19.18
CA GLN A 587 1.40 17.35 -19.00
C GLN A 587 0.89 18.17 -20.18
N SER A 588 1.59 19.27 -20.49
CA SER A 588 1.13 20.17 -21.54
C SER A 588 1.02 19.44 -22.87
N LEU A 589 2.07 18.73 -23.26
CA LEU A 589 2.10 18.21 -24.62
C LEU A 589 1.23 16.97 -24.75
N GLN A 590 1.02 16.25 -23.65
CA GLN A 590 0.00 15.21 -23.63
C GLN A 590 -1.37 15.80 -23.88
N GLN A 591 -1.69 16.95 -23.26
CA GLN A 591 -2.97 17.59 -23.52
C GLN A 591 -3.08 17.96 -25.00
N ILE A 592 -2.04 18.56 -25.57
CA ILE A 592 -2.11 18.97 -26.97
C ILE A 592 -2.22 17.75 -27.89
N GLU A 593 -1.49 16.68 -27.58
CA GLU A 593 -1.54 15.49 -28.42
C GLU A 593 -2.89 14.80 -28.31
N SER A 594 -3.51 14.88 -27.13
CA SER A 594 -4.89 14.38 -26.99
C SER A 594 -5.83 15.18 -27.87
N MET A 595 -5.67 16.51 -27.89
CA MET A 595 -6.47 17.33 -28.79
C MET A 595 -6.29 16.88 -30.23
N ILE A 596 -5.02 16.71 -30.64
CA ILE A 596 -4.72 16.36 -32.03
C ILE A 596 -5.32 15.00 -32.39
N GLU A 597 -5.16 14.02 -31.50
CA GLU A 597 -5.69 12.69 -31.76
C GLU A 597 -7.22 12.71 -31.81
N ALA A 598 -7.86 13.44 -30.90
CA ALA A 598 -9.31 13.52 -30.91
C ALA A 598 -9.81 14.13 -32.20
N GLU A 599 -9.16 15.19 -32.68
CA GLU A 599 -9.58 15.79 -33.94
C GLU A 599 -9.29 14.88 -35.11
N SER A 600 -8.18 14.14 -35.07
CA SER A 600 -7.81 13.24 -36.16
C SER A 600 -8.65 11.99 -36.19
N SER A 601 -9.29 11.62 -35.08
CA SER A 601 -10.25 10.52 -35.12
C SER A 601 -11.47 10.87 -35.96
N VAL A 602 -11.72 12.16 -36.18
CA VAL A 602 -12.84 12.58 -37.02
C VAL A 602 -12.48 12.42 -38.49
N LYS A 603 -11.41 13.09 -38.93
CA LYS A 603 -10.90 12.95 -40.28
C LYS A 603 -9.84 11.85 -40.28
N GLU A 604 -10.06 10.80 -41.08
CA GLU A 604 -9.21 9.62 -41.00
C GLU A 604 -7.84 9.92 -41.59
N LYS A 605 -7.05 10.70 -40.85
CA LYS A 605 -5.72 11.11 -41.29
C LYS A 605 -5.03 11.87 -40.17
N ASP A 606 -3.71 11.78 -40.09
CA ASP A 606 -2.96 12.56 -39.10
C ASP A 606 -3.05 14.03 -39.43
N MET A 607 -3.34 14.85 -38.43
CA MET A 607 -3.68 16.25 -38.63
C MET A 607 -2.66 17.19 -38.00
N THR A 608 -1.48 16.67 -37.65
CA THR A 608 -0.50 17.47 -36.92
C THR A 608 0.10 18.56 -37.81
N LYS A 609 0.49 18.19 -39.03
CA LYS A 609 1.27 19.11 -39.86
C LYS A 609 0.46 20.37 -40.18
N GLU A 610 -0.80 20.19 -40.58
CA GLU A 610 -1.61 21.35 -40.92
C GLU A 610 -1.95 22.17 -39.69
N PHE A 611 -2.17 21.51 -38.54
CA PHE A 611 -2.37 22.26 -37.31
C PHE A 611 -1.19 23.17 -37.03
N PHE A 612 0.04 22.66 -37.17
CA PHE A 612 1.21 23.44 -36.79
C PHE A 612 1.67 24.43 -37.85
N GLU A 613 1.35 24.20 -39.13
CA GLU A 613 1.77 25.10 -40.19
C GLU A 613 0.66 26.04 -40.65
N ASN A 614 -0.50 25.51 -41.05
CA ASN A 614 -1.57 26.37 -41.56
C ASN A 614 -2.08 27.32 -40.48
N LYS A 615 -2.20 26.84 -39.24
CA LYS A 615 -2.62 27.69 -38.13
C LYS A 615 -4.02 28.26 -38.36
N SER A 616 -4.84 27.54 -39.13
CA SER A 616 -6.20 28.00 -39.39
C SER A 616 -7.06 27.91 -38.13
N GLU A 617 -7.06 26.76 -37.49
CA GLU A 617 -7.84 26.57 -36.27
C GLU A 617 -7.16 27.25 -35.09
N THR A 618 -7.95 27.85 -34.22
CA THR A 618 -7.43 28.54 -33.04
C THR A 618 -8.36 28.28 -31.87
N TRP A 619 -7.79 28.34 -30.66
CA TRP A 619 -8.53 28.12 -29.43
C TRP A 619 -8.54 29.38 -28.58
N PRO A 620 -9.61 29.64 -27.81
CA PRO A 620 -9.59 30.79 -26.90
C PRO A 620 -8.53 30.60 -25.81
N ILE A 621 -7.51 31.45 -25.81
CA ILE A 621 -6.38 31.28 -24.90
C ILE A 621 -6.10 32.59 -24.17
N GLY A 622 -7.09 33.46 -24.09
CA GLY A 622 -6.93 34.72 -23.38
C GLY A 622 -7.96 35.72 -23.86
N GLU A 623 -8.12 36.78 -23.07
CA GLU A 623 -9.09 37.83 -23.33
C GLU A 623 -8.40 39.18 -23.34
N SER A 624 -8.68 39.98 -24.36
CA SER A 624 -8.24 41.36 -24.48
C SER A 624 -9.41 42.30 -24.26
N PRO A 625 -9.15 43.56 -23.90
CA PRO A 625 -10.27 44.50 -23.72
C PRO A 625 -11.23 44.52 -24.89
N LYS A 626 -10.75 44.27 -26.12
CA LYS A 626 -11.66 44.13 -27.25
C LYS A 626 -12.55 42.90 -27.11
N GLY A 627 -12.00 41.80 -26.60
CA GLY A 627 -12.78 40.59 -26.44
C GLY A 627 -11.86 39.40 -26.26
N VAL A 628 -12.43 38.22 -26.46
CA VAL A 628 -11.68 36.97 -26.33
C VAL A 628 -10.76 36.82 -27.52
N GLU A 629 -9.50 36.47 -27.25
CA GLU A 629 -8.49 36.30 -28.28
C GLU A 629 -8.13 34.83 -28.42
N GLU A 630 -8.03 34.37 -29.67
CA GLU A 630 -7.70 32.99 -29.98
C GLU A 630 -6.31 32.93 -30.62
N GLY A 631 -5.59 31.84 -30.31
CA GLY A 631 -4.25 31.66 -30.81
C GLY A 631 -4.09 30.28 -31.43
N SER A 632 -3.01 30.12 -32.20
CA SER A 632 -2.74 28.87 -32.88
C SER A 632 -2.43 27.78 -31.85
N ILE A 633 -2.23 26.55 -32.35
CA ILE A 633 -2.00 25.42 -31.45
C ILE A 633 -0.70 25.59 -30.69
N GLY A 634 0.32 26.18 -31.32
CA GLY A 634 1.57 26.40 -30.63
C GLY A 634 1.42 27.31 -29.42
N LYS A 635 0.62 28.36 -29.56
CA LYS A 635 0.37 29.23 -28.42
C LYS A 635 -0.37 28.51 -27.31
N VAL A 636 -1.28 27.60 -27.66
CA VAL A 636 -1.94 26.78 -26.65
C VAL A 636 -0.91 25.90 -25.94
N CYS A 637 0.01 25.30 -26.72
CA CYS A 637 1.08 24.51 -26.12
C CYS A 637 1.84 25.33 -25.09
N ARG A 638 2.28 26.52 -25.48
CA ARG A 638 3.07 27.35 -24.58
C ARG A 638 2.26 27.77 -23.36
N THR A 639 0.97 28.09 -23.56
CA THR A 639 0.14 28.50 -22.44
C THR A 639 -0.03 27.37 -21.43
N LEU A 640 -0.30 26.16 -21.91
CA LEU A 640 -0.45 25.03 -21.00
C LEU A 640 0.87 24.70 -20.31
N LEU A 641 1.98 24.81 -21.03
CA LEU A 641 3.28 24.57 -20.41
C LEU A 641 3.54 25.59 -19.30
N ALA A 642 3.22 26.86 -19.56
CA ALA A 642 3.39 27.88 -18.54
C ALA A 642 2.49 27.63 -17.33
N LYS A 643 1.25 27.20 -17.59
CA LYS A 643 0.34 26.88 -16.49
C LYS A 643 0.91 25.77 -15.62
N SER A 644 1.42 24.71 -16.26
CA SER A 644 2.01 23.61 -15.48
C SER A 644 3.24 24.06 -14.72
N VAL A 645 4.08 24.90 -15.36
CA VAL A 645 5.29 25.38 -14.69
C VAL A 645 4.92 26.21 -13.46
N PHE A 646 3.92 27.08 -13.59
CA PHE A 646 3.51 27.89 -12.45
C PHE A 646 2.83 27.04 -11.39
N ASN A 647 2.13 25.98 -11.78
CA ASN A 647 1.60 25.05 -10.80
C ASN A 647 2.73 24.41 -9.99
N SER A 648 3.81 24.03 -10.68
CA SER A 648 4.94 23.44 -9.98
C SER A 648 5.71 24.45 -9.15
N LEU A 649 5.68 25.73 -9.53
CA LEU A 649 6.43 26.75 -8.81
C LEU A 649 5.68 27.27 -7.59
N TYR A 650 4.39 27.60 -7.75
CA TYR A 650 3.58 28.13 -6.68
C TYR A 650 2.69 27.08 -6.04
N ALA A 651 3.16 25.83 -5.98
CA ALA A 651 2.35 24.76 -5.41
C ALA A 651 2.06 25.03 -3.94
N SER A 652 0.85 24.68 -3.52
CA SER A 652 0.43 24.87 -2.14
C SER A 652 -0.89 24.17 -1.89
N PRO A 653 -1.25 23.92 -0.62
CA PRO A 653 -2.55 23.28 -0.35
C PRO A 653 -3.72 24.08 -0.89
N GLN A 654 -3.62 25.41 -0.86
CA GLN A 654 -4.66 26.24 -1.43
C GLN A 654 -4.91 25.87 -2.89
N LEU A 655 -3.83 25.66 -3.65
CA LEU A 655 -3.98 25.32 -5.05
C LEU A 655 -4.75 24.01 -5.22
N GLU A 656 -4.41 22.99 -4.43
CA GLU A 656 -5.10 21.71 -4.54
C GLU A 656 -6.58 21.84 -4.20
N GLY A 657 -6.88 22.50 -3.07
CA GLY A 657 -8.26 22.64 -2.67
C GLY A 657 -9.08 23.41 -3.68
N PHE A 658 -8.55 24.54 -4.14
CA PHE A 658 -9.26 25.32 -5.15
C PHE A 658 -9.43 24.54 -6.43
N SER A 659 -8.39 23.81 -6.85
CA SER A 659 -8.49 23.04 -8.09
C SER A 659 -9.62 22.04 -8.00
N ALA A 660 -9.71 21.28 -6.91
CA ALA A 660 -10.76 20.29 -6.79
C ALA A 660 -12.15 20.95 -6.74
N GLU A 661 -12.32 21.92 -5.83
CA GLU A 661 -13.63 22.50 -5.63
C GLU A 661 -14.07 23.40 -6.79
N SER A 662 -13.15 23.81 -7.65
CA SER A 662 -13.49 24.54 -8.85
C SER A 662 -13.66 23.65 -10.06
N ARG A 663 -13.00 22.48 -10.09
CA ARG A 663 -13.29 21.48 -11.10
C ARG A 663 -14.72 20.97 -10.95
N LYS A 664 -15.18 20.84 -9.71
CA LYS A 664 -16.58 20.47 -9.51
C LYS A 664 -17.52 21.47 -10.19
N LEU A 665 -17.32 22.76 -9.90
CA LEU A 665 -18.18 23.79 -10.48
C LEU A 665 -18.00 23.88 -11.99
N LEU A 666 -16.79 23.66 -12.48
CA LEU A 666 -16.56 23.65 -13.92
C LEU A 666 -17.34 22.53 -14.60
N LEU A 667 -17.37 21.35 -13.98
CA LEU A 667 -18.16 20.26 -14.52
C LEU A 667 -19.65 20.61 -14.51
N ILE A 668 -20.12 21.24 -13.43
CA ILE A 668 -21.52 21.65 -13.39
C ILE A 668 -21.83 22.64 -14.51
N VAL A 669 -20.95 23.62 -14.71
CA VAL A 669 -21.16 24.62 -15.75
C VAL A 669 -21.12 23.98 -17.13
N GLN A 670 -20.22 23.02 -17.33
CA GLN A 670 -20.15 22.31 -18.61
C GLN A 670 -21.45 21.54 -18.86
N ALA A 671 -21.98 20.91 -17.82
CA ALA A 671 -23.27 20.23 -17.96
C ALA A 671 -24.35 21.22 -18.34
N LEU A 672 -24.34 22.40 -17.74
CA LEU A 672 -25.30 23.43 -18.11
C LEU A 672 -25.17 23.81 -19.57
N ARG A 673 -23.94 24.03 -20.03
CA ARG A 673 -23.71 24.44 -21.41
C ARG A 673 -24.05 23.34 -22.39
N ASP A 674 -24.09 22.09 -21.94
CA ASP A 674 -24.41 20.95 -22.79
C ASP A 674 -25.91 20.66 -22.84
N ASN A 675 -26.73 21.46 -22.15
CA ASN A 675 -28.17 21.28 -22.14
C ASN A 675 -28.53 19.93 -21.51
N LEU A 676 -27.99 19.70 -20.30
CA LEU A 676 -28.21 18.44 -19.58
C LEU A 676 -28.98 18.66 -18.28
N GLU A 677 -29.70 19.78 -18.15
CA GLU A 677 -30.54 20.10 -17.01
C GLU A 677 -29.81 19.81 -15.69
N PRO A 678 -28.66 20.44 -15.47
CA PRO A 678 -27.93 20.20 -14.23
C PRO A 678 -28.70 20.71 -13.03
N GLY A 679 -28.46 20.06 -11.89
CA GLY A 679 -29.09 20.45 -10.64
C GLY A 679 -28.12 20.30 -9.50
N THR A 680 -28.39 21.04 -8.43
CA THR A 680 -27.54 21.03 -7.25
C THR A 680 -28.40 20.93 -6.01
N PHE A 681 -27.83 20.32 -4.97
CA PHE A 681 -28.50 20.20 -3.68
C PHE A 681 -28.15 21.33 -2.73
N ASP A 682 -26.88 21.76 -2.71
CA ASP A 682 -26.48 22.92 -1.93
C ASP A 682 -25.33 23.60 -2.69
N LEU A 683 -25.67 24.59 -3.51
CA LEU A 683 -24.64 25.30 -4.28
C LEU A 683 -23.89 26.29 -3.40
N GLY A 684 -24.56 26.88 -2.41
CA GLY A 684 -23.88 27.77 -1.50
C GLY A 684 -22.77 27.07 -0.74
N GLY A 685 -22.99 25.81 -0.37
CA GLY A 685 -21.94 25.05 0.28
C GLY A 685 -20.74 24.85 -0.60
N LEU A 686 -20.97 24.55 -1.88
CA LEU A 686 -19.85 24.41 -2.82
C LEU A 686 -19.10 25.73 -2.98
N TYR A 687 -19.84 26.83 -3.08
CA TYR A 687 -19.19 28.13 -3.19
C TYR A 687 -18.34 28.43 -1.98
N GLU A 688 -18.87 28.18 -0.79
CA GLU A 688 -18.10 28.40 0.43
C GLU A 688 -16.88 27.50 0.48
N ALA A 689 -17.00 26.27 -0.03
CA ALA A 689 -15.85 25.38 -0.09
C ALA A 689 -14.77 25.91 -1.02
N ILE A 690 -15.17 26.50 -2.16
CA ILE A 690 -14.19 27.06 -3.08
C ILE A 690 -13.55 28.30 -2.48
N GLU A 691 -14.34 29.17 -1.87
CA GLU A 691 -13.84 30.47 -1.43
C GLU A 691 -12.92 30.37 -0.22
N GLU A 692 -12.95 29.26 0.51
CA GLU A 692 -12.08 29.11 1.67
C GLU A 692 -10.65 28.73 1.29
N CYS A 693 -10.41 28.34 0.04
CA CYS A 693 -9.06 28.01 -0.42
C CYS A 693 -8.28 29.24 -0.86
N LEU A 694 -8.94 30.35 -1.11
CA LEU A 694 -8.30 31.57 -1.61
C LEU A 694 -7.91 32.41 -0.40
N ILE A 695 -6.62 32.41 -0.05
CA ILE A 695 -6.17 33.14 1.13
C ILE A 695 -5.11 34.17 0.77
N ASN A 696 -3.93 33.72 0.34
CA ASN A 696 -2.85 34.64 0.01
C ASN A 696 -1.96 34.20 -1.14
N ASP A 697 -2.23 33.07 -1.78
CA ASP A 697 -1.30 32.61 -2.81
C ASP A 697 -1.59 33.35 -4.12
N PRO A 698 -0.60 34.03 -4.71
CA PRO A 698 -0.90 34.73 -5.98
C PRO A 698 -1.43 33.81 -7.07
N TRP A 699 -0.90 32.59 -7.17
CA TRP A 699 -1.29 31.71 -8.26
C TRP A 699 -2.75 31.29 -8.14
N VAL A 700 -3.18 30.90 -6.94
CA VAL A 700 -4.56 30.46 -6.78
C VAL A 700 -5.52 31.63 -6.96
N LEU A 701 -5.15 32.82 -6.50
CA LEU A 701 -6.00 33.97 -6.72
C LEU A 701 -6.11 34.31 -8.20
N LEU A 702 -5.01 34.20 -8.95
CA LEU A 702 -5.06 34.41 -10.39
C LEU A 702 -5.95 33.36 -11.05
N ASN A 703 -5.86 32.11 -10.59
CA ASN A 703 -6.73 31.06 -11.12
C ASN A 703 -8.19 31.37 -10.84
N ALA A 704 -8.50 31.88 -9.65
CA ALA A 704 -9.87 32.25 -9.32
C ALA A 704 -10.36 33.39 -10.19
N SER A 705 -9.50 34.38 -10.44
CA SER A 705 -9.88 35.47 -11.34
C SER A 705 -10.13 34.95 -12.74
N TRP A 706 -9.29 34.03 -13.21
CA TRP A 706 -9.52 33.39 -14.51
C TRP A 706 -10.84 32.65 -14.54
N PHE A 707 -11.18 31.96 -13.45
CA PHE A 707 -12.44 31.23 -13.39
C PHE A 707 -13.61 32.19 -13.44
N ASN A 708 -13.53 33.31 -12.74
CA ASN A 708 -14.60 34.31 -12.80
C ASN A 708 -14.75 34.85 -14.21
N SER A 709 -13.62 35.13 -14.89
CA SER A 709 -13.68 35.61 -16.26
C SER A 709 -14.31 34.56 -17.18
N PHE A 710 -13.96 33.29 -16.96
CA PHE A 710 -14.54 32.22 -17.78
C PHE A 710 -16.04 32.10 -17.56
N LEU A 711 -16.49 32.24 -16.31
CA LEU A 711 -17.92 32.24 -16.04
C LEU A 711 -18.60 33.42 -16.75
N THR A 712 -17.98 34.60 -16.67
CA THR A 712 -18.57 35.77 -17.31
C THR A 712 -18.68 35.57 -18.82
N HIS A 713 -17.64 35.05 -19.44
CA HIS A 713 -17.67 34.81 -20.89
C HIS A 713 -18.57 33.63 -21.23
N ALA A 714 -18.58 32.60 -20.40
CA ALA A 714 -19.51 31.50 -20.56
C ALA A 714 -20.89 31.94 -20.08
N LEU A 715 -21.85 31.02 -20.04
CA LEU A 715 -23.20 31.34 -19.59
C LEU A 715 -23.83 32.40 -20.49
N ARG A 716 -23.83 32.12 -21.78
CA ARG A 716 -24.39 33.05 -22.77
C ARG A 716 -25.09 32.29 -23.89
N MET B 1 -2.92 41.83 -24.61
CA MET B 1 -3.72 40.59 -24.41
C MET B 1 -3.22 39.83 -23.20
N ASP B 2 -4.17 39.40 -22.35
CA ASP B 2 -3.85 38.63 -21.16
C ASP B 2 -4.17 37.17 -21.40
N VAL B 3 -3.20 36.30 -21.16
CA VAL B 3 -3.37 34.86 -21.39
C VAL B 3 -4.17 34.27 -20.24
N ASN B 4 -5.11 33.38 -20.58
CA ASN B 4 -5.95 32.73 -19.59
C ASN B 4 -6.27 31.30 -20.03
N PRO B 5 -5.59 30.29 -19.49
CA PRO B 5 -5.87 28.92 -19.93
C PRO B 5 -7.29 28.47 -19.71
N THR B 6 -7.96 28.94 -18.66
CA THR B 6 -9.31 28.45 -18.37
C THR B 6 -10.27 28.72 -19.52
N LEU B 7 -10.06 29.83 -20.25
CA LEU B 7 -10.94 30.12 -21.38
C LEU B 7 -10.89 29.04 -22.44
N LEU B 8 -9.86 28.20 -22.41
CA LEU B 8 -9.79 27.06 -23.33
C LEU B 8 -11.01 26.17 -23.20
N PHE B 9 -11.67 26.16 -22.03
CA PHE B 9 -12.85 25.34 -21.85
C PHE B 9 -14.06 25.84 -22.64
N LEU B 10 -13.99 27.06 -23.19
CA LEU B 10 -15.09 27.56 -24.00
C LEU B 10 -15.18 26.88 -25.36
N LYS B 11 -14.11 26.22 -25.80
CA LYS B 11 -14.10 25.47 -27.05
C LYS B 11 -13.93 23.98 -26.84
N VAL B 12 -13.08 23.58 -25.90
CA VAL B 12 -12.88 22.17 -25.57
C VAL B 12 -13.75 21.84 -24.37
N PRO B 13 -14.64 20.84 -24.46
CA PRO B 13 -15.45 20.48 -23.28
C PRO B 13 -14.61 20.24 -22.04
N ALA B 14 -15.24 20.37 -20.87
CA ALA B 14 -14.48 20.31 -19.62
C ALA B 14 -13.78 18.97 -19.46
N GLN B 15 -14.47 17.87 -19.76
CA GLN B 15 -13.89 16.55 -19.56
C GLN B 15 -12.81 16.23 -20.58
N ASN B 16 -12.91 16.76 -21.79
CA ASN B 16 -11.88 16.52 -22.80
C ASN B 16 -10.57 17.23 -22.49
N ALA B 17 -10.56 18.17 -21.53
CA ALA B 17 -9.35 18.85 -21.12
C ALA B 17 -9.26 18.91 -19.60
N ILE B 18 -9.85 17.93 -18.91
CA ILE B 18 -9.85 17.93 -17.46
C ILE B 18 -8.46 17.79 -16.89
N SER B 19 -7.52 17.22 -17.66
CA SER B 19 -6.16 17.07 -17.16
C SER B 19 -5.55 18.39 -16.76
N THR B 20 -5.96 19.48 -17.42
CA THR B 20 -5.44 20.80 -17.08
C THR B 20 -5.83 21.25 -15.68
N THR B 21 -6.88 20.67 -15.10
CA THR B 21 -7.38 21.07 -13.79
C THR B 21 -6.80 20.24 -12.66
N PHE B 22 -5.67 19.55 -12.90
CA PHE B 22 -5.04 18.69 -11.90
C PHE B 22 -3.62 19.17 -11.68
N PRO B 23 -3.37 20.02 -10.67
CA PRO B 23 -2.01 20.53 -10.43
C PRO B 23 -1.12 19.51 -9.74
N TYR B 24 -0.87 18.40 -10.43
CA TYR B 24 -0.07 17.30 -9.89
C TYR B 24 1.38 17.37 -10.33
N THR B 25 1.87 18.57 -10.63
CA THR B 25 3.28 18.78 -10.96
C THR B 25 4.06 19.46 -9.84
N GLY B 26 3.41 19.75 -8.71
CA GLY B 26 4.06 20.40 -7.60
C GLY B 26 4.03 19.50 -6.36
N ASP B 27 4.70 19.97 -5.31
CA ASP B 27 4.78 19.19 -4.08
C ASP B 27 3.40 19.08 -3.45
N PRO B 28 2.93 17.88 -3.12
CA PRO B 28 1.64 17.75 -2.46
C PRO B 28 1.70 18.23 -1.03
N PRO B 29 0.58 18.61 -0.44
CA PRO B 29 0.61 19.10 0.96
C PRO B 29 1.05 18.02 1.92
N TYR B 30 1.82 18.43 2.93
CA TYR B 30 2.27 17.55 3.99
C TYR B 30 1.95 18.15 5.35
N SER B 31 1.69 17.28 6.32
CA SER B 31 1.60 17.70 7.70
C SER B 31 2.99 17.82 8.30
N HIS B 32 3.15 18.76 9.23
CA HIS B 32 4.45 19.09 9.81
C HIS B 32 4.62 18.58 11.23
N GLY B 33 3.60 18.69 12.07
CA GLY B 33 3.74 18.32 13.47
C GLY B 33 2.77 17.27 13.95
N THR B 34 2.24 17.46 15.15
CA THR B 34 1.38 16.48 15.77
C THR B 34 0.06 16.36 15.03
N GLY B 35 -0.55 15.18 15.13
CA GLY B 35 -1.88 14.94 14.63
C GLY B 35 -2.89 14.84 15.75
N THR B 36 -2.50 15.25 16.96
CA THR B 36 -3.40 15.15 18.10
C THR B 36 -4.63 16.03 17.93
N GLY B 37 -4.45 17.24 17.40
CA GLY B 37 -5.59 18.11 17.20
C GLY B 37 -6.63 17.48 16.28
N TYR B 38 -6.18 16.90 15.17
CA TYR B 38 -7.09 16.25 14.25
C TYR B 38 -7.77 15.05 14.89
N THR B 39 -7.04 14.27 15.68
CA THR B 39 -7.63 13.12 16.35
C THR B 39 -8.74 13.56 17.31
N MET B 40 -8.45 14.59 18.12
CA MET B 40 -9.45 15.09 19.05
C MET B 40 -10.66 15.64 18.31
N ASP B 41 -10.42 16.38 17.23
CA ASP B 41 -11.53 16.93 16.46
C ASP B 41 -12.39 15.82 15.87
N THR B 42 -11.76 14.77 15.35
CA THR B 42 -12.52 13.66 14.78
C THR B 42 -13.33 12.94 15.87
N VAL B 43 -12.73 12.73 17.04
CA VAL B 43 -13.47 12.07 18.12
C VAL B 43 -14.67 12.90 18.53
N ASN B 44 -14.48 14.20 18.72
CA ASN B 44 -15.59 15.05 19.14
C ASN B 44 -16.67 15.09 18.05
N ARG B 45 -16.26 15.19 16.79
CA ARG B 45 -17.23 15.24 15.70
C ARG B 45 -18.03 13.94 15.61
N THR B 46 -17.36 12.80 15.75
CA THR B 46 -18.05 11.52 15.74
C THR B 46 -19.02 11.41 16.90
N HIS B 47 -18.64 11.93 18.07
CA HIS B 47 -19.52 11.83 19.24
C HIS B 47 -20.69 12.81 19.19
N GLN B 48 -20.55 13.94 18.49
CA GLN B 48 -21.62 14.93 18.46
C GLN B 48 -22.58 14.72 17.30
N TYR B 49 -22.19 13.95 16.28
CA TYR B 49 -23.15 13.52 15.27
C TYR B 49 -24.12 12.48 15.82
N SER B 50 -23.86 11.92 17.00
CA SER B 50 -24.70 10.92 17.63
C SER B 50 -25.07 11.33 19.04
N GLU B 51 -25.15 12.64 19.29
CA GLU B 51 -25.35 13.15 20.64
C GLU B 51 -26.65 12.66 21.24
N LYS B 52 -27.69 12.46 20.43
CA LYS B 52 -29.00 12.10 20.94
C LYS B 52 -29.13 10.62 21.27
N GLY B 53 -28.04 9.86 21.21
CA GLY B 53 -28.08 8.46 21.60
C GLY B 53 -28.20 8.31 23.10
N ARG B 54 -27.79 7.17 23.64
CA ARG B 54 -27.83 6.92 25.07
C ARG B 54 -26.45 6.56 25.57
N TRP B 55 -26.11 7.06 26.76
CA TRP B 55 -24.79 6.90 27.34
C TRP B 55 -24.76 5.70 28.28
N THR B 56 -23.62 5.01 28.31
CA THR B 56 -23.40 3.92 29.23
C THR B 56 -21.93 3.90 29.61
N THR B 57 -21.59 3.12 30.63
CA THR B 57 -20.21 2.95 31.07
C THR B 57 -19.88 1.46 31.04
N ASN B 58 -18.90 1.09 30.23
CA ASN B 58 -18.51 -0.31 30.13
C ASN B 58 -17.99 -0.80 31.48
N THR B 59 -18.47 -1.98 31.89
CA THR B 59 -18.06 -2.55 33.16
C THR B 59 -16.65 -3.12 33.12
N GLU B 60 -16.12 -3.41 31.94
CA GLU B 60 -14.77 -3.95 31.81
C GLU B 60 -13.73 -2.84 31.65
N THR B 61 -13.89 -1.99 30.63
CA THR B 61 -12.94 -0.91 30.38
C THR B 61 -13.26 0.35 31.17
N GLY B 62 -14.46 0.47 31.74
CA GLY B 62 -14.80 1.64 32.51
C GLY B 62 -14.89 2.91 31.71
N ALA B 63 -14.98 2.81 30.37
CA ALA B 63 -15.02 3.99 29.53
C ALA B 63 -16.45 4.34 29.15
N PRO B 64 -16.76 5.62 28.96
CA PRO B 64 -18.12 6.01 28.53
C PRO B 64 -18.31 5.73 27.04
N GLN B 65 -19.43 5.09 26.72
CA GLN B 65 -19.77 4.72 25.36
C GLN B 65 -21.15 5.26 25.02
N LEU B 66 -21.32 5.67 23.76
CA LEU B 66 -22.55 6.28 23.28
C LEU B 66 -23.17 5.38 22.22
N ASN B 67 -24.41 4.94 22.47
CA ASN B 67 -25.12 4.07 21.54
C ASN B 67 -26.26 4.86 20.90
N PRO B 68 -26.16 5.21 19.60
CA PRO B 68 -27.25 5.96 18.97
C PRO B 68 -28.23 5.07 18.22
N ILE B 69 -27.91 3.77 18.11
CA ILE B 69 -28.74 2.89 17.31
C ILE B 69 -30.17 2.92 17.83
N ASP B 70 -31.13 2.88 16.91
CA ASP B 70 -32.55 2.99 17.23
C ASP B 70 -32.88 4.29 17.96
N GLY B 71 -32.05 5.32 17.79
CA GLY B 71 -32.30 6.59 18.39
C GLY B 71 -33.35 7.37 17.63
N PRO B 72 -33.63 8.59 18.08
CA PRO B 72 -34.65 9.40 17.42
C PRO B 72 -34.30 9.64 15.96
N LEU B 73 -35.32 9.62 15.12
CA LEU B 73 -35.12 9.83 13.70
C LEU B 73 -34.65 11.27 13.45
N PRO B 74 -33.76 11.48 12.49
CA PRO B 74 -33.28 12.84 12.23
C PRO B 74 -34.39 13.74 11.73
N GLU B 75 -34.34 15.00 12.13
CA GLU B 75 -35.29 16.02 11.69
C GLU B 75 -34.62 17.12 10.89
N ASP B 76 -33.35 16.94 10.50
CA ASP B 76 -32.63 17.91 9.70
C ASP B 76 -31.68 17.17 8.76
N ASN B 77 -31.14 17.89 7.79
CA ASN B 77 -30.27 17.31 6.78
C ASN B 77 -28.81 17.21 7.24
N GLU B 78 -28.53 17.55 8.50
CA GLU B 78 -27.18 17.43 9.01
C GLU B 78 -26.79 15.96 9.15
N PRO B 79 -25.50 15.66 9.19
CA PRO B 79 -25.09 14.25 9.33
C PRO B 79 -25.63 13.66 10.62
N SER B 80 -26.02 12.38 10.55
CA SER B 80 -26.62 11.70 11.68
C SER B 80 -26.18 10.24 11.65
N GLY B 81 -25.84 9.70 12.83
CA GLY B 81 -25.44 8.31 12.94
C GLY B 81 -26.50 7.45 13.61
N TYR B 82 -27.74 7.90 13.59
CA TYR B 82 -28.84 7.19 14.24
C TYR B 82 -29.42 6.15 13.28
N ALA B 83 -28.65 5.09 13.06
CA ALA B 83 -29.10 3.98 12.24
C ALA B 83 -30.12 3.14 12.99
N GLN B 84 -31.08 2.60 12.27
CA GLN B 84 -32.16 1.80 12.85
C GLN B 84 -31.90 0.33 12.57
N THR B 85 -31.89 -0.49 13.63
CA THR B 85 -31.54 -1.89 13.48
C THR B 85 -32.51 -2.61 12.54
N ASP B 86 -33.81 -2.39 12.72
CA ASP B 86 -34.80 -3.09 11.91
C ASP B 86 -34.66 -2.72 10.44
N CYS B 87 -34.44 -1.44 10.14
CA CYS B 87 -34.31 -1.02 8.75
C CYS B 87 -33.13 -1.70 8.08
N VAL B 88 -31.98 -1.76 8.75
CA VAL B 88 -30.79 -2.35 8.14
C VAL B 88 -30.96 -3.86 8.02
N LEU B 89 -31.57 -4.50 9.01
CA LEU B 89 -31.85 -5.93 8.88
C LEU B 89 -32.76 -6.20 7.70
N GLU B 90 -33.78 -5.35 7.50
CA GLU B 90 -34.66 -5.51 6.35
C GLU B 90 -33.92 -5.28 5.04
N ALA B 91 -33.02 -4.30 5.01
CA ALA B 91 -32.22 -4.07 3.81
C ALA B 91 -31.37 -5.28 3.47
N MET B 92 -30.73 -5.87 4.48
CA MET B 92 -29.93 -7.07 4.26
C MET B 92 -30.81 -8.23 3.81
N ALA B 93 -32.01 -8.35 4.37
CA ALA B 93 -32.93 -9.40 3.96
C ALA B 93 -33.33 -9.24 2.50
N PHE B 94 -33.62 -8.02 2.07
CA PHE B 94 -33.94 -7.78 0.66
C PHE B 94 -32.72 -8.06 -0.22
N LEU B 95 -31.53 -7.71 0.24
CA LEU B 95 -30.31 -8.04 -0.50
C LEU B 95 -30.20 -9.55 -0.69
N GLU B 96 -30.47 -10.31 0.36
CA GLU B 96 -30.44 -11.76 0.25
C GLU B 96 -31.50 -12.27 -0.72
N GLU B 97 -32.71 -11.71 -0.63
CA GLU B 97 -33.80 -12.16 -1.49
C GLU B 97 -33.48 -11.92 -2.96
N SER B 98 -32.93 -10.75 -3.28
CA SER B 98 -32.56 -10.47 -4.66
C SER B 98 -31.37 -11.30 -5.12
N HIS B 99 -30.56 -11.81 -4.19
CA HIS B 99 -29.40 -12.64 -4.51
C HIS B 99 -29.42 -13.86 -3.62
N PRO B 100 -30.32 -14.80 -3.86
CA PRO B 100 -30.42 -15.97 -2.98
C PRO B 100 -29.12 -16.77 -2.97
N GLY B 101 -28.80 -17.32 -1.80
CA GLY B 101 -27.61 -18.13 -1.63
C GLY B 101 -26.31 -17.36 -1.48
N ILE B 102 -26.36 -16.02 -1.47
CA ILE B 102 -25.14 -15.23 -1.36
C ILE B 102 -24.48 -15.44 -0.01
N PHE B 103 -25.24 -15.24 1.07
CA PHE B 103 -24.66 -15.30 2.41
C PHE B 103 -24.18 -16.70 2.74
N GLU B 104 -24.98 -17.73 2.43
CA GLU B 104 -24.60 -19.09 2.78
C GLU B 104 -23.31 -19.48 2.07
N ASN B 105 -23.24 -19.23 0.77
CA ASN B 105 -22.01 -19.57 0.05
C ASN B 105 -20.83 -18.81 0.63
N SER B 106 -20.94 -17.47 0.70
CA SER B 106 -19.81 -16.68 1.17
C SER B 106 -19.34 -17.15 2.52
N CYS B 107 -20.28 -17.51 3.41
CA CYS B 107 -19.91 -18.04 4.70
C CYS B 107 -19.20 -19.37 4.57
N LEU B 108 -19.59 -20.21 3.60
CA LEU B 108 -18.90 -21.49 3.41
C LEU B 108 -17.44 -21.29 3.03
N GLU B 109 -17.18 -20.46 2.00
CA GLU B 109 -15.78 -20.23 1.64
C GLU B 109 -15.02 -19.54 2.78
N THR B 110 -15.66 -18.60 3.48
CA THR B 110 -14.98 -17.95 4.60
C THR B 110 -14.65 -18.95 5.69
N MET B 111 -15.55 -19.90 5.96
CA MET B 111 -15.28 -20.93 6.96
C MET B 111 -14.10 -21.79 6.55
N GLU B 112 -14.05 -22.18 5.28
CA GLU B 112 -12.90 -22.92 4.77
C GLU B 112 -11.61 -22.14 5.03
N VAL B 113 -11.60 -20.87 4.63
CA VAL B 113 -10.37 -20.07 4.75
C VAL B 113 -9.98 -19.90 6.21
N VAL B 114 -10.95 -19.61 7.07
CA VAL B 114 -10.64 -19.39 8.50
C VAL B 114 -10.06 -20.65 9.12
N GLN B 115 -10.63 -21.81 8.79
CA GLN B 115 -10.14 -23.03 9.43
C GLN B 115 -8.89 -23.58 8.75
N GLN B 116 -8.47 -23.04 7.60
CA GLN B 116 -7.20 -23.42 7.01
C GLN B 116 -6.18 -22.28 6.99
N THR B 117 -6.53 -21.10 7.48
CA THR B 117 -5.59 -19.99 7.48
C THR B 117 -4.49 -20.22 8.51
N ARG B 118 -3.32 -19.61 8.26
CA ARG B 118 -2.15 -19.73 9.11
C ARG B 118 -1.87 -18.40 9.79
N VAL B 119 -0.99 -18.44 10.78
CA VAL B 119 -0.62 -17.23 11.52
C VAL B 119 0.21 -16.30 10.64
N ASP B 120 1.09 -16.86 9.82
CA ASP B 120 2.02 -16.04 9.04
C ASP B 120 1.30 -15.05 8.14
N LYS B 121 0.04 -15.30 7.82
CA LYS B 121 -0.70 -14.36 6.98
C LYS B 121 -0.79 -12.98 7.61
N LEU B 122 -0.64 -12.88 8.93
CA LEU B 122 -0.66 -11.57 9.59
C LEU B 122 0.61 -10.77 9.34
N THR B 123 1.70 -11.43 8.94
CA THR B 123 2.94 -10.69 8.68
C THR B 123 2.84 -9.89 7.39
N GLN B 124 1.94 -10.27 6.48
CA GLN B 124 1.78 -9.58 5.20
C GLN B 124 0.90 -8.34 5.39
N GLY B 125 1.41 -7.41 6.19
CA GLY B 125 0.70 -6.17 6.45
C GLY B 125 1.68 -5.05 6.77
N ARG B 126 1.20 -3.83 6.56
CA ARG B 126 2.02 -2.65 6.83
C ARG B 126 1.96 -2.29 8.31
N GLN B 127 2.44 -1.10 8.67
CA GLN B 127 2.61 -0.73 10.07
C GLN B 127 1.39 -1.11 10.89
N THR B 128 1.65 -1.65 12.09
CA THR B 128 0.61 -1.98 13.04
C THR B 128 1.04 -1.50 14.42
N TYR B 129 0.05 -1.19 15.26
CA TYR B 129 0.31 -0.62 16.57
C TYR B 129 0.67 -1.74 17.55
N ASP B 130 1.97 -1.90 17.82
CA ASP B 130 2.41 -2.84 18.84
C ASP B 130 2.14 -2.24 20.21
N TRP B 131 1.38 -2.98 21.03
CA TRP B 131 1.07 -2.56 22.39
C TRP B 131 2.19 -2.92 23.38
N THR B 132 3.08 -3.84 23.01
CA THR B 132 4.19 -4.16 23.89
C THR B 132 5.09 -2.95 24.09
N LEU B 133 5.19 -2.09 23.08
CA LEU B 133 5.99 -0.88 23.15
C LEU B 133 5.15 0.39 23.00
N ASN B 134 3.85 0.26 22.76
CA ASN B 134 2.97 1.42 22.57
C ASN B 134 3.44 2.28 21.40
N ARG B 135 3.66 1.64 20.26
CA ARG B 135 4.14 2.39 19.10
C ARG B 135 3.90 1.58 17.84
N ASN B 136 3.92 2.26 16.69
CA ASN B 136 3.75 1.60 15.42
C ASN B 136 5.04 0.90 15.00
N GLN B 137 4.92 -0.35 14.59
CA GLN B 137 6.05 -1.15 14.16
C GLN B 137 5.59 -2.04 13.02
N PRO B 138 6.52 -2.59 12.24
CA PRO B 138 6.13 -3.47 11.14
C PRO B 138 5.31 -4.66 11.65
N ALA B 139 4.38 -5.13 10.81
CA ALA B 139 3.45 -6.16 11.23
C ALA B 139 4.17 -7.38 11.79
N ALA B 140 5.23 -7.82 11.11
CA ALA B 140 5.96 -9.00 11.57
C ALA B 140 6.56 -8.77 12.94
N THR B 141 7.16 -7.60 13.16
CA THR B 141 7.77 -7.32 14.46
C THR B 141 6.75 -7.32 15.58
N ALA B 142 5.61 -6.66 15.35
CA ALA B 142 4.57 -6.62 16.37
C ALA B 142 4.03 -8.01 16.65
N LEU B 143 3.80 -8.80 15.60
CA LEU B 143 3.31 -10.16 15.79
C LEU B 143 4.30 -10.98 16.61
N ALA B 144 5.59 -10.86 16.29
CA ALA B 144 6.60 -11.61 17.03
C ALA B 144 6.63 -11.19 18.50
N ASN B 145 6.56 -9.89 18.76
CA ASN B 145 6.58 -9.42 20.14
C ASN B 145 5.37 -9.92 20.92
N THR B 146 4.18 -9.85 20.30
CA THR B 146 2.99 -10.32 20.99
C THR B 146 3.05 -11.82 21.24
N ILE B 147 3.56 -12.59 20.27
CA ILE B 147 3.68 -14.03 20.46
C ILE B 147 4.65 -14.33 21.60
N GLU B 148 5.76 -13.60 21.65
CA GLU B 148 6.73 -13.80 22.72
C GLU B 148 6.10 -13.50 24.08
N VAL B 149 5.36 -12.41 24.18
CA VAL B 149 4.73 -12.05 25.45
C VAL B 149 3.71 -13.11 25.85
N PHE B 150 2.90 -13.58 24.89
CA PHE B 150 1.91 -14.60 25.19
C PHE B 150 2.58 -15.87 25.69
N ARG B 151 3.63 -16.31 25.00
CA ARG B 151 4.34 -17.51 25.42
C ARG B 151 4.96 -17.33 26.81
N SER B 152 5.48 -16.14 27.10
CA SER B 152 6.01 -15.88 28.43
C SER B 152 4.92 -15.88 29.49
N ASN B 153 3.69 -15.52 29.12
CA ASN B 153 2.59 -15.49 30.09
C ASN B 153 1.87 -16.82 30.22
N GLY B 154 2.13 -17.77 29.33
CA GLY B 154 1.52 -19.09 29.39
C GLY B 154 0.51 -19.38 28.30
N LEU B 155 0.32 -18.50 27.32
CA LEU B 155 -0.61 -18.74 26.23
C LEU B 155 0.19 -19.23 25.03
N THR B 156 0.22 -20.55 24.85
CA THR B 156 1.05 -21.19 23.84
C THR B 156 0.24 -22.01 22.85
N ALA B 157 -1.07 -21.73 22.75
CA ALA B 157 -1.87 -22.42 21.75
C ALA B 157 -1.48 -22.00 20.34
N ASN B 158 -0.96 -20.78 20.18
CA ASN B 158 -0.53 -20.33 18.86
C ASN B 158 0.60 -21.17 18.31
N GLU B 159 1.25 -21.98 19.15
CA GLU B 159 2.27 -22.90 18.65
C GLU B 159 1.68 -23.92 17.69
N SER B 160 0.35 -24.09 17.68
CA SER B 160 -0.29 -24.93 16.68
C SER B 160 -0.12 -24.38 15.27
N GLY B 161 0.29 -23.12 15.13
CA GLY B 161 0.51 -22.54 13.82
C GLY B 161 -0.74 -22.15 13.08
N ARG B 162 -1.85 -22.02 13.79
CA ARG B 162 -3.14 -21.68 13.19
C ARG B 162 -3.59 -20.32 13.68
N LEU B 163 -4.08 -19.49 12.74
CA LEU B 163 -4.58 -18.18 13.13
C LEU B 163 -5.77 -18.27 14.06
N ILE B 164 -6.62 -19.28 13.88
CA ILE B 164 -7.76 -19.46 14.78
C ILE B 164 -7.27 -19.74 16.20
N ASP B 165 -6.21 -20.54 16.34
CA ASP B 165 -5.64 -20.79 17.66
C ASP B 165 -5.01 -19.52 18.23
N PHE B 166 -4.38 -18.71 17.39
CA PHE B 166 -3.84 -17.44 17.87
C PHE B 166 -4.95 -16.55 18.40
N LEU B 167 -6.09 -16.50 17.71
CA LEU B 167 -7.22 -15.71 18.21
C LEU B 167 -7.80 -16.31 19.49
N LYS B 168 -7.81 -17.64 19.60
CA LYS B 168 -8.24 -18.26 20.85
C LYS B 168 -7.35 -17.82 22.01
N ASP B 169 -6.04 -17.82 21.78
CA ASP B 169 -5.12 -17.33 22.82
C ASP B 169 -5.35 -15.86 23.11
N VAL B 170 -5.61 -15.07 22.07
CA VAL B 170 -5.85 -13.64 22.26
C VAL B 170 -7.05 -13.43 23.18
N MET B 171 -8.15 -14.13 22.90
CA MET B 171 -9.33 -14.00 23.75
C MET B 171 -9.07 -14.50 25.15
N GLU B 172 -8.36 -15.64 25.29
CA GLU B 172 -8.05 -16.13 26.61
C GLU B 172 -7.22 -15.14 27.40
N SER B 173 -6.38 -14.35 26.73
CA SER B 173 -5.59 -13.33 27.41
C SER B 173 -6.49 -12.28 28.06
N MET B 174 -7.69 -12.09 27.53
CA MET B 174 -8.59 -11.07 28.06
C MET B 174 -9.04 -11.40 29.48
N ASP B 175 -9.00 -12.67 29.88
CA ASP B 175 -9.49 -13.11 31.18
C ASP B 175 -8.37 -13.36 32.17
N LYS B 176 -7.18 -12.80 31.94
CA LYS B 176 -6.04 -13.01 32.81
C LYS B 176 -5.95 -11.88 33.84
N GLU B 177 -5.53 -12.23 35.05
CA GLU B 177 -5.46 -11.24 36.12
C GLU B 177 -4.27 -10.30 35.95
N GLU B 178 -3.15 -10.80 35.43
CA GLU B 178 -1.93 -10.00 35.41
C GLU B 178 -1.02 -10.55 34.31
N MET B 179 -0.75 -9.73 33.29
CA MET B 179 0.23 -10.07 32.27
C MET B 179 1.52 -9.31 32.53
N GLU B 180 2.57 -9.69 31.81
CA GLU B 180 3.89 -9.09 31.98
C GLU B 180 4.45 -8.69 30.63
N ILE B 181 5.05 -7.50 30.57
CA ILE B 181 5.65 -6.96 29.36
C ILE B 181 7.09 -6.54 29.68
N THR B 182 7.86 -6.30 28.62
CA THR B 182 9.26 -5.94 28.71
C THR B 182 9.46 -4.53 28.19
N THR B 183 10.29 -3.74 28.88
CA THR B 183 10.61 -2.40 28.43
C THR B 183 12.09 -2.14 28.59
N HIS B 184 12.68 -1.44 27.62
CA HIS B 184 14.09 -1.09 27.65
C HIS B 184 14.25 0.42 27.83
N PHE B 185 15.25 0.79 28.62
CA PHE B 185 15.53 2.21 28.89
C PHE B 185 17.01 2.42 29.13
N LYS B 207 16.83 -4.52 30.95
CA LYS B 207 15.40 -4.55 30.64
C LYS B 207 14.57 -4.68 31.92
N LYS B 208 13.39 -4.08 31.92
CA LYS B 208 12.49 -4.07 33.06
C LYS B 208 11.22 -4.83 32.73
N LYS B 209 10.81 -5.71 33.64
CA LYS B 209 9.56 -6.45 33.51
C LYS B 209 8.47 -5.68 34.25
N GLN B 210 7.41 -5.31 33.53
CA GLN B 210 6.31 -4.55 34.10
C GLN B 210 5.04 -5.39 34.04
N ARG B 211 4.19 -5.21 35.04
CA ARG B 211 2.95 -5.98 35.16
C ARG B 211 1.75 -5.12 34.79
N LEU B 212 0.91 -5.66 33.90
CA LEU B 212 -0.30 -5.01 33.44
C LEU B 212 -1.51 -5.76 34.00
N ASN B 213 -2.38 -5.02 34.68
CA ASN B 213 -3.59 -5.61 35.23
C ASN B 213 -4.60 -5.88 34.11
N LYS B 214 -5.78 -6.35 34.50
CA LYS B 214 -6.78 -6.73 33.50
C LYS B 214 -7.23 -5.52 32.69
N ARG B 215 -7.65 -4.45 33.37
CA ARG B 215 -8.23 -3.31 32.66
C ARG B 215 -7.19 -2.64 31.76
N SER B 216 -5.96 -2.49 32.25
CA SER B 216 -4.93 -1.84 31.44
C SER B 216 -4.66 -2.64 30.17
N TYR B 217 -4.57 -3.96 30.29
CA TYR B 217 -4.36 -4.78 29.10
C TYR B 217 -5.56 -4.74 28.17
N LEU B 218 -6.77 -4.71 28.72
CA LEU B 218 -7.95 -4.58 27.87
C LEU B 218 -7.89 -3.31 27.04
N ILE B 219 -7.57 -2.19 27.69
CA ILE B 219 -7.48 -0.92 26.96
C ILE B 219 -6.33 -0.93 25.97
N ARG B 220 -5.21 -1.57 26.30
CA ARG B 220 -4.09 -1.65 25.37
C ARG B 220 -4.41 -2.52 24.17
N ALA B 221 -5.27 -3.51 24.33
CA ALA B 221 -5.67 -4.36 23.22
C ALA B 221 -6.81 -3.76 22.41
N LEU B 222 -7.60 -2.86 22.99
CA LEU B 222 -8.72 -2.23 22.31
C LEU B 222 -8.38 -0.86 21.74
N THR B 223 -7.13 -0.43 21.80
CA THR B 223 -6.76 0.93 21.43
C THR B 223 -6.24 0.99 19.99
N LEU B 224 -6.29 2.19 19.42
CA LEU B 224 -5.81 2.47 18.08
C LEU B 224 -4.79 3.58 18.13
N ASN B 225 -3.83 3.57 17.21
CA ASN B 225 -2.82 4.61 17.12
C ASN B 225 -3.18 5.58 15.99
N THR B 226 -3.16 6.87 16.29
CA THR B 226 -3.59 7.89 15.35
C THR B 226 -2.39 8.65 14.79
N MET B 227 -2.40 8.86 13.48
CA MET B 227 -1.36 9.61 12.80
C MET B 227 -2.02 10.56 11.81
N THR B 228 -1.20 11.42 11.20
CA THR B 228 -1.67 12.38 10.22
C THR B 228 -1.31 11.89 8.82
N LYS B 229 -2.27 11.95 7.90
CA LYS B 229 -2.07 11.45 6.55
C LYS B 229 -1.38 12.53 5.71
N ASP B 230 -0.25 12.18 5.13
CA ASP B 230 0.52 13.09 4.28
C ASP B 230 0.38 12.67 2.82
N ALA B 231 0.82 13.55 1.93
CA ALA B 231 0.76 13.31 0.49
C ALA B 231 -0.69 13.08 0.04
N GLU B 232 -1.61 13.86 0.60
CA GLU B 232 -3.03 13.77 0.27
C GLU B 232 -3.41 14.98 -0.56
N ARG B 233 -3.65 14.74 -1.86
CA ARG B 233 -3.94 15.81 -2.80
C ARG B 233 -5.45 15.94 -2.99
N GLY B 234 -5.94 17.17 -2.93
CA GLY B 234 -7.33 17.44 -3.26
C GLY B 234 -8.14 18.06 -2.14
N LYS B 235 -7.46 18.61 -1.13
CA LYS B 235 -8.18 19.26 -0.04
C LYS B 235 -7.22 20.17 0.72
N LEU B 236 -7.77 21.26 1.25
CA LEU B 236 -6.97 22.26 1.95
C LEU B 236 -6.57 21.81 3.34
N LYS B 237 -7.43 21.06 4.02
CA LYS B 237 -7.20 20.68 5.41
C LYS B 237 -6.65 19.25 5.49
N ARG B 238 -5.85 19.01 6.52
CA ARG B 238 -5.30 17.69 6.78
C ARG B 238 -6.30 16.85 7.58
N ARG B 239 -6.14 15.53 7.47
CA ARG B 239 -7.00 14.58 8.16
C ARG B 239 -6.15 13.64 9.00
N ALA B 240 -6.83 12.85 9.83
CA ALA B 240 -6.19 11.87 10.69
C ALA B 240 -6.60 10.46 10.28
N ILE B 241 -5.68 9.52 10.43
CA ILE B 241 -5.93 8.12 10.13
C ILE B 241 -5.50 7.28 11.33
N ALA B 242 -5.97 6.04 11.36
CA ALA B 242 -5.77 5.17 12.50
C ALA B 242 -5.19 3.83 12.08
N THR B 243 -4.48 3.21 13.01
CA THR B 243 -3.86 1.91 12.82
C THR B 243 -4.19 1.04 14.04
N PRO B 244 -4.79 -0.13 13.86
CA PRO B 244 -5.14 -0.96 15.00
C PRO B 244 -3.98 -1.83 15.45
N GLY B 245 -4.21 -2.57 16.53
CA GLY B 245 -3.22 -3.45 17.10
C GLY B 245 -3.16 -4.79 16.38
N MET B 246 -2.51 -5.75 17.02
CA MET B 246 -2.35 -7.09 16.47
C MET B 246 -3.37 -8.09 17.00
N GLN B 247 -3.96 -7.83 18.17
CA GLN B 247 -4.96 -8.75 18.70
C GLN B 247 -6.22 -8.76 17.84
N ILE B 248 -6.54 -7.63 17.21
CA ILE B 248 -7.81 -7.47 16.50
C ILE B 248 -7.66 -7.63 14.99
N ARG B 249 -6.44 -7.77 14.48
CA ARG B 249 -6.24 -7.83 13.04
C ARG B 249 -6.66 -9.17 12.44
N GLY B 250 -6.59 -10.27 13.19
CA GLY B 250 -7.05 -11.54 12.66
C GLY B 250 -8.55 -11.56 12.42
N PHE B 251 -9.32 -11.07 13.40
CA PHE B 251 -10.76 -10.98 13.23
C PHE B 251 -11.10 -10.06 12.07
N VAL B 252 -10.39 -8.95 11.95
CA VAL B 252 -10.61 -8.03 10.83
C VAL B 252 -10.30 -8.73 9.51
N TYR B 253 -9.23 -9.53 9.47
CA TYR B 253 -8.90 -10.25 8.26
C TYR B 253 -10.02 -11.21 7.86
N PHE B 254 -10.55 -11.96 8.83
CA PHE B 254 -11.63 -12.89 8.52
C PHE B 254 -12.89 -12.17 8.06
N VAL B 255 -13.24 -11.07 8.75
CA VAL B 255 -14.44 -10.32 8.39
C VAL B 255 -14.30 -9.73 6.99
N GLU B 256 -13.13 -9.20 6.67
CA GLU B 256 -12.92 -8.64 5.34
C GLU B 256 -12.86 -9.72 4.28
N THR B 257 -12.39 -10.92 4.62
CA THR B 257 -12.47 -12.04 3.68
C THR B 257 -13.92 -12.35 3.35
N LEU B 258 -14.78 -12.41 4.39
CA LEU B 258 -16.19 -12.66 4.14
C LEU B 258 -16.80 -11.54 3.29
N ALA B 259 -16.49 -10.29 3.63
CA ALA B 259 -17.07 -9.17 2.89
C ALA B 259 -16.60 -9.16 1.45
N ARG B 260 -15.34 -9.49 1.19
CA ARG B 260 -14.85 -9.56 -0.18
C ARG B 260 -15.53 -10.68 -0.94
N SER B 261 -15.68 -11.85 -0.30
CA SER B 261 -16.38 -12.94 -0.97
C SER B 261 -17.82 -12.55 -1.29
N ILE B 262 -18.45 -11.76 -0.43
CA ILE B 262 -19.81 -11.32 -0.68
C ILE B 262 -19.84 -10.32 -1.84
N CYS B 263 -19.00 -9.28 -1.77
CA CYS B 263 -19.02 -8.24 -2.79
C CYS B 263 -18.64 -8.78 -4.16
N GLU B 264 -17.79 -9.80 -4.22
CA GLU B 264 -17.45 -10.39 -5.51
C GLU B 264 -18.68 -10.96 -6.22
N LYS B 265 -19.75 -11.26 -5.47
CA LYS B 265 -20.99 -11.75 -6.03
C LYS B 265 -21.98 -10.62 -6.32
N LEU B 266 -21.61 -9.37 -6.05
CA LEU B 266 -22.47 -8.21 -6.29
C LEU B 266 -21.86 -7.38 -7.42
N GLU B 267 -22.63 -7.19 -8.49
CA GLU B 267 -22.16 -6.37 -9.60
C GLU B 267 -22.28 -4.88 -9.32
N GLN B 268 -23.05 -4.48 -8.31
CA GLN B 268 -23.19 -3.07 -7.97
C GLN B 268 -22.02 -2.55 -7.14
N SER B 269 -21.18 -3.44 -6.62
CA SER B 269 -20.01 -3.04 -5.85
C SER B 269 -18.82 -2.84 -6.78
N GLY B 270 -17.91 -1.94 -6.39
CA GLY B 270 -16.75 -1.66 -7.20
C GLY B 270 -15.48 -1.51 -6.38
N LEU B 271 -15.53 -1.92 -5.12
CA LEU B 271 -14.40 -1.78 -4.21
C LEU B 271 -13.36 -2.89 -4.42
N PRO B 272 -13.76 -4.16 -4.53
CA PRO B 272 -12.78 -5.23 -4.68
C PRO B 272 -12.22 -5.41 -6.08
N VAL B 273 -12.46 -4.47 -6.99
CA VAL B 273 -11.95 -4.56 -8.35
C VAL B 273 -10.96 -3.44 -8.61
N GLY B 274 -10.37 -3.42 -9.81
CA GLY B 274 -9.46 -2.38 -10.20
C GLY B 274 -10.16 -1.19 -10.82
N GLY B 275 -9.38 -0.36 -11.51
CA GLY B 275 -9.95 0.83 -12.13
C GLY B 275 -10.67 0.52 -13.43
N ASN B 276 -10.04 -0.29 -14.29
CA ASN B 276 -10.66 -0.59 -15.59
C ASN B 276 -11.96 -1.36 -15.40
N GLU B 277 -11.98 -2.29 -14.44
CA GLU B 277 -13.23 -3.00 -14.13
C GLU B 277 -14.29 -2.02 -13.63
N LYS B 278 -13.86 -1.05 -12.83
CA LYS B 278 -14.79 -0.02 -12.36
C LYS B 278 -15.40 0.73 -13.53
N LYS B 279 -14.57 1.13 -14.50
CA LYS B 279 -15.08 1.84 -15.67
C LYS B 279 -16.03 0.96 -16.47
N ALA B 280 -15.67 -0.31 -16.65
CA ALA B 280 -16.53 -1.21 -17.41
C ALA B 280 -17.89 -1.36 -16.75
N LYS B 281 -17.91 -1.54 -15.43
CA LYS B 281 -19.18 -1.69 -14.72
C LYS B 281 -19.99 -0.40 -14.78
N LEU B 282 -19.33 0.76 -14.67
CA LEU B 282 -20.05 2.02 -14.78
C LEU B 282 -20.69 2.17 -16.15
N ALA B 283 -19.95 1.86 -17.20
CA ALA B 283 -20.52 1.93 -18.55
C ALA B 283 -21.69 0.98 -18.69
N ASN B 284 -21.54 -0.25 -18.18
CA ASN B 284 -22.63 -1.22 -18.29
C ASN B 284 -23.87 -0.73 -17.57
N VAL B 285 -23.72 -0.19 -16.36
CA VAL B 285 -24.90 0.23 -15.60
C VAL B 285 -25.56 1.43 -16.25
N VAL B 286 -24.77 2.40 -16.74
CA VAL B 286 -25.40 3.54 -17.39
C VAL B 286 -26.14 3.11 -18.65
N ARG B 287 -25.54 2.23 -19.45
CA ARG B 287 -26.21 1.76 -20.66
C ARG B 287 -27.47 1.00 -20.30
N LYS B 288 -27.42 0.15 -19.27
CA LYS B 288 -28.60 -0.60 -18.86
C LYS B 288 -29.72 0.34 -18.42
N MET B 289 -29.39 1.35 -17.62
CA MET B 289 -30.42 2.23 -17.08
C MET B 289 -31.02 3.10 -18.18
N MET B 290 -30.18 3.70 -19.03
CA MET B 290 -30.69 4.61 -20.04
C MET B 290 -31.36 3.85 -21.19
N THR B 291 -30.74 2.75 -21.64
CA THR B 291 -31.27 2.02 -22.79
C THR B 291 -32.64 1.43 -22.48
N ASN B 292 -32.79 0.80 -21.32
CA ASN B 292 -34.07 0.22 -20.95
C ASN B 292 -35.14 1.30 -20.79
N SER B 293 -34.73 2.51 -20.41
CA SER B 293 -35.67 3.62 -20.29
C SER B 293 -36.22 3.99 -21.67
N GLN B 294 -37.54 4.07 -21.78
CA GLN B 294 -38.17 4.43 -23.03
C GLN B 294 -38.20 5.95 -23.18
N ASP B 295 -38.83 6.42 -24.25
CA ASP B 295 -38.88 7.86 -24.52
C ASP B 295 -39.62 8.60 -23.41
N THR B 296 -40.58 7.93 -22.75
CA THR B 296 -41.39 8.63 -21.75
C THR B 296 -40.63 8.81 -20.45
N GLU B 297 -39.75 7.87 -20.09
CA GLU B 297 -39.01 7.95 -18.84
C GLU B 297 -37.79 8.86 -19.00
N LEU B 298 -37.64 9.80 -18.07
CA LEU B 298 -36.43 10.62 -17.97
C LEU B 298 -35.42 9.95 -17.05
N SER B 299 -34.14 10.25 -17.31
CA SER B 299 -33.02 9.64 -16.60
C SER B 299 -32.12 10.74 -16.07
N PHE B 300 -31.65 10.59 -14.84
CA PHE B 300 -30.75 11.56 -14.22
C PHE B 300 -29.66 10.85 -13.44
N THR B 301 -28.44 11.36 -13.56
CA THR B 301 -27.29 10.82 -12.86
C THR B 301 -26.88 11.78 -11.74
N ILE B 302 -26.71 11.23 -10.54
CA ILE B 302 -26.24 11.95 -9.38
C ILE B 302 -24.81 11.50 -9.10
N THR B 303 -23.89 12.45 -9.05
CA THR B 303 -22.48 12.18 -8.78
C THR B 303 -22.23 12.47 -7.30
N GLY B 304 -22.57 11.50 -6.46
CA GLY B 304 -22.69 11.72 -5.03
C GLY B 304 -21.44 11.35 -4.26
N ASP B 305 -21.11 12.19 -3.28
CA ASP B 305 -20.10 11.91 -2.28
C ASP B 305 -20.74 11.96 -0.90
N ASN B 306 -20.29 11.07 -0.02
CA ASN B 306 -20.87 10.95 1.31
C ASN B 306 -20.01 11.70 2.32
N THR B 307 -20.62 12.65 3.02
CA THR B 307 -19.92 13.44 4.01
C THR B 307 -19.80 12.65 5.31
N LYS B 308 -18.59 12.61 5.86
CA LYS B 308 -18.32 11.93 7.13
C LYS B 308 -18.77 10.48 7.05
N TRP B 309 -18.26 9.78 6.04
CA TRP B 309 -18.66 8.40 5.80
C TRP B 309 -18.28 7.50 6.97
N ASN B 310 -17.01 7.56 7.40
CA ASN B 310 -16.53 6.64 8.42
C ASN B 310 -17.04 7.02 9.81
N GLU B 311 -17.25 8.31 10.07
CA GLU B 311 -17.63 8.75 11.41
C GLU B 311 -19.07 8.39 11.75
N ASN B 312 -19.88 8.04 10.76
CA ASN B 312 -21.30 7.77 10.97
C ASN B 312 -21.65 6.30 10.84
N GLN B 313 -20.67 5.41 10.74
CA GLN B 313 -20.91 3.98 10.61
C GLN B 313 -20.63 3.32 11.95
N ASN B 314 -21.69 2.87 12.62
CA ASN B 314 -21.56 2.33 13.96
C ASN B 314 -21.16 0.86 13.90
N PRO B 315 -20.12 0.43 14.63
CA PRO B 315 -19.73 -0.99 14.59
C PRO B 315 -20.83 -1.95 15.02
N ARG B 316 -21.73 -1.52 15.92
CA ARG B 316 -22.83 -2.39 16.31
C ARG B 316 -23.68 -2.78 15.11
N MET B 317 -23.83 -1.86 14.15
CA MET B 317 -24.62 -2.18 12.97
C MET B 317 -23.91 -3.19 12.09
N PHE B 318 -22.58 -3.11 12.01
CA PHE B 318 -21.83 -4.15 11.31
C PHE B 318 -21.96 -5.49 12.02
N LEU B 319 -22.00 -5.49 13.36
CA LEU B 319 -22.27 -6.72 14.08
C LEU B 319 -23.62 -7.30 13.69
N ALA B 320 -24.65 -6.43 13.61
CA ALA B 320 -25.97 -6.90 13.21
C ALA B 320 -25.95 -7.47 11.80
N MET B 321 -25.28 -6.79 10.87
CA MET B 321 -25.21 -7.28 9.50
C MET B 321 -24.52 -8.64 9.43
N ILE B 322 -23.41 -8.80 10.15
CA ILE B 322 -22.70 -10.08 10.06
C ILE B 322 -23.49 -11.19 10.74
N THR B 323 -24.15 -10.92 11.87
CA THR B 323 -24.93 -11.97 12.51
C THR B 323 -26.15 -12.34 11.69
N TYR B 324 -26.69 -11.42 10.90
CA TYR B 324 -27.72 -11.79 9.94
C TYR B 324 -27.12 -12.60 8.79
N ILE B 325 -25.92 -12.24 8.34
CA ILE B 325 -25.27 -12.96 7.25
C ILE B 325 -24.97 -14.39 7.68
N THR B 326 -24.48 -14.58 8.90
CA THR B 326 -24.04 -15.88 9.39
C THR B 326 -25.16 -16.66 10.08
N ARG B 327 -26.41 -16.42 9.73
CA ARG B 327 -27.50 -17.21 10.27
C ARG B 327 -27.45 -18.64 9.72
N ASN B 328 -27.88 -19.58 10.55
CA ASN B 328 -27.89 -21.00 10.17
C ASN B 328 -26.49 -21.47 9.77
N GLN B 329 -25.51 -21.12 10.59
CA GLN B 329 -24.12 -21.49 10.42
C GLN B 329 -23.57 -22.00 11.74
N PRO B 330 -22.46 -22.73 11.72
CA PRO B 330 -21.88 -23.21 12.98
C PRO B 330 -21.62 -22.06 13.94
N GLU B 331 -21.93 -22.30 15.22
CA GLU B 331 -21.85 -21.22 16.20
C GLU B 331 -20.44 -20.69 16.36
N TRP B 332 -19.42 -21.54 16.19
CA TRP B 332 -18.05 -21.08 16.31
C TRP B 332 -17.71 -20.08 15.21
N PHE B 333 -18.19 -20.33 13.99
CA PHE B 333 -17.99 -19.38 12.89
C PHE B 333 -18.63 -18.04 13.22
N ARG B 334 -19.87 -18.07 13.72
CA ARG B 334 -20.54 -16.84 14.09
C ARG B 334 -19.77 -16.09 15.16
N ASN B 335 -19.27 -16.81 16.17
CA ASN B 335 -18.53 -16.16 17.25
C ASN B 335 -17.26 -15.52 16.73
N VAL B 336 -16.48 -16.26 15.93
CA VAL B 336 -15.20 -15.73 15.46
C VAL B 336 -15.41 -14.54 14.54
N LEU B 337 -16.47 -14.56 13.72
CA LEU B 337 -16.76 -13.39 12.89
C LEU B 337 -17.38 -12.24 13.67
N SER B 338 -18.00 -12.51 14.82
CA SER B 338 -18.61 -11.45 15.61
C SER B 338 -17.63 -10.79 16.57
N ILE B 339 -16.51 -11.44 16.87
CA ILE B 339 -15.56 -10.87 17.82
C ILE B 339 -15.08 -9.50 17.34
N ALA B 340 -14.86 -9.34 16.04
CA ALA B 340 -14.28 -8.09 15.54
C ALA B 340 -15.18 -6.89 15.82
N PRO B 341 -16.42 -6.83 15.33
CA PRO B 341 -17.26 -5.66 15.65
C PRO B 341 -17.48 -5.48 17.13
N ILE B 342 -17.44 -6.56 17.92
CA ILE B 342 -17.57 -6.41 19.36
C ILE B 342 -16.42 -5.57 19.91
N MET B 343 -15.21 -5.79 19.40
CA MET B 343 -14.06 -5.00 19.84
C MET B 343 -14.07 -3.60 19.26
N PHE B 344 -14.52 -3.43 18.01
CA PHE B 344 -14.64 -2.08 17.46
C PHE B 344 -15.66 -1.25 18.22
N SER B 345 -16.75 -1.86 18.68
CA SER B 345 -17.75 -1.10 19.43
C SER B 345 -17.17 -0.53 20.72
N ASN B 346 -16.14 -1.18 21.26
CA ASN B 346 -15.46 -0.70 22.46
C ASN B 346 -14.07 -0.14 22.14
N LYS B 347 -13.81 0.17 20.88
CA LYS B 347 -12.47 0.61 20.48
C LYS B 347 -12.10 1.92 21.16
N MET B 348 -10.81 2.06 21.48
CA MET B 348 -10.24 3.29 21.98
C MET B 348 -9.22 3.81 20.97
N ALA B 349 -8.99 5.12 21.01
CA ALA B 349 -8.07 5.77 20.10
C ALA B 349 -7.03 6.53 20.91
N ARG B 350 -5.75 6.31 20.60
CA ARG B 350 -4.69 7.11 21.19
C ARG B 350 -4.72 8.51 20.59
N LEU B 351 -4.61 9.52 21.44
CA LEU B 351 -4.78 10.89 20.98
C LEU B 351 -3.74 11.25 19.92
N GLY B 352 -2.48 10.85 20.15
CA GLY B 352 -1.45 11.07 19.16
C GLY B 352 -0.09 11.38 19.73
N LYS B 353 0.77 12.02 18.93
CA LYS B 353 2.12 12.31 19.36
C LYS B 353 2.13 13.25 20.56
N GLY B 354 1.30 14.28 20.53
CA GLY B 354 1.25 15.25 21.61
C GLY B 354 1.14 16.68 21.10
N TYR B 355 1.70 17.63 21.83
CA TYR B 355 1.68 19.03 21.42
C TYR B 355 3.01 19.67 21.76
N MET B 356 3.49 20.51 20.85
CA MET B 356 4.76 21.22 21.04
C MET B 356 4.47 22.69 21.30
N PHE B 357 5.08 23.21 22.36
CA PHE B 357 4.94 24.61 22.77
C PHE B 357 6.24 25.35 22.53
N GLU B 358 6.13 26.65 22.30
CA GLU B 358 7.29 27.53 22.14
C GLU B 358 7.14 28.75 23.04
N SER B 359 8.25 29.14 23.66
CA SER B 359 8.32 30.36 24.47
C SER B 359 9.36 31.28 23.84
N LYS B 360 8.90 32.36 23.22
CA LYS B 360 9.81 33.29 22.57
C LYS B 360 10.51 34.20 23.57
N SER B 361 9.85 34.52 24.69
CA SER B 361 10.49 35.35 25.70
C SER B 361 11.74 34.69 26.24
N MET B 362 11.65 33.39 26.58
CA MET B 362 12.80 32.62 27.02
C MET B 362 13.46 31.85 25.90
N LYS B 363 12.89 31.87 24.70
CA LYS B 363 13.51 31.28 23.51
C LYS B 363 13.80 29.79 23.72
N LEU B 364 12.73 29.03 23.88
CA LEU B 364 12.84 27.58 24.08
C LEU B 364 11.61 26.91 23.49
N ARG B 365 11.68 25.59 23.38
CA ARG B 365 10.55 24.79 22.91
C ARG B 365 10.44 23.55 23.79
N THR B 366 9.23 22.98 23.80
CA THR B 366 8.91 21.85 24.64
C THR B 366 7.94 20.93 23.89
N GLN B 367 7.95 19.65 24.25
CA GLN B 367 7.07 18.66 23.62
C GLN B 367 6.40 17.87 24.72
N ILE B 368 5.10 18.08 24.90
CA ILE B 368 4.31 17.37 25.91
C ILE B 368 3.60 16.20 25.23
N PRO B 369 3.67 14.99 25.77
CA PRO B 369 2.93 13.86 25.17
C PRO B 369 1.43 14.06 25.31
N ALA B 370 0.70 13.39 24.41
CA ALA B 370 -0.76 13.52 24.41
C ALA B 370 -1.38 12.97 25.69
N GLU B 371 -0.71 12.01 26.35
CA GLU B 371 -1.30 11.39 27.53
C GLU B 371 -1.50 12.38 28.66
N MET B 372 -0.83 13.54 28.61
CA MET B 372 -1.00 14.56 29.64
C MET B 372 -2.24 15.43 29.40
N LEU B 373 -2.91 15.29 28.26
CA LEU B 373 -4.07 16.12 27.97
C LEU B 373 -5.18 15.96 29.00
N ALA B 374 -5.23 14.82 29.69
CA ALA B 374 -6.28 14.61 30.67
C ALA B 374 -6.12 15.52 31.89
N SER B 375 -4.87 15.75 32.31
CA SER B 375 -4.60 16.50 33.54
C SER B 375 -3.93 17.84 33.30
N ILE B 376 -3.26 18.04 32.16
CA ILE B 376 -2.55 19.28 31.93
C ILE B 376 -3.51 20.44 31.94
N ASP B 377 -3.09 21.56 32.55
CA ASP B 377 -3.90 22.76 32.54
C ASP B 377 -4.11 23.24 31.11
N LEU B 378 -5.13 24.09 30.93
CA LEU B 378 -5.52 24.56 29.61
C LEU B 378 -5.02 25.97 29.31
N LYS B 379 -4.07 26.48 30.09
CA LYS B 379 -3.55 27.82 29.85
C LYS B 379 -2.67 27.89 28.62
N TYR B 380 -2.06 26.77 28.21
CA TYR B 380 -1.14 26.76 27.08
C TYR B 380 -1.84 26.63 25.74
N PHE B 381 -3.11 26.24 25.72
CA PHE B 381 -3.81 25.92 24.48
C PHE B 381 -4.64 27.11 24.02
N ASN B 382 -4.76 27.25 22.70
CA ASN B 382 -5.58 28.30 22.12
C ASN B 382 -7.06 27.99 22.35
N ASP B 383 -7.92 28.91 21.92
CA ASP B 383 -9.34 28.76 22.17
C ASP B 383 -9.90 27.49 21.52
N SER B 384 -9.54 27.26 20.26
CA SER B 384 -10.07 26.09 19.55
C SER B 384 -9.60 24.80 20.23
N THR B 385 -8.29 24.67 20.43
CA THR B 385 -7.77 23.47 21.09
C THR B 385 -8.25 23.37 22.53
N ARG B 386 -8.37 24.50 23.22
CA ARG B 386 -8.90 24.48 24.57
C ARG B 386 -10.29 23.86 24.60
N LYS B 387 -11.17 24.32 23.70
CA LYS B 387 -12.53 23.79 23.67
C LYS B 387 -12.54 22.32 23.25
N LYS B 388 -11.69 21.94 22.30
CA LYS B 388 -11.64 20.54 21.88
C LYS B 388 -11.24 19.65 23.05
N ILE B 389 -10.22 20.07 23.81
CA ILE B 389 -9.78 19.27 24.95
C ILE B 389 -10.86 19.23 26.01
N GLU B 390 -11.52 20.36 26.27
CA GLU B 390 -12.59 20.38 27.27
C GLU B 390 -13.71 19.42 26.88
N LYS B 391 -14.03 19.35 25.58
CA LYS B 391 -15.10 18.47 25.13
C LYS B 391 -14.70 17.00 25.14
N ILE B 392 -13.42 16.70 24.85
CA ILE B 392 -12.99 15.31 24.76
C ILE B 392 -12.53 14.74 26.10
N ARG B 393 -12.26 15.57 27.10
CA ARG B 393 -11.74 15.07 28.37
C ARG B 393 -12.64 14.01 29.00
N PRO B 394 -13.97 14.16 29.03
CA PRO B 394 -14.81 13.16 29.69
C PRO B 394 -14.61 11.76 29.15
N LEU B 395 -14.19 11.64 27.89
CA LEU B 395 -13.99 10.35 27.26
C LEU B 395 -12.57 9.83 27.42
N LEU B 396 -11.68 10.56 28.10
CA LEU B 396 -10.30 10.14 28.25
C LEU B 396 -10.20 9.08 29.35
N ILE B 397 -9.65 7.91 29.00
CA ILE B 397 -9.42 6.83 29.95
C ILE B 397 -8.02 6.31 29.70
N ASP B 398 -7.11 6.59 30.63
CA ASP B 398 -5.73 6.10 30.56
C ASP B 398 -5.03 6.60 29.30
N GLY B 399 -5.17 7.90 29.04
CA GLY B 399 -4.47 8.53 27.93
C GLY B 399 -5.04 8.23 26.56
N THR B 400 -6.20 7.58 26.48
CA THR B 400 -6.84 7.28 25.22
C THR B 400 -8.33 7.56 25.33
N ALA B 401 -8.94 7.94 24.20
CA ALA B 401 -10.33 8.35 24.17
C ALA B 401 -11.20 7.25 23.59
N SER B 402 -12.33 6.99 24.24
CA SER B 402 -13.26 5.99 23.73
C SER B 402 -13.94 6.51 22.47
N LEU B 403 -13.98 5.68 21.44
CA LEU B 403 -14.54 6.05 20.14
C LEU B 403 -15.56 5.02 19.69
N SER B 404 -16.47 4.66 20.60
CA SER B 404 -17.49 3.68 20.28
C SER B 404 -18.40 4.08 19.12
N PRO B 405 -18.86 5.33 19.01
CA PRO B 405 -19.98 5.62 18.09
C PRO B 405 -19.76 5.18 16.65
N GLY B 406 -18.56 5.31 16.11
CA GLY B 406 -18.36 5.00 14.71
C GLY B 406 -16.93 4.68 14.36
N MET B 407 -16.76 4.16 13.14
CA MET B 407 -15.44 3.78 12.66
C MET B 407 -14.57 5.03 12.50
N MET B 408 -13.25 4.81 12.57
CA MET B 408 -12.29 5.90 12.51
C MET B 408 -11.81 6.16 11.08
N MET B 409 -11.21 5.17 10.42
CA MET B 409 -10.73 5.35 9.05
C MET B 409 -10.88 4.02 8.32
N GLY B 410 -12.02 3.85 7.64
CA GLY B 410 -12.20 2.81 6.66
C GLY B 410 -11.55 1.47 6.95
N MET B 411 -11.63 0.99 8.20
CA MET B 411 -11.16 -0.36 8.47
C MET B 411 -12.10 -1.40 7.88
N PHE B 412 -13.40 -1.19 8.01
CA PHE B 412 -14.40 -2.03 7.35
C PHE B 412 -14.86 -1.34 6.05
N ASN B 413 -13.95 -1.28 5.09
CA ASN B 413 -14.30 -0.77 3.77
C ASN B 413 -15.33 -1.66 3.10
N MET B 414 -15.10 -2.98 3.14
CA MET B 414 -15.92 -3.90 2.35
C MET B 414 -17.33 -4.02 2.93
N LEU B 415 -17.47 -4.01 4.26
CA LEU B 415 -18.80 -4.04 4.85
C LEU B 415 -19.57 -2.76 4.56
N SER B 416 -18.89 -1.61 4.59
CA SER B 416 -19.53 -0.36 4.20
C SER B 416 -20.00 -0.42 2.76
N THR B 417 -19.17 -0.98 1.86
CA THR B 417 -19.59 -1.16 0.48
C THR B 417 -20.80 -2.09 0.40
N VAL B 418 -20.84 -3.12 1.24
CA VAL B 418 -21.99 -4.03 1.26
C VAL B 418 -23.25 -3.27 1.64
N LEU B 419 -23.17 -2.42 2.68
CA LEU B 419 -24.33 -1.64 3.09
C LEU B 419 -24.78 -0.70 1.97
N GLY B 420 -23.82 -0.04 1.31
CA GLY B 420 -24.18 0.84 0.21
C GLY B 420 -24.81 0.09 -0.94
N VAL B 421 -24.30 -1.11 -1.24
CA VAL B 421 -24.90 -1.92 -2.31
C VAL B 421 -26.29 -2.36 -1.92
N SER B 422 -26.53 -2.66 -0.64
CA SER B 422 -27.88 -2.97 -0.21
C SER B 422 -28.81 -1.79 -0.45
N ILE B 423 -28.35 -0.58 -0.12
CA ILE B 423 -29.16 0.60 -0.38
C ILE B 423 -29.44 0.74 -1.88
N LEU B 424 -28.42 0.54 -2.71
CA LEU B 424 -28.60 0.67 -4.14
C LEU B 424 -29.61 -0.34 -4.67
N ASN B 425 -29.53 -1.59 -4.20
CA ASN B 425 -30.42 -2.63 -4.66
C ASN B 425 -31.83 -2.46 -4.12
N LEU B 426 -31.99 -1.76 -3.00
CA LEU B 426 -33.32 -1.56 -2.43
C LEU B 426 -34.23 -0.73 -3.31
N GLY B 427 -33.76 -0.28 -4.48
CA GLY B 427 -34.60 0.47 -5.40
C GLY B 427 -34.71 -0.18 -6.76
N GLN B 428 -34.83 -1.50 -6.78
CA GLN B 428 -34.88 -2.28 -8.01
C GLN B 428 -36.24 -2.23 -8.71
N LYS B 429 -37.12 -1.32 -8.30
CA LYS B 429 -38.48 -1.15 -8.77
C LYS B 429 -39.41 -2.23 -8.23
N ARG B 430 -38.90 -3.24 -7.53
CA ARG B 430 -39.73 -4.21 -6.84
C ARG B 430 -40.03 -3.79 -5.42
N TYR B 431 -39.13 -3.00 -4.81
CA TYR B 431 -39.33 -2.46 -3.47
C TYR B 431 -39.77 -1.01 -3.48
N THR B 432 -39.51 -0.28 -4.57
CA THR B 432 -39.93 1.11 -4.64
C THR B 432 -41.45 1.22 -4.66
N LYS B 433 -42.13 0.30 -5.35
CA LYS B 433 -43.58 0.32 -5.47
C LYS B 433 -44.08 1.62 -6.10
N THR B 434 -43.32 2.16 -7.04
CA THR B 434 -43.67 3.39 -7.71
C THR B 434 -43.01 3.43 -9.07
N THR B 435 -43.47 4.34 -9.92
CA THR B 435 -42.95 4.42 -11.27
C THR B 435 -41.44 4.68 -11.28
N TYR B 436 -40.96 5.54 -10.39
CA TYR B 436 -39.55 5.85 -10.35
C TYR B 436 -38.75 4.66 -9.82
N TRP B 437 -37.48 4.62 -10.19
CA TRP B 437 -36.57 3.59 -9.70
C TRP B 437 -35.15 4.10 -9.89
N TRP B 438 -34.20 3.40 -9.28
CA TRP B 438 -32.81 3.83 -9.33
C TRP B 438 -31.88 2.63 -9.25
N ASP B 439 -30.66 2.86 -9.73
CA ASP B 439 -29.57 1.90 -9.60
C ASP B 439 -28.27 2.70 -9.58
N GLY B 440 -27.14 2.02 -9.64
CA GLY B 440 -25.88 2.72 -9.74
C GLY B 440 -24.75 1.89 -9.19
N LEU B 441 -23.67 2.58 -8.84
CA LEU B 441 -22.47 1.93 -8.34
C LEU B 441 -21.98 2.65 -7.09
N GLN B 442 -21.58 1.87 -6.09
CA GLN B 442 -21.11 2.37 -4.80
C GLN B 442 -19.70 1.87 -4.56
N SER B 443 -18.79 2.78 -4.24
CA SER B 443 -17.49 2.42 -3.69
C SER B 443 -17.25 3.36 -2.52
N SER B 444 -16.95 2.78 -1.35
CA SER B 444 -17.06 3.49 -0.08
C SER B 444 -16.69 4.97 -0.21
N ASP B 445 -17.59 5.84 0.26
CA ASP B 445 -17.44 7.29 0.32
C ASP B 445 -17.72 7.96 -1.02
N ASP B 446 -18.11 7.21 -2.04
CA ASP B 446 -18.34 7.74 -3.39
C ASP B 446 -19.38 6.87 -4.08
N PHE B 447 -20.23 7.48 -4.89
CA PHE B 447 -21.22 6.71 -5.62
C PHE B 447 -21.72 7.48 -6.82
N ALA B 448 -22.20 6.73 -7.79
CA ALA B 448 -22.94 7.27 -8.94
C ALA B 448 -24.32 6.62 -8.94
N LEU B 449 -25.36 7.44 -9.00
CA LEU B 449 -26.73 6.97 -8.88
C LEU B 449 -27.52 7.39 -10.11
N ILE B 450 -27.95 6.42 -10.91
CA ILE B 450 -28.78 6.68 -12.08
C ILE B 450 -30.22 6.39 -11.68
N VAL B 451 -31.06 7.42 -11.72
CA VAL B 451 -32.45 7.33 -11.31
C VAL B 451 -33.33 7.68 -12.51
N ASN B 452 -34.30 6.82 -12.79
CA ASN B 452 -35.23 7.03 -13.89
C ASN B 452 -36.64 7.16 -13.36
N ALA B 453 -37.42 8.03 -13.99
CA ALA B 453 -38.79 8.28 -13.59
C ALA B 453 -39.52 8.97 -14.73
N PRO B 454 -40.84 8.76 -14.85
CA PRO B 454 -41.56 9.31 -16.01
C PRO B 454 -41.55 10.83 -16.09
N ASN B 455 -41.32 11.54 -14.99
CA ASN B 455 -41.36 13.00 -15.00
C ASN B 455 -40.41 13.54 -13.95
N HIS B 456 -40.11 14.83 -14.06
CA HIS B 456 -39.20 15.46 -13.10
C HIS B 456 -39.68 15.26 -11.67
N GLU B 457 -40.99 15.28 -11.46
CA GLU B 457 -41.52 15.01 -10.13
C GLU B 457 -41.15 13.60 -9.68
N GLY B 458 -41.21 12.63 -10.59
CA GLY B 458 -40.80 11.28 -10.23
C GLY B 458 -39.33 11.20 -9.87
N ILE B 459 -38.47 11.88 -10.62
CA ILE B 459 -37.05 11.89 -10.29
C ILE B 459 -36.82 12.52 -8.93
N GLN B 460 -37.50 13.64 -8.66
CA GLN B 460 -37.35 14.30 -7.37
C GLN B 460 -37.79 13.38 -6.24
N ALA B 461 -38.93 12.71 -6.41
CA ALA B 461 -39.40 11.80 -5.37
C ALA B 461 -38.44 10.64 -5.17
N GLY B 462 -37.91 10.10 -6.26
CA GLY B 462 -36.97 9.00 -6.14
C GLY B 462 -35.70 9.38 -5.41
N VAL B 463 -35.12 10.53 -5.76
CA VAL B 463 -33.90 10.96 -5.09
C VAL B 463 -34.19 11.28 -3.64
N ASP B 464 -35.35 11.89 -3.35
CA ASP B 464 -35.70 12.19 -1.97
C ASP B 464 -35.82 10.92 -1.14
N ARG B 465 -36.49 9.89 -1.68
CA ARG B 465 -36.63 8.65 -0.94
C ARG B 465 -35.30 7.94 -0.78
N PHE B 466 -34.43 7.99 -1.80
CA PHE B 466 -33.12 7.40 -1.67
C PHE B 466 -32.33 8.07 -0.55
N TYR B 467 -32.36 9.41 -0.52
CA TYR B 467 -31.68 10.14 0.54
C TYR B 467 -32.24 9.78 1.91
N ARG B 468 -33.58 9.71 2.01
CA ARG B 468 -34.20 9.39 3.29
C ARG B 468 -33.80 7.99 3.76
N THR B 469 -33.81 7.02 2.85
CA THR B 469 -33.41 5.66 3.22
C THR B 469 -31.95 5.63 3.62
N CYS B 470 -31.09 6.40 2.94
CA CYS B 470 -29.70 6.47 3.34
C CYS B 470 -29.56 7.01 4.76
N LYS B 471 -30.34 8.03 5.10
CA LYS B 471 -30.28 8.59 6.45
C LYS B 471 -30.77 7.61 7.51
N LEU B 472 -31.56 6.60 7.13
CA LEU B 472 -32.00 5.59 8.09
C LEU B 472 -30.93 4.53 8.35
N LEU B 473 -29.86 4.50 7.55
CA LEU B 473 -28.79 3.53 7.70
C LEU B 473 -27.50 4.18 8.20
N GLY B 474 -27.57 5.40 8.68
CA GLY B 474 -26.38 6.08 9.17
C GLY B 474 -25.47 6.58 8.07
N ILE B 475 -25.94 6.65 6.83
CA ILE B 475 -25.17 7.11 5.69
C ILE B 475 -25.71 8.46 5.27
N ASN B 476 -24.80 9.42 5.10
CA ASN B 476 -25.15 10.79 4.74
C ASN B 476 -24.62 11.12 3.36
N MET B 477 -25.39 11.90 2.61
CA MET B 477 -24.99 12.35 1.27
C MET B 477 -24.50 13.79 1.36
N SER B 478 -23.29 14.03 0.85
CA SER B 478 -22.70 15.37 0.89
C SER B 478 -23.37 16.23 -0.17
N LYS B 479 -24.26 17.13 0.26
CA LYS B 479 -24.94 18.01 -0.67
C LYS B 479 -23.99 19.02 -1.32
N LYS B 480 -22.90 19.37 -0.64
CA LYS B 480 -21.99 20.37 -1.19
C LYS B 480 -21.11 19.79 -2.30
N LYS B 481 -20.74 18.51 -2.21
CA LYS B 481 -19.87 17.88 -3.20
C LYS B 481 -20.64 16.99 -4.16
N SER B 482 -21.95 17.17 -4.29
CA SER B 482 -22.79 16.33 -5.13
C SER B 482 -23.63 17.20 -6.05
N TYR B 483 -23.90 16.66 -7.25
CA TYR B 483 -24.76 17.35 -8.21
C TYR B 483 -25.41 16.31 -9.11
N ILE B 484 -26.54 16.70 -9.69
CA ILE B 484 -27.36 15.82 -10.52
C ILE B 484 -27.54 16.48 -11.88
N ASN B 485 -27.36 15.70 -12.95
CA ASN B 485 -27.58 16.17 -14.31
C ASN B 485 -28.27 15.06 -15.08
N ARG B 486 -28.46 15.26 -16.38
CA ARG B 486 -28.96 14.18 -17.22
C ARG B 486 -27.88 13.14 -17.46
N THR B 487 -28.31 11.89 -17.62
CA THR B 487 -27.37 10.79 -17.80
C THR B 487 -26.58 10.98 -19.09
N GLY B 488 -25.32 10.56 -19.06
CA GLY B 488 -24.43 10.73 -20.19
C GLY B 488 -23.17 11.46 -19.79
N THR B 489 -23.21 12.14 -18.65
CA THR B 489 -22.07 12.88 -18.13
C THR B 489 -22.06 12.77 -16.61
N PHE B 490 -20.96 12.29 -16.05
CA PHE B 490 -20.84 12.17 -14.60
C PHE B 490 -19.38 11.91 -14.24
N GLU B 491 -19.13 11.73 -12.94
CA GLU B 491 -17.80 11.47 -12.42
C GLU B 491 -17.88 10.36 -11.38
N PHE B 492 -16.77 9.65 -11.23
CA PHE B 492 -16.67 8.60 -10.22
C PHE B 492 -15.20 8.34 -9.94
N THR B 493 -14.75 8.69 -8.74
CA THR B 493 -13.38 8.45 -8.30
C THR B 493 -12.38 8.93 -9.35
N SER B 494 -12.47 10.23 -9.67
CA SER B 494 -11.58 10.89 -10.61
C SER B 494 -11.64 10.28 -12.01
N PHE B 495 -12.68 9.51 -12.31
CA PHE B 495 -12.95 9.00 -13.64
C PHE B 495 -14.14 9.79 -14.20
N PHE B 496 -13.90 10.56 -15.25
CA PHE B 496 -14.92 11.44 -15.82
C PHE B 496 -15.52 10.75 -17.04
N TYR B 497 -16.81 10.44 -16.96
CA TYR B 497 -17.53 9.78 -18.04
C TYR B 497 -18.32 10.84 -18.80
N ARG B 498 -18.07 10.93 -20.11
CA ARG B 498 -18.81 11.84 -21.01
C ARG B 498 -19.08 11.04 -22.28
N TYR B 499 -20.21 10.35 -22.31
CA TYR B 499 -20.53 9.45 -23.43
C TYR B 499 -19.39 8.48 -23.68
N GLY B 500 -18.74 8.04 -22.60
CA GLY B 500 -17.55 7.24 -22.68
C GLY B 500 -16.44 7.82 -21.83
N PHE B 501 -15.71 6.98 -21.11
CA PHE B 501 -14.68 7.47 -20.21
C PHE B 501 -13.59 8.18 -20.98
N VAL B 502 -13.08 9.26 -20.38
CA VAL B 502 -12.04 10.09 -20.98
C VAL B 502 -10.78 9.94 -20.15
N ALA B 503 -9.64 9.78 -20.81
CA ALA B 503 -8.36 9.66 -20.13
C ALA B 503 -8.00 10.97 -19.43
N ASN B 504 -7.29 10.84 -18.32
CA ASN B 504 -6.85 11.99 -17.54
C ASN B 504 -5.34 12.17 -17.60
N PHE B 505 -4.58 11.16 -17.22
CA PHE B 505 -3.12 11.15 -17.32
C PHE B 505 -2.47 12.10 -16.31
N SER B 506 -3.27 12.90 -15.61
CA SER B 506 -2.73 13.77 -14.57
C SER B 506 -2.68 13.09 -13.22
N MET B 507 -3.42 11.99 -13.03
CA MET B 507 -3.35 11.21 -11.81
C MET B 507 -2.10 10.35 -11.76
N GLU B 508 -1.56 9.96 -12.92
CA GLU B 508 -0.39 9.10 -12.99
C GLU B 508 0.90 9.87 -13.24
N LEU B 509 0.82 11.19 -13.35
CA LEU B 509 2.00 12.01 -13.62
C LEU B 509 3.05 11.83 -12.53
N PRO B 510 2.68 11.80 -11.25
CA PRO B 510 3.69 11.63 -10.20
C PRO B 510 4.47 10.34 -10.29
N SER B 511 3.99 9.36 -11.06
CA SER B 511 4.64 8.05 -11.16
C SER B 511 5.58 7.95 -12.35
N PHE B 512 5.92 9.08 -12.97
CA PHE B 512 6.76 9.10 -14.17
C PHE B 512 8.24 9.30 -13.85
N GLY B 513 8.61 9.44 -12.58
CA GLY B 513 9.98 9.62 -12.20
C GLY B 513 10.65 8.31 -11.79
N VAL B 514 11.86 8.43 -11.25
CA VAL B 514 12.57 7.27 -10.73
C VAL B 514 11.85 6.80 -9.48
N SER B 515 11.44 5.52 -9.48
CA SER B 515 10.66 5.01 -8.36
C SER B 515 11.43 5.09 -7.05
N GLY B 516 12.70 4.68 -7.08
CA GLY B 516 13.54 4.74 -5.90
C GLY B 516 13.80 3.38 -5.28
N ILE B 517 13.73 2.32 -6.09
CA ILE B 517 13.99 0.97 -5.60
C ILE B 517 15.47 0.67 -5.81
N ASN B 518 15.91 0.69 -7.05
CA ASN B 518 17.31 0.53 -7.41
C ASN B 518 17.43 0.86 -8.89
N GLU B 519 18.64 0.70 -9.45
CA GLU B 519 18.88 1.13 -10.82
C GLU B 519 18.06 0.32 -11.81
N SER B 520 18.27 -1.00 -11.84
CA SER B 520 17.53 -1.86 -12.76
C SER B 520 16.04 -1.78 -12.48
N ALA B 521 15.66 -1.84 -11.20
CA ALA B 521 14.25 -1.78 -10.85
C ALA B 521 13.64 -0.46 -11.29
N ASP B 522 14.34 0.65 -11.08
CA ASP B 522 13.81 1.95 -11.49
C ASP B 522 13.64 2.02 -13.00
N MET B 523 14.64 1.54 -13.75
CA MET B 523 14.53 1.56 -15.21
C MET B 523 13.33 0.77 -15.68
N SER B 524 13.20 -0.47 -15.19
CA SER B 524 12.10 -1.33 -15.63
C SER B 524 10.77 -0.73 -15.22
N ILE B 525 10.68 -0.19 -13.99
CA ILE B 525 9.42 0.37 -13.52
C ILE B 525 9.03 1.58 -14.36
N GLY B 526 9.99 2.44 -14.68
CA GLY B 526 9.67 3.60 -15.50
C GLY B 526 9.17 3.22 -16.88
N VAL B 527 9.87 2.31 -17.55
CA VAL B 527 9.43 1.92 -18.88
C VAL B 527 8.08 1.22 -18.82
N THR B 528 7.87 0.37 -17.81
CA THR B 528 6.59 -0.31 -17.68
C THR B 528 5.46 0.65 -17.37
N VAL B 529 5.72 1.68 -16.55
CA VAL B 529 4.70 2.68 -16.27
C VAL B 529 4.34 3.44 -17.53
N ILE B 530 5.34 3.82 -18.32
CA ILE B 530 5.05 4.49 -19.60
C ILE B 530 4.18 3.59 -20.46
N LYS B 531 4.54 2.30 -20.56
CA LYS B 531 3.77 1.36 -21.37
C LYS B 531 2.33 1.27 -20.87
N ASN B 532 2.15 1.08 -19.57
CA ASN B 532 0.80 0.91 -19.02
C ASN B 532 -0.05 2.15 -19.24
N ASN B 533 0.51 3.33 -18.97
CA ASN B 533 -0.24 4.56 -19.18
C ASN B 533 -0.52 4.79 -20.65
N MET B 534 0.30 4.24 -21.55
CA MET B 534 -0.05 4.24 -22.96
C MET B 534 -1.23 3.30 -23.25
N ILE B 535 -1.28 2.16 -22.56
CA ILE B 535 -2.36 1.20 -22.82
C ILE B 535 -3.67 1.68 -22.21
N ASN B 536 -3.62 2.14 -20.96
CA ASN B 536 -4.85 2.45 -20.23
C ASN B 536 -5.24 3.93 -20.35
N ASN B 537 -4.34 4.82 -19.94
CA ASN B 537 -4.65 6.25 -19.86
C ASN B 537 -4.45 6.98 -21.19
N ASP B 538 -4.43 6.26 -22.31
CA ASP B 538 -4.44 6.87 -23.63
C ASP B 538 -3.32 7.89 -23.79
N LEU B 539 -2.13 7.52 -23.34
CA LEU B 539 -0.96 8.37 -23.53
C LEU B 539 -0.50 8.30 -24.99
N GLY B 540 -0.23 9.47 -25.57
CA GLY B 540 0.10 9.56 -26.96
C GLY B 540 1.48 9.02 -27.29
N PRO B 541 1.71 8.65 -28.55
CA PRO B 541 3.06 8.16 -28.93
C PRO B 541 4.15 9.20 -28.72
N ALA B 542 3.99 10.40 -29.27
CA ALA B 542 5.01 11.43 -29.10
C ALA B 542 5.17 11.80 -27.64
N THR B 543 4.05 11.89 -26.91
CA THR B 543 4.14 12.15 -25.47
C THR B 543 4.90 11.04 -24.76
N ALA B 544 4.68 9.79 -25.16
CA ALA B 544 5.40 8.68 -24.56
C ALA B 544 6.89 8.77 -24.84
N GLN B 545 7.26 9.15 -26.07
CA GLN B 545 8.67 9.32 -26.39
C GLN B 545 9.29 10.43 -25.56
N MET B 546 8.58 11.55 -25.42
CA MET B 546 9.07 12.63 -24.57
C MET B 546 9.22 12.16 -23.13
N ALA B 547 8.26 11.38 -22.63
CA ALA B 547 8.36 10.86 -21.27
C ALA B 547 9.57 9.95 -21.13
N LEU B 548 9.83 9.12 -22.13
CA LEU B 548 11.02 8.26 -22.09
C LEU B 548 12.28 9.09 -22.04
N GLN B 549 12.36 10.13 -22.87
CA GLN B 549 13.56 10.98 -22.88
C GLN B 549 13.76 11.66 -21.52
N LEU B 550 12.70 12.25 -20.98
CA LEU B 550 12.82 12.94 -19.70
C LEU B 550 13.16 11.97 -18.58
N PHE B 551 12.55 10.77 -18.59
CA PHE B 551 12.85 9.78 -17.57
C PHE B 551 14.31 9.34 -17.65
N ILE B 552 14.82 9.15 -18.87
CA ILE B 552 16.22 8.77 -19.02
C ILE B 552 17.13 9.87 -18.49
N LYS B 553 16.80 11.13 -18.82
CA LYS B 553 17.61 12.24 -18.32
C LYS B 553 17.63 12.27 -16.80
N ASP B 554 16.46 12.18 -16.18
CA ASP B 554 16.39 12.21 -14.73
C ASP B 554 17.08 10.99 -14.11
N TYR B 555 16.95 9.83 -14.74
CA TYR B 555 17.61 8.63 -14.25
C TYR B 555 19.12 8.78 -14.27
N ARG B 556 19.67 9.29 -15.36
CA ARG B 556 21.11 9.50 -15.44
C ARG B 556 21.56 10.55 -14.44
N TYR B 557 20.78 11.61 -14.26
CA TYR B 557 21.17 12.66 -13.33
C TYR B 557 20.99 12.25 -11.87
N THR B 558 20.19 11.22 -11.60
CA THR B 558 19.96 10.76 -10.23
C THR B 558 20.98 9.74 -9.79
N TYR B 559 21.31 8.79 -10.65
CA TYR B 559 22.26 7.73 -10.35
C TYR B 559 23.68 8.05 -10.79
N ARG B 560 23.93 9.28 -11.24
CA ARG B 560 25.27 9.71 -11.61
C ARG B 560 25.85 8.83 -12.70
N CYS B 561 24.99 8.33 -13.59
CA CYS B 561 25.39 7.45 -14.69
C CYS B 561 25.10 8.18 -16.00
N HIS B 562 26.06 8.98 -16.44
CA HIS B 562 25.91 9.74 -17.67
C HIS B 562 26.46 8.96 -18.85
N ARG B 563 26.18 9.47 -20.06
CA ARG B 563 26.42 8.72 -21.28
C ARG B 563 27.84 8.17 -21.38
N GLY B 564 28.79 8.74 -20.66
CA GLY B 564 30.16 8.28 -20.67
C GLY B 564 31.04 8.99 -21.67
N ASP B 565 30.48 9.37 -22.81
CA ASP B 565 31.21 10.15 -23.81
C ASP B 565 31.17 11.64 -23.52
N THR B 566 30.52 12.05 -22.44
CA THR B 566 30.45 13.44 -22.04
C THR B 566 31.54 13.75 -21.03
N GLN B 567 31.70 15.04 -20.74
CA GLN B 567 32.68 15.51 -19.76
C GLN B 567 31.99 16.06 -18.51
N ILE B 568 30.91 15.39 -18.09
CA ILE B 568 30.19 15.77 -16.89
C ILE B 568 30.89 15.09 -15.71
N GLN B 569 31.66 15.86 -14.95
CA GLN B 569 32.38 15.30 -13.82
C GLN B 569 31.42 15.05 -12.66
N THR B 570 31.40 13.80 -12.17
CA THR B 570 30.60 13.41 -11.03
C THR B 570 31.46 12.52 -10.14
N ARG B 571 30.85 12.02 -9.06
CA ARG B 571 31.53 11.07 -8.18
C ARG B 571 31.68 9.70 -8.83
N ARG B 572 31.03 9.46 -9.97
CA ARG B 572 31.04 8.17 -10.64
C ARG B 572 31.44 8.28 -12.10
N SER B 573 31.93 9.43 -12.54
CA SER B 573 32.24 9.66 -13.95
C SER B 573 33.59 9.08 -14.37
N PHE B 574 34.44 8.69 -13.42
CA PHE B 574 35.75 8.18 -13.78
C PHE B 574 35.69 6.69 -14.12
N GLU B 575 35.15 5.88 -13.21
CA GLU B 575 35.00 4.46 -13.47
C GLU B 575 34.13 4.22 -14.70
N ILE B 576 33.06 5.01 -14.84
CA ILE B 576 32.20 4.89 -16.00
C ILE B 576 32.99 5.16 -17.28
N LYS B 577 33.83 6.20 -17.26
CA LYS B 577 34.59 6.54 -18.46
C LYS B 577 35.62 5.47 -18.80
N LYS B 578 36.28 4.89 -17.79
CA LYS B 578 37.22 3.81 -18.10
C LYS B 578 36.51 2.57 -18.61
N LEU B 579 35.33 2.26 -18.06
CA LEU B 579 34.55 1.16 -18.60
C LEU B 579 34.15 1.44 -20.04
N TRP B 580 33.80 2.70 -20.34
CA TRP B 580 33.45 3.08 -21.69
C TRP B 580 34.63 2.87 -22.64
N GLU B 581 35.80 3.38 -22.28
CA GLU B 581 36.97 3.24 -23.13
C GLU B 581 37.46 1.80 -23.23
N GLN B 582 37.17 0.98 -22.22
CA GLN B 582 37.57 -0.42 -22.24
C GLN B 582 36.68 -1.23 -23.18
N THR B 583 35.40 -0.93 -23.22
CA THR B 583 34.46 -1.70 -24.01
C THR B 583 34.66 -1.44 -25.49
N ARG B 584 34.50 -2.48 -26.30
CA ARG B 584 34.61 -2.36 -27.76
C ARG B 584 33.26 -2.05 -28.39
N SER B 585 32.25 -2.87 -28.10
CA SER B 585 30.88 -2.62 -28.56
C SER B 585 30.16 -1.83 -27.49
N LYS B 586 30.33 -0.50 -27.54
CA LYS B 586 29.78 0.38 -26.52
C LYS B 586 28.26 0.50 -26.57
N ALA B 587 27.62 0.00 -27.63
CA ALA B 587 26.17 0.07 -27.73
C ALA B 587 25.48 -0.92 -26.79
N GLY B 588 26.22 -1.85 -26.20
CA GLY B 588 25.63 -2.84 -25.31
C GLY B 588 25.68 -2.45 -23.85
N LEU B 589 26.36 -1.36 -23.54
CA LEU B 589 26.45 -0.90 -22.16
C LEU B 589 25.09 -0.43 -21.68
N LEU B 590 24.75 -0.77 -20.44
CA LEU B 590 23.50 -0.34 -19.85
C LEU B 590 23.57 1.14 -19.49
N VAL B 591 22.40 1.78 -19.47
CA VAL B 591 22.34 3.20 -19.10
C VAL B 591 22.88 3.39 -17.69
N SER B 592 22.73 2.38 -16.83
CA SER B 592 23.29 2.44 -15.49
C SER B 592 24.81 2.52 -15.50
N ASP B 593 25.45 1.96 -16.53
CA ASP B 593 26.90 1.96 -16.66
C ASP B 593 27.40 3.00 -17.65
N GLY B 594 26.54 3.94 -18.05
CA GLY B 594 26.93 4.99 -18.97
C GLY B 594 26.94 4.55 -20.42
N GLY B 595 25.83 3.97 -20.87
CA GLY B 595 25.69 3.53 -22.23
C GLY B 595 24.53 4.21 -22.92
N PRO B 596 24.45 4.08 -24.24
CA PRO B 596 23.34 4.70 -24.98
C PRO B 596 22.02 4.02 -24.66
N ASN B 597 20.94 4.78 -24.86
CA ASN B 597 19.59 4.30 -24.61
C ASN B 597 18.97 3.86 -25.93
N LEU B 598 18.60 2.58 -26.01
CA LEU B 598 17.99 2.01 -27.21
C LEU B 598 16.48 1.87 -27.07
N TYR B 599 15.89 2.38 -26.01
CA TYR B 599 14.46 2.21 -25.78
C TYR B 599 13.66 3.06 -26.76
N ASN B 600 12.45 2.59 -27.06
CA ASN B 600 11.53 3.30 -27.92
C ASN B 600 10.14 2.72 -27.69
N ILE B 601 9.14 3.26 -28.40
CA ILE B 601 7.76 2.83 -28.18
C ILE B 601 7.62 1.32 -28.41
N ARG B 602 8.44 0.76 -29.30
CA ARG B 602 8.36 -0.67 -29.57
C ARG B 602 9.09 -1.50 -28.52
N ASN B 603 9.98 -0.90 -27.73
CA ASN B 603 10.83 -1.64 -26.79
C ASN B 603 10.46 -1.39 -25.34
N LEU B 604 9.27 -0.85 -25.07
CA LEU B 604 8.89 -0.50 -23.71
C LEU B 604 8.53 -1.72 -22.86
N HIS B 605 8.38 -2.91 -23.46
CA HIS B 605 7.99 -4.11 -22.74
C HIS B 605 9.14 -5.11 -22.63
N ILE B 606 10.38 -4.66 -22.82
CA ILE B 606 11.55 -5.52 -22.80
C ILE B 606 12.48 -5.01 -21.71
N PRO B 607 13.02 -5.88 -20.84
CA PRO B 607 14.02 -5.41 -19.88
C PRO B 607 15.27 -4.92 -20.59
N GLU B 608 15.96 -3.98 -19.93
CA GLU B 608 17.14 -3.37 -20.54
C GLU B 608 18.22 -4.41 -20.80
N VAL B 609 18.43 -5.33 -19.86
CA VAL B 609 19.50 -6.31 -20.00
C VAL B 609 19.29 -7.16 -21.25
N CYS B 610 18.06 -7.62 -21.46
CA CYS B 610 17.78 -8.48 -22.61
C CYS B 610 17.75 -7.71 -23.92
N LEU B 611 17.40 -6.43 -23.89
CA LEU B 611 17.43 -5.64 -25.11
C LEU B 611 18.85 -5.39 -25.60
N LYS B 612 19.82 -5.32 -24.68
CA LYS B 612 21.21 -5.08 -25.02
C LYS B 612 22.08 -6.33 -24.89
N TRP B 613 21.44 -7.51 -24.78
CA TRP B 613 22.21 -8.73 -24.54
C TRP B 613 23.15 -9.04 -25.69
N GLU B 614 22.66 -8.96 -26.93
CA GLU B 614 23.47 -9.33 -28.08
C GLU B 614 24.54 -8.30 -28.41
N LEU B 615 24.47 -7.11 -27.84
CA LEU B 615 25.47 -6.07 -28.10
C LEU B 615 26.57 -6.01 -27.05
N MET B 616 26.36 -6.63 -25.90
CA MET B 616 27.36 -6.59 -24.84
C MET B 616 28.57 -7.44 -25.18
N ASP B 617 29.74 -6.99 -24.74
CA ASP B 617 30.95 -7.80 -24.82
C ASP B 617 30.88 -8.89 -23.77
N GLU B 618 31.41 -10.07 -24.11
CA GLU B 618 31.28 -11.21 -23.21
C GLU B 618 31.93 -10.93 -21.86
N ASP B 619 33.03 -10.18 -21.83
CA ASP B 619 33.66 -9.86 -20.56
C ASP B 619 32.74 -9.00 -19.70
N TYR B 620 32.21 -7.92 -20.27
CA TYR B 620 31.30 -7.06 -19.52
C TYR B 620 30.02 -7.79 -19.17
N GLN B 621 29.53 -8.62 -20.11
CA GLN B 621 28.32 -9.39 -19.84
C GLN B 621 28.51 -10.32 -18.65
N GLY B 622 29.64 -11.04 -18.61
CA GLY B 622 29.91 -11.92 -17.49
C GLY B 622 30.12 -11.18 -16.18
N ARG B 623 30.83 -10.06 -16.22
CA ARG B 623 31.03 -9.28 -15.00
C ARG B 623 29.70 -8.75 -14.47
N LEU B 624 28.82 -8.31 -15.37
CA LEU B 624 27.54 -7.75 -14.95
C LEU B 624 26.66 -8.81 -14.29
N CYS B 625 26.34 -9.88 -15.03
CA CYS B 625 25.41 -10.90 -14.55
C CYS B 625 26.19 -12.07 -13.95
N ASN B 626 26.84 -11.78 -12.82
CA ASN B 626 27.61 -12.79 -12.11
C ASN B 626 26.87 -13.19 -10.84
N PRO B 627 26.48 -14.45 -10.67
CA PRO B 627 25.75 -14.82 -9.44
C PRO B 627 26.52 -14.51 -8.17
N LEU B 628 27.84 -14.64 -8.19
CA LEU B 628 28.66 -14.39 -7.00
C LEU B 628 28.79 -12.91 -6.66
N ASN B 629 28.09 -12.01 -7.33
CA ASN B 629 28.22 -10.59 -7.02
C ASN B 629 27.78 -10.34 -5.58
N PRO B 630 28.48 -9.49 -4.83
CA PRO B 630 28.11 -9.22 -3.44
C PRO B 630 26.98 -8.22 -3.27
N PHE B 631 26.37 -7.74 -4.36
CA PHE B 631 25.33 -6.71 -4.29
C PHE B 631 23.92 -7.30 -4.31
N VAL B 632 23.66 -8.30 -5.15
CA VAL B 632 22.33 -8.86 -5.26
C VAL B 632 21.97 -9.59 -3.99
N SER B 633 20.79 -9.31 -3.46
CA SER B 633 20.27 -9.99 -2.28
C SER B 633 18.79 -10.26 -2.47
N HIS B 634 18.40 -11.54 -2.36
CA HIS B 634 17.01 -11.96 -2.48
C HIS B 634 16.57 -12.60 -1.19
N LYS B 635 15.44 -12.16 -0.66
CA LYS B 635 14.96 -12.62 0.64
C LYS B 635 13.86 -13.68 0.52
N GLU B 636 12.79 -13.37 -0.21
CA GLU B 636 11.66 -14.27 -0.32
C GLU B 636 11.07 -14.18 -1.73
N ILE B 637 10.23 -15.17 -2.05
CA ILE B 637 9.57 -15.19 -3.35
C ILE B 637 8.67 -13.97 -3.52
N GLU B 638 8.13 -13.45 -2.41
CA GLU B 638 7.22 -12.32 -2.50
C GLU B 638 7.95 -11.04 -2.89
N SER B 639 9.20 -10.86 -2.47
CA SER B 639 9.94 -9.63 -2.68
C SER B 639 10.99 -9.77 -3.78
N VAL B 640 10.75 -10.61 -4.78
CA VAL B 640 11.72 -10.79 -5.85
C VAL B 640 11.65 -9.62 -6.82
N ASN B 641 10.51 -9.43 -7.47
CA ASN B 641 10.33 -8.37 -8.45
C ASN B 641 9.00 -7.66 -8.22
N ASN B 642 8.70 -7.39 -6.95
CA ASN B 642 7.51 -6.66 -6.55
C ASN B 642 7.94 -5.36 -5.90
N ALA B 643 7.41 -4.25 -6.39
CA ALA B 643 7.73 -2.93 -5.86
C ALA B 643 6.45 -2.26 -5.38
N VAL B 644 6.49 -1.72 -4.16
CA VAL B 644 5.33 -1.10 -3.53
C VAL B 644 5.41 0.40 -3.85
N MET B 645 4.57 0.85 -4.79
CA MET B 645 4.50 2.27 -5.14
C MET B 645 3.14 2.79 -4.69
N MET B 646 3.16 3.70 -3.72
CA MET B 646 1.93 4.33 -3.26
C MET B 646 1.41 5.28 -4.32
N PRO B 647 0.36 4.94 -5.06
CA PRO B 647 -0.12 5.84 -6.12
C PRO B 647 -0.76 7.09 -5.54
N ALA B 648 -0.66 8.17 -6.32
CA ALA B 648 -1.31 9.42 -5.93
C ALA B 648 -2.82 9.25 -5.97
N HIS B 649 -3.48 9.74 -4.93
CA HIS B 649 -4.94 9.67 -4.83
C HIS B 649 -5.43 8.22 -4.84
N GLY B 650 -4.81 7.39 -3.99
CA GLY B 650 -5.20 6.01 -3.86
C GLY B 650 -4.43 5.28 -2.79
N PRO B 651 -4.87 4.07 -2.45
CA PRO B 651 -4.16 3.28 -1.44
C PRO B 651 -2.89 2.65 -2.00
N ALA B 652 -2.01 2.26 -1.08
CA ALA B 652 -0.73 1.67 -1.46
C ALA B 652 -0.95 0.46 -2.34
N LYS B 653 -0.17 0.36 -3.42
CA LYS B 653 -0.32 -0.70 -4.40
C LYS B 653 1.05 -1.31 -4.72
N ASN B 654 1.03 -2.55 -5.17
CA ASN B 654 2.22 -3.29 -5.55
C ASN B 654 2.21 -3.57 -7.05
N MET B 655 3.39 -3.54 -7.65
CA MET B 655 3.53 -3.79 -9.08
C MET B 655 4.60 -4.83 -9.35
N GLU B 656 4.30 -5.73 -10.28
CA GLU B 656 5.27 -6.66 -10.84
C GLU B 656 6.06 -5.93 -11.93
N TYR B 657 7.37 -5.86 -11.77
CA TYR B 657 8.24 -5.24 -12.76
C TYR B 657 9.21 -6.28 -13.30
N ASP B 658 9.36 -6.33 -14.63
CA ASP B 658 10.26 -7.27 -15.27
C ASP B 658 11.68 -6.75 -15.19
N ALA B 659 12.57 -7.55 -14.59
CA ALA B 659 13.96 -7.16 -14.47
C ALA B 659 14.83 -8.40 -14.37
N VAL B 660 16.07 -8.28 -14.83
CA VAL B 660 17.05 -9.35 -14.76
C VAL B 660 17.99 -9.06 -13.60
N ALA B 661 18.27 -10.09 -12.79
CA ALA B 661 19.10 -9.92 -11.62
C ALA B 661 20.53 -9.63 -12.06
N THR B 662 20.91 -8.36 -11.98
CA THR B 662 22.25 -7.91 -12.34
C THR B 662 22.95 -7.36 -11.10
N THR B 663 24.20 -6.93 -11.30
CA THR B 663 24.94 -6.30 -10.22
C THR B 663 24.33 -4.98 -9.80
N HIS B 664 23.42 -4.42 -10.60
CA HIS B 664 22.75 -3.17 -10.29
C HIS B 664 21.50 -3.36 -9.42
N SER B 665 21.17 -4.59 -9.06
CA SER B 665 19.97 -4.88 -8.28
C SER B 665 20.21 -4.76 -6.78
N TRP B 666 21.23 -4.01 -6.38
CA TRP B 666 21.51 -3.81 -4.96
C TRP B 666 20.28 -3.24 -4.25
N ILE B 667 20.29 -3.36 -2.92
CA ILE B 667 19.26 -2.77 -2.08
C ILE B 667 19.89 -1.60 -1.32
N PRO B 668 19.20 -0.50 -1.13
CA PRO B 668 19.82 0.70 -0.58
C PRO B 668 20.06 0.59 0.92
N LYS B 669 20.73 1.60 1.46
CA LYS B 669 21.05 1.66 2.88
C LYS B 669 19.78 1.82 3.71
N ARG B 670 19.83 1.32 4.95
CA ARG B 670 18.72 1.44 5.87
C ARG B 670 18.85 2.72 6.70
N ASN B 671 17.89 2.95 7.59
CA ASN B 671 17.80 4.24 8.27
C ASN B 671 19.02 4.50 9.14
N ARG B 672 19.37 3.56 10.00
CA ARG B 672 20.56 3.61 10.86
C ARG B 672 20.39 4.53 12.06
N SER B 673 19.20 5.10 12.29
CA SER B 673 19.00 5.98 13.43
C SER B 673 18.64 5.23 14.70
N ILE B 674 18.44 3.91 14.63
CA ILE B 674 18.13 3.13 15.83
C ILE B 674 19.28 3.14 16.82
N LEU B 675 20.50 3.47 16.38
CA LEU B 675 21.66 3.38 17.25
C LEU B 675 21.62 4.38 18.39
N ASN B 676 20.85 5.46 18.26
CA ASN B 676 20.77 6.50 19.27
C ASN B 676 19.56 6.35 20.18
N THR B 677 18.82 5.27 20.07
CA THR B 677 17.60 5.06 20.84
C THR B 677 17.79 3.91 21.82
N SER B 678 16.99 3.94 22.90
CA SER B 678 17.02 2.86 23.86
C SER B 678 16.62 1.53 23.24
N GLN B 679 15.89 1.57 22.13
CA GLN B 679 15.53 0.35 21.41
C GLN B 679 16.69 -0.04 20.49
N ARG B 680 17.89 -0.14 21.05
CA ARG B 680 19.07 -0.50 20.27
C ARG B 680 19.27 -2.00 20.18
N GLY B 681 18.80 -2.75 21.17
CA GLY B 681 18.93 -4.20 21.14
C GLY B 681 18.14 -4.87 20.05
N ILE B 682 17.18 -4.17 19.43
CA ILE B 682 16.42 -4.76 18.35
C ILE B 682 17.33 -5.09 17.17
N LEU B 683 18.39 -4.31 16.98
CA LEU B 683 19.31 -4.58 15.87
C LEU B 683 20.11 -5.86 16.11
N GLU B 684 20.54 -6.08 17.35
CA GLU B 684 21.25 -7.33 17.67
C GLU B 684 20.33 -8.53 17.47
N ASP B 685 19.08 -8.42 17.91
CA ASP B 685 18.12 -9.50 17.67
C ASP B 685 17.90 -9.71 16.18
N GLU B 686 17.81 -8.62 15.42
CA GLU B 686 17.68 -8.73 13.97
C GLU B 686 18.85 -9.51 13.39
N GLN B 687 20.07 -9.16 13.78
CA GLN B 687 21.25 -9.82 13.23
C GLN B 687 21.26 -11.30 13.59
N MET B 688 20.96 -11.63 14.84
CA MET B 688 20.96 -13.02 15.26
C MET B 688 19.87 -13.83 14.55
N TYR B 689 18.67 -13.25 14.44
CA TYR B 689 17.60 -13.93 13.73
C TYR B 689 17.97 -14.15 12.27
N GLN B 690 18.60 -13.16 11.63
CA GLN B 690 18.98 -13.31 10.24
C GLN B 690 20.07 -14.35 10.08
N LYS B 691 21.01 -14.42 11.01
CA LYS B 691 22.04 -15.45 10.96
C LYS B 691 21.40 -16.84 11.06
N CYS B 692 20.50 -17.01 12.02
CA CYS B 692 19.83 -18.30 12.16
C CYS B 692 19.00 -18.63 10.92
N CYS B 693 18.32 -17.64 10.36
CA CYS B 693 17.51 -17.88 9.17
C CYS B 693 18.38 -18.27 7.97
N ASN B 694 19.52 -17.61 7.82
CA ASN B 694 20.43 -17.97 6.73
C ASN B 694 20.96 -19.38 6.92
N LEU B 695 21.30 -19.75 8.16
CA LEU B 695 21.75 -21.11 8.41
C LEU B 695 20.66 -22.11 8.07
N PHE B 696 19.42 -21.83 8.48
CA PHE B 696 18.32 -22.73 8.18
C PHE B 696 18.11 -22.85 6.67
N GLU B 697 18.18 -21.73 5.95
CA GLU B 697 18.01 -21.76 4.51
C GLU B 697 19.09 -22.59 3.85
N LYS B 698 20.34 -22.44 4.29
CA LYS B 698 21.40 -23.31 3.78
C LYS B 698 21.14 -24.76 4.14
N PHE B 699 20.46 -25.00 5.27
CA PHE B 699 20.05 -26.36 5.62
C PHE B 699 18.78 -26.77 4.89
N PHE B 700 17.85 -25.82 4.70
CA PHE B 700 16.57 -26.07 4.04
C PHE B 700 16.45 -25.08 2.88
N PRO B 701 16.92 -25.45 1.68
CA PRO B 701 16.92 -24.47 0.58
C PRO B 701 15.55 -23.93 0.23
N SER B 702 14.48 -24.68 0.46
CA SER B 702 13.13 -24.23 0.11
C SER B 702 12.54 -23.31 1.15
N SER B 703 13.33 -22.84 2.12
CA SER B 703 12.78 -22.01 3.19
C SER B 703 12.14 -20.74 2.63
N SER B 704 12.75 -20.15 1.60
CA SER B 704 12.24 -18.89 1.08
C SER B 704 11.02 -19.11 0.19
N TYR B 705 11.13 -20.01 -0.80
CA TYR B 705 10.06 -20.16 -1.78
C TYR B 705 8.77 -20.65 -1.12
N ARG B 706 8.85 -21.74 -0.37
CA ARG B 706 7.74 -22.24 0.45
C ARG B 706 8.13 -22.15 1.91
N ARG B 707 7.39 -21.37 2.68
CA ARG B 707 7.66 -21.20 4.09
C ARG B 707 7.53 -22.55 4.80
N PRO B 708 8.54 -23.01 5.54
CA PRO B 708 8.44 -24.32 6.19
C PRO B 708 7.32 -24.35 7.22
N VAL B 709 6.77 -25.54 7.42
CA VAL B 709 5.71 -25.78 8.39
C VAL B 709 6.10 -26.97 9.26
N GLY B 710 5.54 -27.00 10.45
CA GLY B 710 5.83 -28.07 11.38
C GLY B 710 5.72 -27.57 12.81
N ILE B 711 6.03 -28.47 13.75
CA ILE B 711 6.00 -28.16 15.17
C ILE B 711 7.31 -28.48 15.87
N SER B 712 8.33 -28.94 15.14
CA SER B 712 9.63 -29.17 15.74
C SER B 712 10.41 -27.86 15.85
N SER B 713 11.55 -27.93 16.51
CA SER B 713 12.42 -26.78 16.69
C SER B 713 13.57 -26.80 15.68
N MET B 714 14.27 -25.66 15.59
CA MET B 714 15.30 -25.50 14.57
C MET B 714 16.34 -26.60 14.63
N VAL B 715 17.03 -26.69 15.76
CA VAL B 715 18.25 -27.49 15.83
C VAL B 715 17.94 -28.95 15.53
N GLU B 716 16.75 -29.43 15.91
CA GLU B 716 16.39 -30.81 15.58
C GLU B 716 16.46 -31.05 14.09
N ALA B 717 15.75 -30.22 13.32
CA ALA B 717 15.73 -30.38 11.87
C ALA B 717 17.13 -30.21 11.29
N MET B 718 17.85 -29.18 11.74
CA MET B 718 19.15 -28.92 11.15
C MET B 718 20.13 -30.06 11.42
N VAL B 719 20.19 -30.56 12.66
CA VAL B 719 21.13 -31.63 12.98
C VAL B 719 20.73 -32.91 12.26
N SER B 720 19.44 -33.23 12.22
CA SER B 720 19.02 -34.48 11.60
C SER B 720 19.29 -34.45 10.10
N ARG B 721 19.00 -33.31 9.46
CA ARG B 721 19.32 -33.20 8.05
C ARG B 721 20.82 -33.23 7.81
N ALA B 722 21.63 -32.71 8.76
CA ALA B 722 23.07 -32.87 8.64
C ALA B 722 23.45 -34.34 8.62
N ARG B 723 22.91 -35.11 9.57
CA ARG B 723 23.10 -36.56 9.57
C ARG B 723 22.88 -37.11 8.17
N ILE B 724 21.65 -36.93 7.68
CA ILE B 724 21.23 -37.63 6.47
C ILE B 724 22.01 -37.13 5.26
N ASP B 725 22.23 -35.82 5.15
CA ASP B 725 22.89 -35.29 3.96
C ASP B 725 24.34 -35.71 3.93
N ALA B 726 25.03 -35.73 5.07
CA ALA B 726 26.39 -36.28 5.09
C ALA B 726 26.38 -37.72 4.63
N ARG B 727 25.48 -38.52 5.19
CA ARG B 727 25.34 -39.91 4.75
C ARG B 727 25.28 -40.00 3.22
N ILE B 728 24.24 -39.40 2.64
CA ILE B 728 23.92 -39.66 1.24
C ILE B 728 24.95 -39.02 0.34
N ASP B 729 25.47 -37.84 0.71
CA ASP B 729 26.47 -37.19 -0.10
C ASP B 729 27.78 -37.95 -0.06
N PHE B 730 28.04 -38.75 0.97
CA PHE B 730 29.02 -39.81 0.81
C PHE B 730 28.57 -40.91 -0.14
N GLU B 731 27.38 -41.46 0.04
CA GLU B 731 27.00 -42.57 -0.84
C GLU B 731 27.22 -42.20 -2.30
N SER B 732 27.29 -40.90 -2.60
CA SER B 732 27.92 -40.43 -3.83
C SER B 732 28.21 -38.94 -3.66
N GLY B 733 29.49 -38.57 -3.59
CA GLY B 733 29.86 -37.18 -3.53
C GLY B 733 31.18 -36.96 -2.83
N ARG B 734 31.43 -35.69 -2.50
CA ARG B 734 32.73 -35.25 -2.00
C ARG B 734 33.05 -35.83 -0.62
N ILE B 735 32.04 -36.03 0.23
CA ILE B 735 32.28 -36.44 1.61
C ILE B 735 33.21 -37.66 1.63
N LYS B 736 33.90 -37.88 2.75
CA LYS B 736 34.65 -39.11 2.97
C LYS B 736 34.33 -39.66 4.34
N LYS B 737 34.62 -40.97 4.54
CA LYS B 737 34.37 -41.60 5.84
C LYS B 737 34.88 -40.73 6.99
N GLU B 738 36.11 -40.22 6.87
CA GLU B 738 36.64 -39.34 7.90
C GLU B 738 35.70 -38.17 8.15
N GLU B 739 35.33 -37.47 7.08
CA GLU B 739 34.43 -36.33 7.21
C GLU B 739 33.03 -36.74 7.65
N PHE B 740 32.52 -37.88 7.15
CA PHE B 740 31.17 -38.29 7.54
C PHE B 740 31.10 -38.59 9.03
N ALA B 741 32.08 -39.32 9.55
CA ALA B 741 32.12 -39.61 10.98
C ALA B 741 32.34 -38.33 11.79
N GLU B 742 33.17 -37.43 11.27
CA GLU B 742 33.36 -36.15 11.94
C GLU B 742 32.04 -35.40 12.07
N ILE B 743 31.26 -35.37 10.99
CA ILE B 743 29.93 -34.73 11.03
C ILE B 743 29.01 -35.46 12.00
N MET B 744 29.02 -36.79 12.01
CA MET B 744 28.13 -37.52 12.91
C MET B 744 28.43 -37.18 14.36
N LYS B 745 29.72 -37.20 14.73
CA LYS B 745 30.07 -36.91 16.12
C LYS B 745 29.95 -35.42 16.45
N ILE B 746 30.07 -34.53 15.45
CA ILE B 746 29.78 -33.13 15.69
C ILE B 746 28.30 -32.91 15.93
N CYS B 747 27.45 -33.66 15.20
CA CYS B 747 26.03 -33.63 15.47
C CYS B 747 25.74 -34.10 16.89
N SER B 748 26.41 -35.16 17.32
CA SER B 748 26.26 -35.61 18.71
C SER B 748 26.73 -34.53 19.68
N THR B 749 27.80 -33.81 19.34
CA THR B 749 28.31 -32.76 20.21
C THR B 749 27.28 -31.64 20.36
N ILE B 750 26.69 -31.19 19.25
CA ILE B 750 25.68 -30.14 19.35
C ILE B 750 24.45 -30.67 20.06
N GLU B 751 24.15 -31.96 19.93
CA GLU B 751 23.06 -32.55 20.68
C GLU B 751 23.29 -32.41 22.18
N GLU B 752 24.46 -32.85 22.65
CA GLU B 752 24.73 -32.75 24.09
C GLU B 752 24.87 -31.31 24.53
N LEU B 753 25.25 -30.40 23.63
CA LEU B 753 25.27 -28.98 23.95
C LEU B 753 23.87 -28.45 24.18
N ARG B 754 22.92 -28.83 23.30
CA ARG B 754 21.54 -28.42 23.48
C ARG B 754 20.94 -29.05 24.74
N ARG B 755 21.37 -30.27 25.08
CA ARG B 755 21.02 -30.83 26.39
C ARG B 755 21.39 -29.88 27.52
N GLN B 756 22.56 -29.26 27.43
CA GLN B 756 23.01 -28.33 28.47
C GLN B 756 23.48 -27.02 27.85
N MET C 1 30.36 -29.91 5.61
CA MET C 1 31.33 -29.62 6.71
C MET C 1 31.06 -28.26 7.32
N GLU C 2 31.26 -27.21 6.51
CA GLU C 2 31.13 -25.84 7.00
C GLU C 2 29.78 -25.62 7.68
N ARG C 3 28.69 -26.00 7.02
CA ARG C 3 27.35 -25.62 7.48
C ARG C 3 27.13 -26.01 8.93
N ILE C 4 27.37 -27.27 9.26
CA ILE C 4 27.21 -27.70 10.64
C ILE C 4 28.22 -26.99 11.53
N LYS C 5 29.32 -26.52 10.97
CA LYS C 5 30.32 -25.85 11.80
C LYS C 5 29.85 -24.47 12.24
N GLU C 6 29.28 -23.67 11.35
CA GLU C 6 28.72 -22.41 11.85
C GLU C 6 27.48 -22.69 12.69
N LEU C 7 26.79 -23.81 12.45
CA LEU C 7 25.71 -24.21 13.35
C LEU C 7 26.23 -24.39 14.77
N ARG C 8 27.32 -25.13 14.93
CA ARG C 8 27.90 -25.33 16.26
C ARG C 8 28.42 -24.03 16.83
N ASP C 9 29.02 -23.18 16.01
CA ASP C 9 29.49 -21.89 16.50
C ASP C 9 28.33 -21.04 17.00
N LEU C 10 27.21 -21.04 16.28
CA LEU C 10 26.02 -20.32 16.74
C LEU C 10 25.52 -20.88 18.07
N MET C 11 25.40 -22.20 18.15
CA MET C 11 24.94 -22.81 19.40
C MET C 11 25.92 -22.61 20.54
N SER C 12 27.17 -22.25 20.24
CA SER C 12 28.14 -21.98 21.30
C SER C 12 27.70 -20.79 22.16
N GLN C 13 27.22 -19.73 21.52
CA GLN C 13 26.82 -18.54 22.25
C GLN C 13 25.38 -18.70 22.73
N SER C 14 25.14 -18.24 23.97
CA SER C 14 23.90 -18.60 24.67
C SER C 14 22.66 -18.04 23.96
N ARG C 15 22.73 -16.78 23.51
CA ARG C 15 21.53 -16.14 22.95
C ARG C 15 21.07 -16.85 21.69
N THR C 16 22.00 -17.07 20.75
CA THR C 16 21.64 -17.78 19.53
C THR C 16 21.22 -19.21 19.83
N ARG C 17 21.82 -19.84 20.84
CA ARG C 17 21.40 -21.19 21.24
C ARG C 17 19.94 -21.18 21.68
N GLU C 18 19.57 -20.20 22.50
CA GLU C 18 18.17 -20.10 22.94
C GLU C 18 17.24 -19.84 21.77
N ILE C 19 17.66 -18.96 20.85
CA ILE C 19 16.83 -18.68 19.69
C ILE C 19 16.61 -19.95 18.87
N LEU C 20 17.68 -20.74 18.70
CA LEU C 20 17.56 -21.98 17.93
C LEU C 20 16.72 -23.01 18.65
N THR C 21 16.78 -23.05 19.98
CA THR C 21 16.09 -24.09 20.73
C THR C 21 14.60 -23.80 20.86
N LYS C 22 14.24 -22.61 21.35
CA LYS C 22 12.85 -22.34 21.65
C LYS C 22 12.02 -22.04 20.41
N THR C 23 12.64 -21.55 19.35
CA THR C 23 11.90 -21.17 18.15
C THR C 23 11.55 -22.41 17.35
N THR C 24 10.27 -22.56 17.01
CA THR C 24 9.79 -23.69 16.22
C THR C 24 9.87 -23.36 14.73
N VAL C 25 9.78 -24.40 13.91
CA VAL C 25 9.93 -24.24 12.47
C VAL C 25 8.85 -23.33 11.91
N ASP C 26 7.62 -23.45 12.43
CA ASP C 26 6.52 -22.66 11.87
C ASP C 26 6.80 -21.17 11.99
N HIS C 27 7.37 -20.73 13.12
CA HIS C 27 7.68 -19.32 13.32
C HIS C 27 8.82 -18.84 12.44
N MET C 28 9.47 -19.75 11.69
CA MET C 28 10.54 -19.36 10.76
C MET C 28 10.26 -18.05 10.06
N ALA C 29 9.11 -17.96 9.37
CA ALA C 29 8.83 -16.77 8.58
C ALA C 29 8.82 -15.53 9.46
N ILE C 30 8.10 -15.61 10.59
CA ILE C 30 7.92 -14.43 11.44
C ILE C 30 9.26 -13.82 11.78
N ILE C 31 10.11 -14.59 12.47
CA ILE C 31 11.40 -14.06 12.89
C ILE C 31 12.25 -13.64 11.70
N LYS C 32 12.05 -14.26 10.54
CA LYS C 32 12.82 -13.86 9.37
C LYS C 32 12.40 -12.48 8.88
N LYS C 33 11.13 -12.15 9.01
CA LYS C 33 10.63 -10.82 8.69
C LYS C 33 10.73 -9.86 9.87
N TYR C 34 11.13 -10.34 11.04
CA TYR C 34 11.30 -9.49 12.20
C TYR C 34 12.37 -8.45 11.91
N THR C 35 11.97 -7.19 11.77
CA THR C 35 12.92 -6.12 11.47
C THR C 35 12.39 -4.81 12.02
N SER C 36 13.32 -3.91 12.34
CA SER C 36 12.98 -2.56 12.74
C SER C 36 12.85 -1.61 11.56
N GLY C 37 13.20 -2.05 10.36
CA GLY C 37 13.15 -1.18 9.20
C GLY C 37 11.74 -0.99 8.70
N ARG C 38 11.23 0.23 8.78
CA ARG C 38 9.92 0.52 8.21
C ARG C 38 9.98 0.52 6.69
N GLN C 39 8.87 0.17 6.06
CA GLN C 39 8.77 0.24 4.61
C GLN C 39 8.63 1.69 4.19
N GLU C 40 9.46 2.10 3.23
CA GLU C 40 9.53 3.51 2.87
C GLU C 40 8.22 3.99 2.27
N LYS C 41 7.80 5.19 2.68
CA LYS C 41 6.58 5.78 2.14
C LYS C 41 6.85 6.55 0.85
N ASN C 42 8.01 7.20 0.74
CA ASN C 42 8.39 7.99 -0.43
C ASN C 42 9.74 7.50 -0.92
N PRO C 43 9.79 6.40 -1.68
CA PRO C 43 11.10 5.87 -2.10
C PRO C 43 11.88 6.81 -2.99
N ALA C 44 11.20 7.52 -3.90
CA ALA C 44 11.90 8.36 -4.85
C ALA C 44 12.67 9.48 -4.16
N LEU C 45 12.03 10.11 -3.16
CA LEU C 45 12.66 11.23 -2.49
C LEU C 45 13.97 10.82 -1.83
N ARG C 46 13.97 9.67 -1.14
CA ARG C 46 15.17 9.22 -0.46
C ARG C 46 16.19 8.62 -1.39
N MET C 47 15.77 7.96 -2.47
CA MET C 47 16.74 7.51 -3.46
C MET C 47 17.45 8.68 -4.10
N LYS C 48 16.75 9.79 -4.34
CA LYS C 48 17.39 11.00 -4.83
C LYS C 48 18.22 11.68 -3.75
N TRP C 49 17.94 11.40 -2.48
CA TRP C 49 18.66 12.00 -1.36
C TRP C 49 19.82 11.13 -0.89
N MET C 50 19.67 9.81 -0.92
CA MET C 50 20.73 8.93 -0.46
C MET C 50 21.88 8.86 -1.47
N MET C 51 21.57 8.89 -2.77
CA MET C 51 22.61 8.77 -3.78
C MET C 51 23.59 9.92 -3.76
N ALA C 52 23.26 11.02 -3.08
CA ALA C 52 24.19 12.12 -2.89
C ALA C 52 25.16 11.89 -1.75
N MET C 53 25.01 10.78 -1.01
CA MET C 53 25.92 10.42 0.06
C MET C 53 27.03 9.53 -0.46
N LYS C 54 28.08 9.39 0.34
CA LYS C 54 29.12 8.41 0.09
C LYS C 54 28.75 7.12 0.79
N TYR C 55 28.93 6.00 0.10
CA TYR C 55 28.50 4.70 0.59
C TYR C 55 26.99 4.66 0.75
N PRO C 56 26.22 4.80 -0.34
CA PRO C 56 24.77 4.76 -0.23
C PRO C 56 24.14 3.39 -0.41
N ILE C 57 24.86 2.39 -0.91
CA ILE C 57 24.26 1.09 -1.16
C ILE C 57 24.84 0.10 -0.16
N THR C 58 24.34 -1.14 -0.18
CA THR C 58 24.80 -2.17 0.75
C THR C 58 25.22 -3.41 -0.03
N ALA C 59 26.21 -4.11 0.50
CA ALA C 59 26.72 -5.31 -0.15
C ALA C 59 27.22 -6.28 0.91
N ASP C 60 27.32 -7.54 0.54
CA ASP C 60 27.78 -8.58 1.46
C ASP C 60 29.21 -8.28 1.90
N LYS C 61 29.59 -8.88 3.04
CA LYS C 61 30.93 -8.68 3.57
C LYS C 61 31.99 -9.13 2.59
N ARG C 62 31.68 -10.11 1.74
CA ARG C 62 32.69 -10.68 0.86
C ARG C 62 33.28 -9.63 -0.07
N ILE C 63 32.55 -8.53 -0.30
CA ILE C 63 33.06 -7.46 -1.16
C ILE C 63 34.38 -6.94 -0.65
N MET C 64 34.60 -6.99 0.67
CA MET C 64 35.85 -6.50 1.24
C MET C 64 37.06 -7.31 0.81
N GLU C 65 36.85 -8.49 0.23
CA GLU C 65 37.96 -9.35 -0.18
C GLU C 65 37.93 -9.65 -1.69
N MET C 66 37.17 -8.88 -2.48
CA MET C 66 37.21 -9.02 -3.92
C MET C 66 37.52 -7.68 -4.59
N ILE C 67 37.10 -6.58 -3.97
CA ILE C 67 37.24 -5.25 -4.53
C ILE C 67 38.14 -4.45 -3.60
N PRO C 68 39.16 -3.75 -4.12
CA PRO C 68 40.02 -2.96 -3.24
C PRO C 68 39.24 -1.82 -2.58
N GLU C 69 39.73 -1.41 -1.41
CA GLU C 69 39.06 -0.36 -0.66
C GLU C 69 39.03 0.96 -1.42
N ARG C 70 39.96 1.19 -2.34
CA ARG C 70 40.01 2.43 -3.10
C ARG C 70 40.44 2.14 -4.53
N ASN C 71 40.06 3.03 -5.44
CA ASN C 71 40.39 2.92 -6.84
C ASN C 71 41.68 3.69 -7.12
N GLU C 72 41.97 3.93 -8.41
CA GLU C 72 43.27 4.45 -8.79
C GLU C 72 43.55 5.79 -8.14
N GLN C 73 42.59 6.72 -8.17
CA GLN C 73 42.82 8.05 -7.60
C GLN C 73 42.59 8.09 -6.10
N GLY C 74 42.08 7.01 -5.51
CA GLY C 74 41.81 6.98 -4.10
C GLY C 74 40.35 7.16 -3.71
N GLN C 75 39.44 7.18 -4.69
CA GLN C 75 38.01 7.21 -4.35
C GLN C 75 37.63 5.90 -3.68
N THR C 76 37.09 5.98 -2.48
CA THR C 76 36.75 4.77 -1.73
C THR C 76 35.60 4.04 -2.40
N LEU C 77 35.72 2.71 -2.46
CA LEU C 77 34.71 1.86 -3.08
C LEU C 77 33.79 1.20 -2.05
N TRP C 78 34.31 0.84 -0.89
CA TRP C 78 33.49 0.20 0.14
C TRP C 78 34.00 0.64 1.51
N SER C 79 33.11 0.54 2.49
CA SER C 79 33.43 0.83 3.88
C SER C 79 33.21 -0.42 4.72
N LYS C 80 33.93 -0.50 5.84
CA LYS C 80 33.84 -1.65 6.72
C LYS C 80 32.75 -1.51 7.77
N THR C 81 32.05 -0.37 7.82
CA THR C 81 30.97 -0.18 8.78
C THR C 81 29.73 -0.93 8.29
N ASN C 82 29.22 -1.83 9.12
CA ASN C 82 28.11 -2.68 8.72
C ASN C 82 26.80 -1.90 8.72
N ASP C 83 25.79 -2.47 8.06
CA ASP C 83 24.48 -1.87 8.01
C ASP C 83 23.85 -1.88 9.42
N ALA C 84 22.65 -1.31 9.52
CA ALA C 84 21.98 -1.18 10.81
C ALA C 84 21.70 -2.56 11.42
N GLY C 85 20.87 -3.36 10.76
CA GLY C 85 20.45 -4.63 11.30
C GLY C 85 20.90 -5.82 10.47
N SER C 86 22.11 -5.76 9.94
CA SER C 86 22.64 -6.84 9.13
C SER C 86 24.16 -6.81 9.18
N ASP C 87 24.77 -7.93 8.79
CA ASP C 87 26.22 -8.02 8.71
C ASP C 87 26.77 -7.42 7.43
N ARG C 88 25.92 -7.00 6.50
CA ARG C 88 26.38 -6.41 5.26
C ARG C 88 27.00 -5.04 5.52
N VAL C 89 27.89 -4.63 4.63
CA VAL C 89 28.64 -3.38 4.76
C VAL C 89 28.14 -2.40 3.71
N MET C 90 28.12 -1.12 4.08
CA MET C 90 27.71 -0.06 3.17
C MET C 90 28.86 0.26 2.23
N VAL C 91 28.54 0.36 0.93
CA VAL C 91 29.53 0.59 -0.11
C VAL C 91 29.02 1.65 -1.08
N SER C 92 29.96 2.22 -1.82
CA SER C 92 29.70 3.29 -2.78
C SER C 92 29.23 2.71 -4.10
N PRO C 93 28.51 3.49 -4.91
CA PRO C 93 28.04 2.96 -6.21
C PRO C 93 29.17 2.65 -7.17
N LEU C 94 30.34 3.26 -7.00
CA LEU C 94 31.46 2.96 -7.88
C LEU C 94 31.83 1.48 -7.79
N ALA C 95 31.73 0.89 -6.59
CA ALA C 95 32.01 -0.53 -6.43
C ALA C 95 31.17 -1.37 -7.37
N VAL C 96 30.01 -0.88 -7.79
CA VAL C 96 29.23 -1.55 -8.83
C VAL C 96 29.95 -1.46 -10.16
N THR C 97 30.21 -0.22 -10.61
CA THR C 97 30.83 -0.04 -11.92
C THR C 97 32.20 -0.69 -11.96
N TRP C 98 32.96 -0.59 -10.87
CA TRP C 98 34.24 -1.28 -10.80
C TRP C 98 34.06 -2.78 -11.08
N TRP C 99 33.07 -3.39 -10.44
CA TRP C 99 32.82 -4.82 -10.66
C TRP C 99 32.51 -5.11 -12.11
N ASN C 100 32.03 -4.14 -12.87
CA ASN C 100 31.69 -4.34 -14.27
C ASN C 100 32.86 -4.05 -15.21
N ARG C 101 34.01 -3.63 -14.70
CA ARG C 101 35.17 -3.36 -15.55
C ARG C 101 36.41 -4.15 -15.16
N ASN C 102 36.54 -4.57 -13.91
CA ASN C 102 37.65 -5.44 -13.51
C ASN C 102 37.23 -6.55 -12.56
N GLY C 103 35.94 -6.70 -12.26
CA GLY C 103 35.49 -7.74 -11.38
C GLY C 103 35.59 -9.11 -12.03
N PRO C 104 35.39 -10.17 -11.24
CA PRO C 104 35.47 -11.52 -11.81
C PRO C 104 34.43 -11.72 -12.91
N THR C 105 34.82 -12.50 -13.91
CA THR C 105 33.96 -12.82 -15.03
C THR C 105 33.57 -14.29 -15.01
N THR C 106 32.41 -14.59 -15.58
CA THR C 106 31.88 -15.95 -15.60
C THR C 106 31.31 -16.21 -16.99
N SER C 107 30.62 -17.34 -17.13
CA SER C 107 29.97 -17.73 -18.39
C SER C 107 28.48 -17.50 -18.23
N ALA C 108 27.97 -16.42 -18.84
CA ALA C 108 26.56 -16.06 -18.78
C ALA C 108 25.75 -16.69 -19.90
N VAL C 109 26.22 -17.81 -20.47
CA VAL C 109 25.52 -18.43 -21.59
C VAL C 109 24.17 -18.98 -21.16
N HIS C 110 24.01 -19.33 -19.88
CA HIS C 110 22.80 -19.97 -19.41
C HIS C 110 21.72 -19.00 -18.95
N TYR C 111 22.06 -17.72 -18.78
CA TYR C 111 21.01 -16.73 -18.46
C TYR C 111 19.91 -16.69 -19.51
N PRO C 112 20.20 -16.73 -20.81
CA PRO C 112 19.11 -16.85 -21.78
C PRO C 112 18.22 -18.06 -21.53
N LYS C 113 18.79 -19.18 -21.10
CA LYS C 113 17.99 -20.35 -20.79
C LYS C 113 17.14 -20.14 -19.55
N ILE C 114 17.64 -19.39 -18.56
CA ILE C 114 16.86 -19.14 -17.35
C ILE C 114 15.75 -18.15 -17.64
N TYR C 115 16.12 -16.92 -18.02
CA TYR C 115 15.15 -15.86 -18.29
C TYR C 115 14.49 -16.11 -19.64
N LYS C 116 13.73 -17.20 -19.70
CA LYS C 116 13.13 -17.62 -20.97
C LYS C 116 12.11 -16.59 -21.46
N THR C 117 11.30 -16.04 -20.56
CA THR C 117 10.23 -15.15 -20.97
C THR C 117 10.77 -13.91 -21.67
N TYR C 118 11.75 -13.24 -21.05
CA TYR C 118 12.25 -11.99 -21.61
C TYR C 118 12.96 -12.21 -22.93
N PHE C 119 13.78 -13.26 -23.03
CA PHE C 119 14.48 -13.53 -24.28
C PHE C 119 13.50 -13.96 -25.37
N GLU C 120 12.43 -14.67 -25.01
CA GLU C 120 11.40 -14.98 -25.99
C GLU C 120 10.71 -13.71 -26.48
N LYS C 121 10.46 -12.76 -25.58
CA LYS C 121 9.91 -11.47 -26.00
C LYS C 121 10.84 -10.80 -27.00
N VAL C 122 12.13 -10.77 -26.69
CA VAL C 122 13.10 -10.12 -27.57
C VAL C 122 13.13 -10.80 -28.93
N GLU C 123 13.15 -12.13 -28.94
CA GLU C 123 13.17 -12.85 -30.21
C GLU C 123 11.89 -12.60 -31.01
N ARG C 124 10.75 -12.58 -30.34
CA ARG C 124 9.49 -12.33 -31.03
C ARG C 124 9.47 -10.95 -31.66
N LEU C 125 9.97 -9.94 -30.93
CA LEU C 125 9.96 -8.58 -31.48
C LEU C 125 11.00 -8.40 -32.59
N LYS C 126 12.15 -9.05 -32.48
CA LYS C 126 13.22 -8.83 -33.44
C LYS C 126 12.79 -9.23 -34.85
N HIS C 127 11.98 -10.26 -34.96
CA HIS C 127 11.53 -10.77 -36.26
C HIS C 127 10.15 -10.26 -36.64
N GLY C 128 9.60 -9.31 -35.89
CA GLY C 128 8.31 -8.76 -36.24
C GLY C 128 8.36 -7.91 -37.49
N THR C 129 7.20 -7.77 -38.13
CA THR C 129 7.06 -6.99 -39.36
C THR C 129 5.95 -5.98 -39.15
N PHE C 130 6.28 -4.70 -39.27
CA PHE C 130 5.31 -3.63 -39.11
C PHE C 130 4.53 -3.42 -40.40
N GLY C 131 3.51 -2.56 -40.31
CA GLY C 131 2.69 -2.23 -41.45
C GLY C 131 2.25 -0.77 -41.41
N PRO C 132 1.41 -0.37 -42.36
CA PRO C 132 0.95 1.01 -42.39
C PRO C 132 0.11 1.35 -41.17
N VAL C 133 0.16 2.62 -40.78
CA VAL C 133 -0.66 3.13 -39.69
C VAL C 133 -1.96 3.66 -40.26
N HIS C 134 -3.09 3.17 -39.75
CA HIS C 134 -4.41 3.57 -40.21
C HIS C 134 -5.05 4.43 -39.14
N PHE C 135 -5.49 5.64 -39.52
CA PHE C 135 -6.06 6.60 -38.60
C PHE C 135 -7.59 6.51 -38.67
N ARG C 136 -8.20 5.96 -37.62
CA ARG C 136 -9.64 5.91 -37.51
C ARG C 136 -9.99 5.66 -36.04
N ASN C 137 -11.17 6.12 -35.64
CA ASN C 137 -11.58 5.97 -34.25
C ASN C 137 -11.59 4.50 -33.86
N GLN C 138 -10.97 4.19 -32.72
CA GLN C 138 -10.90 2.84 -32.21
C GLN C 138 -11.88 2.68 -31.06
N VAL C 139 -12.75 1.69 -31.16
CA VAL C 139 -13.73 1.40 -30.11
C VAL C 139 -13.06 0.44 -29.13
N LYS C 140 -12.35 1.02 -28.17
CA LYS C 140 -11.68 0.22 -27.14
C LYS C 140 -12.72 -0.29 -26.15
N ILE C 141 -12.88 -1.61 -26.10
CA ILE C 141 -13.80 -2.23 -25.14
C ILE C 141 -12.96 -3.05 -24.17
N ARG C 142 -13.37 -3.03 -22.91
CA ARG C 142 -12.59 -3.63 -21.84
C ARG C 142 -12.92 -5.11 -21.70
N ARG C 143 -11.87 -5.93 -21.66
CA ARG C 143 -12.01 -7.38 -21.67
C ARG C 143 -10.94 -7.99 -20.79
N ARG C 144 -11.22 -9.19 -20.27
CA ARG C 144 -10.26 -9.97 -19.50
C ARG C 144 -9.41 -10.80 -20.46
N VAL C 145 -8.09 -10.62 -20.41
CA VAL C 145 -7.18 -11.30 -21.32
C VAL C 145 -5.96 -11.80 -20.55
N ASP C 146 -5.31 -12.82 -21.10
CA ASP C 146 -4.11 -13.39 -20.50
C ASP C 146 -2.90 -12.65 -21.04
N ILE C 147 -2.04 -12.17 -20.14
CA ILE C 147 -0.89 -11.39 -20.57
C ILE C 147 0.31 -12.30 -20.82
N ASN C 148 0.48 -13.34 -20.01
CA ASN C 148 1.65 -14.20 -20.12
C ASN C 148 1.52 -15.07 -21.37
N PRO C 149 2.43 -14.97 -22.35
CA PRO C 149 2.28 -15.74 -23.58
C PRO C 149 2.92 -17.12 -23.53
N GLY C 150 3.52 -17.51 -22.41
CA GLY C 150 4.16 -18.81 -22.31
C GLY C 150 3.57 -19.69 -21.23
N HIS C 151 2.43 -19.30 -20.67
CA HIS C 151 1.80 -20.09 -19.63
C HIS C 151 1.51 -21.50 -20.15
N ALA C 152 1.89 -22.50 -19.34
CA ALA C 152 1.77 -23.90 -19.72
C ALA C 152 0.43 -24.51 -19.31
N ASP C 153 -0.61 -23.68 -19.14
CA ASP C 153 -1.93 -24.15 -18.73
C ASP C 153 -1.90 -24.67 -17.30
N LEU C 154 -1.20 -23.95 -16.42
CA LEU C 154 -1.10 -24.31 -15.02
C LEU C 154 -1.41 -23.10 -14.16
N SER C 155 -2.02 -23.35 -13.00
CA SER C 155 -2.28 -22.30 -12.02
C SER C 155 -1.06 -22.10 -11.13
N ALA C 156 -1.18 -21.17 -10.19
CA ALA C 156 -0.07 -20.91 -9.27
C ALA C 156 0.28 -22.14 -8.46
N LYS C 157 -0.67 -22.63 -7.66
CA LYS C 157 -0.42 -23.82 -6.86
C LYS C 157 -0.13 -25.03 -7.73
N GLU C 158 -0.83 -25.16 -8.86
CA GLU C 158 -0.67 -26.31 -9.72
C GLU C 158 0.77 -26.43 -10.22
N ALA C 159 1.40 -25.31 -10.57
CA ALA C 159 2.78 -25.32 -11.04
C ALA C 159 3.79 -25.16 -9.91
N GLN C 160 3.35 -24.81 -8.70
CA GLN C 160 4.29 -24.64 -7.61
C GLN C 160 4.95 -25.96 -7.24
N ASP C 161 4.18 -27.04 -7.23
CA ASP C 161 4.76 -28.36 -6.96
C ASP C 161 5.76 -28.75 -8.06
N VAL C 162 5.41 -28.45 -9.31
CA VAL C 162 6.32 -28.72 -10.42
C VAL C 162 7.63 -27.95 -10.21
N ILE C 163 7.51 -26.69 -9.82
CA ILE C 163 8.69 -25.86 -9.63
C ILE C 163 9.56 -26.41 -8.50
N MET C 164 8.95 -26.81 -7.39
CA MET C 164 9.74 -27.38 -6.31
C MET C 164 10.46 -28.64 -6.77
N GLU C 165 9.72 -29.57 -7.39
CA GLU C 165 10.35 -30.80 -7.84
C GLU C 165 11.44 -30.55 -8.87
N VAL C 166 11.34 -29.45 -9.62
CA VAL C 166 12.40 -29.12 -10.58
C VAL C 166 13.62 -28.55 -9.88
N VAL C 167 13.41 -27.71 -8.88
CA VAL C 167 14.50 -27.01 -8.19
C VAL C 167 14.82 -27.68 -6.85
N PHE C 168 13.79 -27.91 -6.02
CA PHE C 168 13.99 -28.51 -4.70
C PHE C 168 13.37 -29.90 -4.68
N PRO C 169 14.02 -30.89 -5.29
CA PRO C 169 13.39 -32.22 -5.40
C PRO C 169 13.15 -32.91 -4.07
N ASN C 170 13.86 -32.53 -3.01
CA ASN C 170 13.76 -33.25 -1.74
C ASN C 170 12.69 -32.71 -0.81
N GLU C 171 12.31 -31.43 -0.96
CA GLU C 171 11.31 -30.83 -0.10
C GLU C 171 9.89 -30.93 -0.67
N VAL C 172 9.70 -31.75 -1.71
CA VAL C 172 8.38 -31.90 -2.31
C VAL C 172 7.39 -32.43 -1.29
N GLY C 173 7.80 -33.38 -0.46
CA GLY C 173 6.91 -33.97 0.53
C GLY C 173 6.02 -35.06 -0.03
N ALA C 174 4.73 -35.01 0.30
CA ALA C 174 3.80 -36.04 -0.16
C ALA C 174 3.61 -35.99 -1.67
N ARG C 175 3.55 -34.79 -2.23
CA ARG C 175 3.11 -34.64 -3.60
C ARG C 175 4.05 -35.36 -4.56
N ILE C 176 3.46 -36.17 -5.44
CA ILE C 176 4.13 -36.69 -6.62
C ILE C 176 3.21 -36.41 -7.81
N LEU C 177 3.70 -35.64 -8.77
CA LEU C 177 2.82 -35.02 -9.75
C LEU C 177 2.20 -36.08 -10.64
N THR C 178 0.88 -36.01 -10.82
CA THR C 178 0.17 -37.03 -11.57
C THR C 178 0.09 -36.68 -13.05
N SER C 179 -0.33 -35.46 -13.38
CA SER C 179 -0.50 -35.07 -14.77
C SER C 179 0.79 -35.25 -15.55
N GLU C 180 0.69 -35.86 -16.73
CA GLU C 180 1.87 -36.15 -17.54
C GLU C 180 2.45 -34.92 -18.19
N SER C 181 1.63 -33.89 -18.44
CA SER C 181 2.18 -32.61 -18.88
C SER C 181 3.20 -32.09 -17.87
N GLN C 182 2.85 -32.17 -16.59
CA GLN C 182 3.79 -31.79 -15.55
C GLN C 182 5.02 -32.68 -15.57
N LEU C 183 4.85 -33.97 -15.88
CA LEU C 183 5.99 -34.87 -15.99
C LEU C 183 6.97 -34.38 -17.05
N THR C 184 6.47 -34.09 -18.25
CA THR C 184 7.36 -33.65 -19.32
C THR C 184 7.99 -32.29 -19.00
N ILE C 185 7.22 -31.38 -18.40
CA ILE C 185 7.78 -30.09 -18.02
C ILE C 185 8.91 -30.27 -17.01
N THR C 186 8.69 -31.13 -16.01
CA THR C 186 9.74 -31.39 -15.03
C THR C 186 10.97 -31.96 -15.72
N LYS C 187 10.80 -32.93 -16.60
CA LYS C 187 11.94 -33.54 -17.28
C LYS C 187 12.72 -32.49 -18.06
N GLU C 188 12.02 -31.68 -18.85
CA GLU C 188 12.68 -30.71 -19.71
C GLU C 188 13.41 -29.66 -18.87
N LYS C 189 12.72 -29.05 -17.91
CA LYS C 189 13.34 -28.00 -17.12
C LYS C 189 14.35 -28.55 -16.10
N LYS C 190 14.36 -29.86 -15.89
CA LYS C 190 15.38 -30.47 -15.05
C LYS C 190 16.66 -30.68 -15.84
N GLU C 191 16.55 -31.30 -17.01
CA GLU C 191 17.74 -31.54 -17.83
C GLU C 191 18.30 -30.24 -18.38
N GLU C 192 17.47 -29.21 -18.55
CA GLU C 192 17.94 -27.96 -19.12
C GLU C 192 18.74 -27.14 -18.10
N LEU C 193 18.28 -27.12 -16.85
CA LEU C 193 18.88 -26.30 -15.81
C LEU C 193 19.63 -27.14 -14.78
N GLN C 194 20.33 -28.18 -15.24
CA GLN C 194 20.86 -29.19 -14.32
C GLN C 194 21.99 -28.63 -13.46
N ASP C 195 22.82 -27.75 -14.03
CA ASP C 195 23.96 -27.18 -13.29
C ASP C 195 23.92 -25.66 -13.21
N CYS C 196 22.81 -25.03 -13.60
CA CYS C 196 22.75 -23.56 -13.53
C CYS C 196 22.89 -23.12 -12.08
N LYS C 197 23.73 -22.10 -11.87
CA LYS C 197 24.12 -21.66 -10.53
C LYS C 197 23.76 -20.20 -10.29
N ILE C 198 22.63 -19.76 -10.83
CA ILE C 198 22.22 -18.36 -10.65
C ILE C 198 21.72 -18.20 -9.22
N SER C 199 20.59 -18.84 -8.92
CA SER C 199 20.09 -18.94 -7.56
C SER C 199 18.86 -19.85 -7.58
N PRO C 200 18.65 -20.70 -6.57
CA PRO C 200 17.41 -21.48 -6.54
C PRO C 200 16.16 -20.61 -6.51
N LEU C 201 16.21 -19.51 -5.76
CA LEU C 201 15.02 -18.68 -5.60
C LEU C 201 14.63 -17.98 -6.90
N MET C 202 15.61 -17.40 -7.60
CA MET C 202 15.29 -16.74 -8.86
C MET C 202 14.86 -17.74 -9.92
N VAL C 203 15.48 -18.91 -9.95
CA VAL C 203 15.06 -19.94 -10.89
C VAL C 203 13.61 -20.33 -10.63
N ALA C 204 13.26 -20.53 -9.36
CA ALA C 204 11.88 -20.88 -9.03
C ALA C 204 10.93 -19.74 -9.41
N TYR C 205 11.32 -18.50 -9.14
CA TYR C 205 10.45 -17.37 -9.46
C TYR C 205 10.19 -17.27 -10.95
N MET C 206 11.24 -17.42 -11.76
CA MET C 206 11.07 -17.31 -13.20
C MET C 206 10.31 -18.51 -13.77
N LEU C 207 10.50 -19.70 -13.21
CA LEU C 207 9.68 -20.84 -13.63
C LEU C 207 8.21 -20.59 -13.30
N GLU C 208 7.94 -20.02 -12.12
CA GLU C 208 6.57 -19.68 -11.76
C GLU C 208 5.99 -18.69 -12.77
N ARG C 209 6.77 -17.65 -13.12
CA ARG C 209 6.28 -16.66 -14.06
C ARG C 209 6.01 -17.29 -15.43
N GLU C 210 6.90 -18.16 -15.89
CA GLU C 210 6.75 -18.73 -17.22
C GLU C 210 5.58 -19.71 -17.30
N LEU C 211 5.48 -20.63 -16.34
CA LEU C 211 4.49 -21.69 -16.45
C LEU C 211 3.11 -21.26 -15.96
N VAL C 212 3.05 -20.45 -14.90
CA VAL C 212 1.76 -20.10 -14.32
C VAL C 212 1.02 -19.14 -15.23
N ARG C 213 -0.27 -19.41 -15.44
CA ARG C 213 -1.12 -18.52 -16.21
C ARG C 213 -1.56 -17.34 -15.35
N LYS C 214 -1.55 -16.15 -15.95
CA LYS C 214 -1.96 -14.94 -15.26
C LYS C 214 -2.83 -14.14 -16.21
N THR C 215 -3.83 -13.46 -15.65
CA THR C 215 -4.87 -12.80 -16.43
C THR C 215 -5.14 -11.43 -15.83
N ARG C 216 -5.43 -10.46 -16.70
CA ARG C 216 -5.74 -9.11 -16.25
C ARG C 216 -6.76 -8.49 -17.20
N PHE C 217 -7.45 -7.48 -16.69
CA PHE C 217 -8.52 -6.83 -17.42
C PHE C 217 -7.95 -5.57 -18.07
N LEU C 218 -8.13 -5.44 -19.39
CA LEU C 218 -7.50 -4.37 -20.14
C LEU C 218 -8.44 -3.86 -21.22
N PRO C 219 -8.31 -2.60 -21.63
CA PRO C 219 -9.08 -2.09 -22.78
C PRO C 219 -8.42 -2.48 -24.08
N VAL C 220 -9.09 -3.34 -24.86
CA VAL C 220 -8.53 -3.88 -26.09
C VAL C 220 -9.47 -3.53 -27.24
N ALA C 221 -8.90 -3.54 -28.45
CA ALA C 221 -9.66 -3.39 -29.69
C ALA C 221 -9.01 -4.30 -30.72
N GLY C 222 -9.63 -5.43 -30.99
CA GLY C 222 -9.02 -6.44 -31.84
C GLY C 222 -8.03 -7.28 -31.06
N GLY C 223 -7.10 -7.90 -31.79
CA GLY C 223 -6.08 -8.71 -31.17
C GLY C 223 -6.65 -9.84 -30.34
N THR C 224 -6.57 -9.71 -29.02
CA THR C 224 -7.06 -10.65 -28.02
C THR C 224 -6.13 -11.85 -27.86
N SER C 225 -5.10 -11.99 -28.69
CA SER C 225 -4.15 -13.08 -28.55
C SER C 225 -3.06 -12.73 -27.55
N SER C 226 -2.47 -13.76 -26.95
CA SER C 226 -1.45 -13.54 -25.94
C SER C 226 -0.26 -12.79 -26.51
N VAL C 227 0.20 -13.19 -27.70
CA VAL C 227 1.33 -12.52 -28.32
C VAL C 227 0.97 -11.11 -28.76
N TYR C 228 -0.29 -10.85 -29.09
CA TYR C 228 -0.73 -9.53 -29.53
C TYR C 228 -1.08 -8.60 -28.39
N ILE C 229 -1.10 -9.10 -27.15
CA ILE C 229 -1.44 -8.25 -26.01
C ILE C 229 -0.20 -7.64 -25.38
N GLU C 230 0.96 -8.33 -25.45
CA GLU C 230 2.18 -7.75 -24.90
C GLU C 230 2.59 -6.49 -25.64
N VAL C 231 2.25 -6.38 -26.92
CA VAL C 231 2.53 -5.19 -27.71
C VAL C 231 1.28 -4.34 -27.89
N LEU C 232 0.29 -4.49 -27.00
CA LEU C 232 -0.93 -3.72 -27.10
C LEU C 232 -0.67 -2.22 -27.06
N HIS C 233 0.41 -1.79 -26.42
CA HIS C 233 0.76 -0.37 -26.39
C HIS C 233 1.23 0.13 -27.75
N LEU C 234 1.76 -0.74 -28.59
CA LEU C 234 2.34 -0.35 -29.87
C LEU C 234 1.38 -0.53 -31.04
N THR C 235 0.39 -1.40 -30.93
CA THR C 235 -0.51 -1.69 -32.04
C THR C 235 -1.82 -0.93 -31.98
N GLN C 236 -2.29 -0.55 -30.78
CA GLN C 236 -3.58 0.10 -30.62
C GLN C 236 -3.40 1.42 -29.90
N GLY C 237 -4.10 2.45 -30.38
CA GLY C 237 -4.06 3.76 -29.76
C GLY C 237 -5.43 4.41 -29.69
N THR C 238 -5.46 5.72 -29.44
CA THR C 238 -6.74 6.42 -29.33
C THR C 238 -7.39 6.62 -30.69
N CYS C 239 -6.58 6.96 -31.71
CA CYS C 239 -7.12 7.24 -33.04
C CYS C 239 -6.26 6.62 -34.14
N TRP C 240 -5.40 5.66 -33.81
CA TRP C 240 -4.50 5.07 -34.80
C TRP C 240 -4.33 3.59 -34.49
N GLU C 241 -4.23 2.80 -35.55
CA GLU C 241 -3.96 1.38 -35.46
C GLU C 241 -2.71 1.04 -36.26
N GLN C 242 -1.79 0.30 -35.65
CA GLN C 242 -0.53 -0.09 -36.26
C GLN C 242 -0.52 -1.59 -36.44
N MET C 243 -0.71 -2.05 -37.67
CA MET C 243 -0.69 -3.47 -37.95
C MET C 243 0.67 -4.06 -37.62
N TYR C 244 0.67 -5.18 -36.91
CA TYR C 244 1.90 -5.80 -36.44
C TYR C 244 1.72 -7.32 -36.43
N THR C 245 2.80 -8.03 -36.71
CA THR C 245 2.81 -9.50 -36.72
C THR C 245 4.08 -9.96 -36.03
N PRO C 246 3.99 -10.41 -34.77
CA PRO C 246 5.20 -10.86 -34.06
C PRO C 246 5.98 -11.92 -34.82
N GLY C 247 7.24 -12.13 -34.42
CA GLY C 247 8.09 -13.07 -35.14
C GLY C 247 7.60 -14.50 -35.03
N GLY C 248 6.86 -14.83 -33.99
CA GLY C 248 6.39 -16.20 -33.82
C GLY C 248 5.52 -16.65 -34.98
N GLU C 249 4.64 -15.79 -35.45
CA GLU C 249 3.74 -16.12 -36.56
C GLU C 249 4.41 -15.82 -37.89
N GLN F 1 -52.72 -13.94 34.83
CA GLN F 1 -51.54 -13.19 35.37
C GLN F 1 -51.34 -11.76 34.86
N VAL F 2 -51.70 -11.42 33.60
CA VAL F 2 -51.58 -10.06 33.09
C VAL F 2 -52.99 -9.48 33.03
N GLN F 3 -53.30 -8.56 33.95
CA GLN F 3 -54.50 -7.75 33.98
C GLN F 3 -54.13 -6.47 33.27
N LEU F 4 -55.11 -5.83 32.61
CA LEU F 4 -54.87 -4.66 31.80
C LEU F 4 -56.04 -3.73 32.04
N GLN F 5 -55.76 -2.43 32.18
CA GLN F 5 -56.78 -1.40 32.30
C GLN F 5 -56.45 -0.29 31.33
N GLU F 6 -57.41 0.03 30.43
CA GLU F 6 -57.32 1.16 29.55
C GLU F 6 -57.85 2.46 30.14
N SER F 7 -57.20 3.58 29.76
CA SER F 7 -57.59 4.93 30.14
C SER F 7 -57.52 5.83 28.92
N GLY F 8 -58.15 7.02 28.98
CA GLY F 8 -57.95 8.06 27.98
C GLY F 8 -58.97 8.15 26.87
N GLY F 9 -60.00 7.29 26.86
CA GLY F 9 -61.11 7.42 25.90
C GLY F 9 -62.08 8.54 26.21
N GLY F 10 -63.02 8.79 25.29
CA GLY F 10 -64.12 9.70 25.56
C GLY F 10 -64.73 10.26 24.32
N LEU F 11 -65.54 11.32 24.47
CA LEU F 11 -66.14 12.04 23.37
C LEU F 11 -65.20 13.12 22.88
N VAL F 12 -64.91 13.14 21.57
CA VAL F 12 -64.05 14.13 20.98
C VAL F 12 -64.66 14.61 19.70
N GLN F 13 -64.21 15.81 19.30
CA GLN F 13 -64.50 16.44 18.04
C GLN F 13 -63.80 15.71 16.89
N ALA F 14 -64.31 15.82 15.66
CA ALA F 14 -63.57 15.41 14.48
C ALA F 14 -62.36 16.31 14.22
N GLY F 15 -61.20 15.72 13.88
CA GLY F 15 -59.92 16.42 13.73
C GLY F 15 -59.16 16.63 15.03
N GLU F 16 -59.74 16.22 16.18
CA GLU F 16 -59.13 16.29 17.51
C GLU F 16 -58.20 15.13 17.77
N SER F 17 -57.68 15.12 19.01
CA SER F 17 -56.63 14.23 19.43
C SER F 17 -56.99 13.56 20.72
N LEU F 18 -56.31 12.43 21.00
CA LEU F 18 -56.68 11.59 22.11
C LEU F 18 -55.54 10.66 22.44
N ARG F 19 -55.16 10.54 23.73
CA ARG F 19 -54.08 9.67 24.10
C ARG F 19 -54.64 8.58 24.97
N LEU F 20 -54.78 7.38 24.40
CA LEU F 20 -55.15 6.19 25.12
C LEU F 20 -53.92 5.66 25.84
N SER F 21 -54.11 5.05 27.01
CA SER F 21 -53.03 4.47 27.77
C SER F 21 -53.55 3.18 28.33
N CYS F 22 -52.70 2.16 28.43
CA CYS F 22 -53.08 0.89 28.97
C CYS F 22 -52.05 0.51 29.99
N ALA F 23 -52.46 0.44 31.27
CA ALA F 23 -51.63 0.00 32.36
C ALA F 23 -51.79 -1.49 32.47
N TYR F 32 -42.78 -8.60 26.89
CA TYR F 32 -44.00 -8.93 26.17
C TYR F 32 -44.27 -7.85 25.15
N GLY F 33 -44.68 -8.25 23.94
CA GLY F 33 -45.18 -7.37 22.90
C GLY F 33 -46.63 -7.09 23.18
N MET F 34 -47.09 -5.95 22.68
CA MET F 34 -48.40 -5.46 23.04
C MET F 34 -49.09 -4.91 21.80
N GLY F 35 -50.44 -4.87 21.83
CA GLY F 35 -51.23 -4.40 20.72
C GLY F 35 -52.37 -3.56 21.18
N TRP F 36 -52.83 -2.67 20.29
CA TRP F 36 -54.05 -1.93 20.42
C TRP F 36 -54.96 -2.43 19.32
N PHE F 37 -56.21 -2.74 19.68
CA PHE F 37 -57.22 -3.27 18.81
C PHE F 37 -58.49 -2.50 19.05
N ARG F 38 -59.41 -2.44 18.07
CA ARG F 38 -60.64 -1.71 18.28
C ARG F 38 -61.85 -2.51 17.85
N GLN F 39 -63.02 -2.22 18.46
CA GLN F 39 -64.27 -2.87 18.12
C GLN F 39 -65.36 -1.82 17.97
N ALA F 40 -65.80 -1.62 16.71
CA ALA F 40 -66.98 -0.82 16.43
C ALA F 40 -68.26 -1.57 16.84
N PRO F 41 -69.38 -0.91 17.15
CA PRO F 41 -70.64 -1.55 17.56
C PRO F 41 -71.16 -2.65 16.65
N GLY F 42 -71.05 -2.48 15.33
CA GLY F 42 -71.54 -3.42 14.33
C GLY F 42 -70.52 -4.41 13.83
N LYS F 43 -69.45 -4.75 14.58
CA LYS F 43 -68.41 -5.60 14.01
C LYS F 43 -67.60 -6.35 15.06
N GLU F 44 -66.66 -7.21 14.59
CA GLU F 44 -65.69 -7.90 15.43
C GLU F 44 -64.45 -7.04 15.63
N ARG F 45 -63.30 -7.63 15.97
CA ARG F 45 -62.15 -6.80 16.27
C ARG F 45 -61.40 -6.36 15.01
N GLU F 46 -60.74 -5.20 15.10
CA GLU F 46 -59.95 -4.61 14.05
C GLU F 46 -58.59 -4.29 14.63
N PHE F 47 -57.50 -4.71 13.96
CA PHE F 47 -56.12 -4.32 14.29
C PHE F 47 -55.92 -2.80 14.14
N VAL F 48 -55.32 -2.15 15.17
CA VAL F 48 -54.95 -0.76 15.12
C VAL F 48 -53.46 -0.64 15.05
N ALA F 49 -52.76 -1.11 16.10
CA ALA F 49 -51.33 -0.91 16.22
C ALA F 49 -50.71 -1.98 17.10
N SER F 50 -49.40 -2.24 16.93
CA SER F 50 -48.67 -3.23 17.72
C SER F 50 -47.28 -2.74 17.89
N ILE F 51 -46.62 -3.27 18.92
CA ILE F 51 -45.30 -2.84 19.30
C ILE F 51 -44.52 -4.00 19.90
N ALA F 60 -48.84 -0.24 12.19
CA ALA F 60 -50.19 0.30 12.24
C ALA F 60 -50.95 -0.14 11.00
N MET F 61 -52.30 -0.27 11.10
CA MET F 61 -53.20 -0.58 9.99
C MET F 61 -53.30 0.56 8.97
N ASP F 62 -53.72 0.30 7.70
CA ASP F 62 -53.90 1.30 6.65
C ASP F 62 -54.86 2.44 7.06
N PHE F 63 -55.98 2.10 7.73
CA PHE F 63 -57.02 3.08 8.08
C PHE F 63 -56.59 4.09 9.16
N VAL F 64 -55.52 3.79 9.93
CA VAL F 64 -55.02 4.63 11.00
C VAL F 64 -53.57 5.08 10.84
N LYS F 65 -52.81 4.63 9.82
CA LYS F 65 -51.43 5.04 9.67
C LYS F 65 -51.20 6.55 9.46
N GLY F 66 -50.15 7.10 10.10
CA GLY F 66 -49.82 8.52 10.06
C GLY F 66 -50.59 9.33 11.05
N ARG F 67 -51.86 9.00 11.28
CA ARG F 67 -52.66 9.65 12.28
C ARG F 67 -52.22 9.27 13.70
N PHE F 68 -51.92 7.95 13.89
CA PHE F 68 -51.88 7.30 15.20
C PHE F 68 -50.48 6.78 15.49
N THR F 69 -50.06 6.85 16.77
CA THR F 69 -48.70 6.46 17.18
C THR F 69 -48.78 5.64 18.43
N ILE F 70 -48.11 4.47 18.44
CA ILE F 70 -48.05 3.57 19.57
C ILE F 70 -46.67 3.65 20.23
N SER F 71 -46.61 3.66 21.59
CA SER F 71 -45.37 3.89 22.34
C SER F 71 -45.51 3.32 23.74
N ARG F 72 -44.40 2.77 24.32
CA ARG F 72 -44.53 2.12 25.60
C ARG F 72 -43.46 2.63 26.50
N ASP F 73 -43.79 2.59 27.80
CA ASP F 73 -42.85 2.86 28.85
C ASP F 73 -42.82 1.55 29.60
N ASN F 74 -41.70 0.81 29.48
CA ASN F 74 -41.53 -0.46 30.15
C ASN F 74 -41.22 -0.30 31.63
N SER F 75 -40.76 0.89 32.06
CA SER F 75 -40.52 1.23 33.46
C SER F 75 -41.82 1.56 34.17
N LYS F 76 -42.81 2.13 33.46
CA LYS F 76 -44.10 2.48 34.03
C LYS F 76 -45.12 1.36 33.87
N ASN F 77 -44.72 0.37 33.07
CA ASN F 77 -45.49 -0.77 32.59
C ASN F 77 -46.77 -0.43 31.84
N THR F 78 -46.65 0.46 30.83
CA THR F 78 -47.80 1.09 30.18
C THR F 78 -47.55 1.16 28.70
N LEU F 79 -48.61 0.93 27.89
CA LEU F 79 -48.57 1.17 26.48
C LEU F 79 -49.56 2.27 26.12
N TYR F 80 -49.14 3.22 25.28
CA TYR F 80 -49.89 4.40 24.92
C TYR F 80 -50.24 4.33 23.44
N LEU F 81 -51.38 4.93 23.07
CA LEU F 81 -51.78 5.09 21.69
C LEU F 81 -52.20 6.53 21.50
N GLN F 82 -51.35 7.33 20.84
CA GLN F 82 -51.59 8.73 20.59
C GLN F 82 -52.33 8.88 19.28
N LEU F 83 -53.63 9.13 19.36
CA LEU F 83 -54.50 9.33 18.24
C LEU F 83 -54.59 10.82 17.92
N ASN F 84 -54.46 11.22 16.64
CA ASN F 84 -54.58 12.61 16.24
C ASN F 84 -55.44 12.63 15.00
N THR F 85 -55.96 13.82 14.62
CA THR F 85 -56.76 14.09 13.42
C THR F 85 -57.87 13.09 13.24
N LEU F 86 -58.61 12.86 14.35
CA LEU F 86 -59.61 11.82 14.44
C LEU F 86 -60.77 11.98 13.48
N LYS F 87 -61.37 10.84 13.10
CA LYS F 87 -62.49 10.83 12.19
C LYS F 87 -63.66 10.19 12.89
N PRO F 88 -64.91 10.42 12.48
CA PRO F 88 -66.08 9.71 12.99
C PRO F 88 -65.99 8.18 12.86
N GLU F 89 -65.13 7.66 11.96
CA GLU F 89 -64.92 6.25 11.69
C GLU F 89 -63.91 5.62 12.65
N ASP F 90 -63.30 6.41 13.57
CA ASP F 90 -62.51 5.85 14.65
C ASP F 90 -63.39 5.37 15.79
N THR F 91 -64.69 5.78 15.83
CA THR F 91 -65.62 5.49 16.93
C THR F 91 -65.79 4.02 17.27
N ALA F 92 -65.16 3.60 18.39
CA ALA F 92 -65.06 2.21 18.73
C ALA F 92 -64.66 2.08 20.19
N VAL F 93 -64.81 0.87 20.75
CA VAL F 93 -64.16 0.51 21.99
C VAL F 93 -62.74 0.11 21.64
N TYR F 94 -61.73 0.79 22.22
CA TYR F 94 -60.34 0.47 21.97
C TYR F 94 -59.83 -0.39 23.11
N TYR F 95 -59.42 -1.62 22.76
CA TYR F 95 -58.96 -2.65 23.66
C TYR F 95 -57.46 -2.74 23.53
N CYS F 96 -56.82 -3.02 24.66
CA CYS F 96 -55.40 -3.24 24.76
C CYS F 96 -55.19 -4.73 24.93
N ALA F 97 -54.10 -5.27 24.37
CA ALA F 97 -53.86 -6.68 24.42
C ALA F 97 -52.38 -6.99 24.57
N ALA F 98 -52.08 -8.07 25.33
CA ALA F 98 -50.74 -8.58 25.58
C ALA F 98 -50.65 -10.04 25.12
N ALA F 99 -49.53 -10.37 24.44
CA ALA F 99 -49.23 -11.67 23.88
C ALA F 99 -47.90 -12.08 24.43
N LYS F 112 -53.23 -13.17 24.23
CA LYS F 112 -53.94 -13.98 25.21
C LYS F 112 -54.56 -13.15 26.30
N TYR F 113 -54.01 -11.96 26.59
CA TYR F 113 -54.52 -11.14 27.67
C TYR F 113 -55.13 -9.93 27.04
N TRP F 114 -56.37 -9.60 27.39
CA TRP F 114 -57.12 -8.56 26.72
C TRP F 114 -57.68 -7.69 27.79
N GLY F 115 -57.58 -6.36 27.62
CA GLY F 115 -58.29 -5.40 28.42
C GLY F 115 -59.78 -5.44 28.21
N GLN F 116 -60.53 -4.67 29.00
CA GLN F 116 -61.98 -4.58 28.90
C GLN F 116 -62.37 -3.55 27.84
N GLY F 117 -61.43 -2.65 27.51
CA GLY F 117 -61.61 -1.66 26.49
C GLY F 117 -62.06 -0.33 27.00
N THR F 118 -61.66 0.73 26.28
CA THR F 118 -62.08 2.08 26.61
C THR F 118 -62.82 2.68 25.42
N GLN F 119 -64.02 3.22 25.68
CA GLN F 119 -64.87 3.83 24.67
C GLN F 119 -64.29 5.12 24.10
N VAL F 120 -64.19 5.23 22.77
CA VAL F 120 -63.79 6.45 22.09
C VAL F 120 -64.87 6.77 21.12
N THR F 121 -65.38 8.01 21.13
CA THR F 121 -66.47 8.36 20.24
C THR F 121 -66.15 9.67 19.58
N VAL F 122 -66.08 9.69 18.24
CA VAL F 122 -65.61 10.82 17.48
C VAL F 122 -66.76 11.30 16.61
#